data_8D63
#
_entry.id   8D63
#
_cell.length_a   1.00
_cell.length_b   1.00
_cell.length_c   1.00
_cell.angle_alpha   90.00
_cell.angle_beta   90.00
_cell.angle_gamma   90.00
#
_symmetry.space_group_name_H-M   'P 1'
#
loop_
_entity.id
_entity.type
_entity.pdbx_description
1 polymer 'Erwinia ligand-gated ion channel'
2 non-polymer 1-palmitoyl-2-oleoyl-sn-glycero-3-phosphocholine
#
_entity_poly.entity_id   1
_entity_poly.type   'polypeptide(L)'
_entity_poly.pdbx_seq_one_letter_code
;APADNAADARPVDVSVSIFINKIYGVNTLEQTYKVDGYIVAQWTGKPRKTPGDKPLIVENTQIERWINNGLWVPALEFIN
VVGSPDTGNKRLMLFPDGRVIYNARFLGSFSNDMDFRLFPFDRQQFVLELEPFSYNNQQLRFSDIQVYTENIDNEEIDEW
WIRGKASTHISDIRYDHLSSVQPNQNEFSRITVRIDAVRNPSYYLWSFILPLGLIIAASWSVFWLESFSERLQTSFTLML
TVVAYAFYTSNILPRLPYTTVIDQMIIAGYGSIFAAILLIIFAHHRQANGVEDDLLIQRCRLAFPLGFLAIGCVLVIRGI
TL
;
_entity_poly.pdbx_strand_id   A,B,C,D,E
#
# COMPACT_ATOMS: atom_id res chain seq x y z
N PRO A 11 19.45 -42.01 16.39
CA PRO A 11 19.07 -40.65 16.00
C PRO A 11 20.26 -39.81 15.58
N VAL A 12 20.07 -38.95 14.60
CA VAL A 12 21.14 -38.08 14.10
C VAL A 12 21.16 -36.81 14.91
N ASP A 13 22.33 -36.43 15.40
CA ASP A 13 22.50 -35.24 16.22
C ASP A 13 22.85 -34.07 15.31
N VAL A 14 21.97 -33.07 15.27
CA VAL A 14 22.12 -31.91 14.40
C VAL A 14 22.41 -30.69 15.27
N SER A 15 23.48 -29.97 14.96
CA SER A 15 23.88 -28.78 15.69
C SER A 15 23.52 -27.56 14.86
N VAL A 16 22.69 -26.69 15.39
CA VAL A 16 22.21 -25.53 14.65
C VAL A 16 22.91 -24.29 15.15
N SER A 17 23.17 -23.34 14.25
CA SER A 17 23.63 -22.01 14.63
C SER A 17 22.83 -21.01 13.83
N ILE A 18 22.25 -20.03 14.50
CA ILE A 18 21.42 -19.02 13.85
C ILE A 18 22.12 -17.67 13.99
N PHE A 19 22.32 -16.99 12.88
CA PHE A 19 22.89 -15.65 12.85
C PHE A 19 21.74 -14.70 12.52
N ILE A 20 21.50 -13.72 13.39
CA ILE A 20 20.46 -12.73 13.15
C ILE A 20 21.12 -11.49 12.58
N ASN A 21 20.71 -11.08 11.39
CA ASN A 21 21.30 -9.90 10.77
C ASN A 21 20.54 -8.64 11.12
N LYS A 22 19.23 -8.65 10.96
CA LYS A 22 18.40 -7.52 11.34
C LYS A 22 16.98 -7.98 11.61
N ILE A 23 16.34 -7.30 12.56
CA ILE A 23 14.92 -7.51 12.87
C ILE A 23 14.21 -6.18 12.64
N TYR A 24 13.18 -6.20 11.82
CA TYR A 24 12.57 -4.96 11.37
C TYR A 24 11.13 -5.25 10.95
N GLY A 25 10.44 -4.23 10.49
CA GLY A 25 9.14 -4.40 9.86
C GLY A 25 8.04 -4.95 10.74
N VAL A 26 7.97 -4.50 11.99
CA VAL A 26 6.99 -5.02 12.94
C VAL A 26 5.61 -4.53 12.52
N ASN A 27 4.68 -5.47 12.35
CA ASN A 27 3.33 -5.18 11.91
C ASN A 27 2.38 -5.52 13.06
N THR A 28 1.79 -4.50 13.66
CA THR A 28 1.03 -4.69 14.89
C THR A 28 -0.33 -5.33 14.66
N LEU A 29 -0.97 -5.05 13.54
CA LEU A 29 -2.29 -5.61 13.28
C LEU A 29 -2.26 -7.11 13.09
N GLU A 30 -1.32 -7.59 12.29
CA GLU A 30 -1.18 -9.01 12.02
C GLU A 30 -0.25 -9.71 12.99
N GLN A 31 0.36 -8.95 13.89
CA GLN A 31 1.31 -9.45 14.88
C GLN A 31 2.50 -10.19 14.30
N THR A 32 3.12 -9.61 13.28
CA THR A 32 4.28 -10.20 12.63
C THR A 32 5.49 -9.29 12.73
N TYR A 33 6.64 -9.83 12.34
CA TYR A 33 7.89 -9.10 12.21
C TYR A 33 8.75 -9.86 11.22
N LYS A 34 9.78 -9.20 10.71
CA LYS A 34 10.64 -9.80 9.70
C LYS A 34 12.05 -9.97 10.25
N VAL A 35 12.57 -11.19 10.16
CA VAL A 35 13.92 -11.51 10.59
C VAL A 35 14.72 -11.92 9.36
N ASP A 36 15.93 -11.41 9.25
CA ASP A 36 16.84 -11.74 8.15
C ASP A 36 18.11 -12.30 8.76
N GLY A 37 18.66 -13.35 8.17
CA GLY A 37 19.87 -13.92 8.70
C GLY A 37 20.22 -15.23 8.04
N TYR A 38 21.08 -15.99 8.71
CA TYR A 38 21.57 -17.27 8.22
C TYR A 38 21.16 -18.38 9.17
N ILE A 39 21.27 -19.62 8.68
CA ILE A 39 21.08 -20.80 9.50
C ILE A 39 22.12 -21.84 9.08
N VAL A 40 22.79 -22.44 10.05
CA VAL A 40 23.88 -23.38 9.80
C VAL A 40 23.60 -24.65 10.59
N ALA A 41 23.16 -25.69 9.90
CA ALA A 41 22.98 -27.00 10.52
C ALA A 41 24.17 -27.89 10.20
N GLN A 42 24.50 -28.77 11.14
CA GLN A 42 25.69 -29.59 11.02
C GLN A 42 25.47 -30.94 11.66
N TRP A 43 25.61 -32.01 10.87
CA TRP A 43 25.46 -33.36 11.37
C TRP A 43 26.58 -34.23 10.79
N THR A 44 26.60 -35.49 11.18
CA THR A 44 27.64 -36.43 10.77
C THR A 44 26.99 -37.63 10.13
N GLY A 45 27.40 -37.96 8.91
CA GLY A 45 26.87 -39.12 8.22
C GLY A 45 27.92 -40.19 7.95
N LYS A 46 27.88 -40.78 6.75
CA LYS A 46 28.81 -41.80 6.31
C LYS A 46 30.06 -41.15 5.74
N PRO A 47 31.22 -41.79 5.89
CA PRO A 47 32.43 -41.28 5.24
C PRO A 47 32.34 -41.41 3.73
N ARG A 48 33.06 -40.52 3.05
CA ARG A 48 33.01 -40.48 1.60
C ARG A 48 34.36 -40.05 1.05
N LYS A 49 34.55 -40.27 -0.24
CA LYS A 49 35.79 -39.90 -0.93
C LYS A 49 35.49 -38.70 -1.82
N THR A 50 36.03 -37.55 -1.45
CA THR A 50 35.89 -36.30 -2.18
C THR A 50 37.08 -36.11 -3.11
N PRO A 51 36.98 -35.19 -4.09
CA PRO A 51 38.16 -34.82 -4.89
C PRO A 51 39.32 -34.31 -4.05
N GLY A 52 40.41 -35.06 -4.03
CA GLY A 52 41.49 -34.75 -3.11
C GLY A 52 41.13 -35.16 -1.70
N ASP A 53 41.61 -34.38 -0.74
CA ASP A 53 41.20 -34.54 0.66
C ASP A 53 40.43 -33.34 1.17
N LYS A 54 40.45 -32.23 0.45
CA LYS A 54 39.75 -31.03 0.88
C LYS A 54 38.23 -31.25 0.82
N PRO A 55 37.47 -30.56 1.67
CA PRO A 55 36.02 -30.70 1.61
C PRO A 55 35.43 -30.15 0.32
N LEU A 56 34.32 -30.74 -0.10
CA LEU A 56 33.64 -30.37 -1.35
C LEU A 56 32.48 -29.42 -1.11
N ILE A 57 32.30 -28.45 -1.98
CA ILE A 57 31.23 -27.46 -1.84
C ILE A 57 30.18 -27.54 -2.95
N VAL A 58 28.91 -27.59 -2.56
CA VAL A 58 27.80 -27.67 -3.50
C VAL A 58 26.96 -26.40 -3.42
N GLU A 59 26.71 -25.74 -4.54
CA GLU A 59 25.96 -24.50 -4.50
C GLU A 59 24.44 -24.61 -4.50
N ASN A 60 23.79 -23.55 -4.95
CA ASN A 60 22.33 -23.46 -4.92
C ASN A 60 21.50 -24.44 -5.73
N THR A 61 21.86 -24.68 -6.98
CA THR A 61 21.06 -25.58 -7.81
C THR A 61 21.60 -26.98 -7.77
N GLN A 62 22.91 -27.08 -7.56
CA GLN A 62 23.56 -28.36 -7.45
C GLN A 62 23.11 -29.23 -6.28
N ILE A 63 22.59 -28.64 -5.23
CA ILE A 63 22.15 -29.43 -4.10
C ILE A 63 21.04 -30.39 -4.49
N GLU A 64 20.10 -29.93 -5.31
CA GLU A 64 19.01 -30.81 -5.75
C GLU A 64 19.55 -31.99 -6.54
N ARG A 65 20.67 -31.82 -7.23
CA ARG A 65 21.27 -32.93 -7.94
C ARG A 65 21.84 -33.98 -7.00
N TRP A 66 22.41 -33.56 -5.88
CA TRP A 66 22.96 -34.49 -4.91
C TRP A 66 21.88 -35.21 -4.10
N ILE A 67 20.76 -34.53 -3.83
CA ILE A 67 19.66 -35.17 -3.10
C ILE A 67 19.00 -36.25 -3.94
N ASN A 68 18.87 -36.03 -5.26
CA ASN A 68 18.30 -37.06 -6.14
C ASN A 68 19.15 -38.32 -6.17
N ASN A 69 20.45 -38.21 -5.96
CA ASN A 69 21.34 -39.36 -5.96
C ASN A 69 21.39 -40.06 -4.60
N GLY A 70 20.67 -39.54 -3.61
CA GLY A 70 20.52 -40.23 -2.34
C GLY A 70 21.15 -39.57 -1.14
N LEU A 71 21.58 -38.32 -1.25
CA LEU A 71 22.12 -37.62 -0.09
C LEU A 71 20.99 -37.25 0.87
N TRP A 72 21.25 -37.41 2.15
CA TRP A 72 20.26 -37.14 3.19
C TRP A 72 20.45 -35.72 3.69
N VAL A 73 19.53 -34.83 3.31
CA VAL A 73 19.50 -33.46 3.80
C VAL A 73 18.12 -33.24 4.40
N PRO A 74 18.00 -33.06 5.71
CA PRO A 74 16.68 -32.85 6.30
C PRO A 74 16.14 -31.47 6.01
N ALA A 75 14.82 -31.36 6.02
CA ALA A 75 14.12 -30.11 5.81
C ALA A 75 13.78 -29.53 7.18
N LEU A 76 14.46 -28.46 7.54
CA LEU A 76 14.22 -27.78 8.80
C LEU A 76 13.18 -26.69 8.59
N GLU A 77 12.11 -26.73 9.39
CA GLU A 77 10.98 -25.84 9.24
C GLU A 77 10.97 -24.80 10.34
N PHE A 78 10.63 -23.57 9.98
CA PHE A 78 10.31 -22.56 10.98
C PHE A 78 8.82 -22.68 11.31
N ILE A 79 8.52 -22.93 12.58
CA ILE A 79 7.15 -23.23 12.97
C ILE A 79 6.27 -21.99 12.88
N ASN A 80 6.78 -20.84 13.30
CA ASN A 80 5.98 -19.64 13.37
C ASN A 80 6.18 -18.70 12.19
N VAL A 81 6.82 -19.16 11.12
CA VAL A 81 6.91 -18.34 9.93
C VAL A 81 5.55 -18.27 9.26
N VAL A 82 5.29 -17.14 8.60
CA VAL A 82 4.05 -16.92 7.87
C VAL A 82 4.36 -17.06 6.40
N GLY A 83 3.82 -18.08 5.77
CA GLY A 83 4.13 -18.35 4.38
C GLY A 83 5.30 -19.27 4.20
N SER A 84 6.34 -18.79 3.52
CA SER A 84 7.55 -19.53 3.29
C SER A 84 8.69 -18.53 3.22
N PRO A 85 9.83 -18.84 3.84
CA PRO A 85 10.95 -17.89 3.83
C PRO A 85 11.51 -17.70 2.44
N ASP A 86 12.05 -16.51 2.20
CA ASP A 86 12.67 -16.19 0.92
C ASP A 86 14.11 -16.64 1.03
N THR A 87 14.35 -17.90 0.68
CA THR A 87 15.68 -18.47 0.78
C THR A 87 16.57 -17.93 -0.33
N GLY A 88 17.68 -17.30 0.05
CA GLY A 88 18.62 -16.80 -0.92
C GLY A 88 19.62 -17.85 -1.32
N ASN A 89 20.90 -17.57 -1.13
CA ASN A 89 21.92 -18.57 -1.39
C ASN A 89 21.87 -19.67 -0.34
N LYS A 90 22.21 -20.88 -0.76
CA LYS A 90 22.33 -21.99 0.17
C LYS A 90 23.44 -22.90 -0.33
N ARG A 91 24.05 -23.64 0.59
CA ARG A 91 25.14 -24.50 0.18
C ARG A 91 25.28 -25.67 1.13
N LEU A 92 25.99 -26.69 0.65
CA LEU A 92 26.38 -27.86 1.42
C LEU A 92 27.89 -27.98 1.37
N MET A 93 28.50 -28.27 2.51
CA MET A 93 29.93 -28.55 2.55
C MET A 93 30.12 -29.97 3.06
N LEU A 94 30.61 -30.85 2.20
CA LEU A 94 30.74 -32.27 2.50
C LEU A 94 32.20 -32.58 2.82
N PHE A 95 32.42 -33.18 3.97
CA PHE A 95 33.77 -33.52 4.39
C PHE A 95 34.04 -35.00 4.14
N PRO A 96 35.30 -35.37 3.85
CA PRO A 96 35.62 -36.80 3.73
C PRO A 96 35.47 -37.57 5.02
N ASP A 97 35.50 -36.88 6.16
CA ASP A 97 35.27 -37.51 7.46
C ASP A 97 33.84 -38.06 7.53
N GLY A 98 32.90 -37.36 6.92
CA GLY A 98 31.51 -37.75 6.97
C GLY A 98 30.65 -36.66 7.55
N ARG A 99 31.30 -35.55 7.89
CA ARG A 99 30.63 -34.39 8.47
C ARG A 99 30.02 -33.54 7.37
N VAL A 100 28.76 -33.16 7.54
CA VAL A 100 28.01 -32.39 6.56
C VAL A 100 27.56 -31.08 7.19
N ILE A 101 27.75 -29.98 6.49
CA ILE A 101 27.37 -28.66 6.97
C ILE A 101 26.45 -28.02 5.94
N TYR A 102 25.25 -27.64 6.37
CA TYR A 102 24.26 -27.03 5.48
C TYR A 102 24.06 -25.58 5.93
N ASN A 103 24.46 -24.64 5.09
CA ASN A 103 24.35 -23.22 5.39
C ASN A 103 23.40 -22.59 4.39
N ALA A 104 22.43 -21.83 4.88
CA ALA A 104 21.42 -21.20 4.04
C ALA A 104 21.07 -19.84 4.62
N ARG A 105 20.58 -18.96 3.75
CA ARG A 105 20.18 -17.62 4.14
C ARG A 105 18.68 -17.47 3.96
N PHE A 106 18.01 -16.87 4.95
CA PHE A 106 16.57 -16.73 4.92
C PHE A 106 16.17 -15.28 5.15
N LEU A 107 14.96 -14.94 4.69
CA LEU A 107 14.25 -13.74 5.09
C LEU A 107 12.80 -14.14 5.25
N GLY A 108 12.33 -14.25 6.48
CA GLY A 108 10.99 -14.71 6.75
C GLY A 108 10.18 -13.64 7.44
N SER A 109 8.87 -13.88 7.50
CA SER A 109 7.94 -13.02 8.22
C SER A 109 7.35 -13.85 9.35
N PHE A 110 7.91 -13.71 10.53
CA PHE A 110 7.56 -14.57 11.66
C PHE A 110 6.40 -13.98 12.43
N SER A 111 5.81 -14.76 13.32
CA SER A 111 4.66 -14.33 14.08
C SER A 111 4.81 -14.72 15.54
N ASN A 112 4.13 -13.98 16.41
CA ASN A 112 4.18 -14.20 17.84
C ASN A 112 2.93 -13.60 18.49
N ASP A 113 2.79 -13.80 19.79
CA ASP A 113 1.70 -13.22 20.58
C ASP A 113 2.22 -11.90 21.16
N MET A 114 1.89 -10.81 20.49
CA MET A 114 2.46 -9.51 20.79
C MET A 114 1.44 -8.65 21.52
N ASP A 115 1.90 -7.96 22.55
CA ASP A 115 1.05 -7.16 23.43
C ASP A 115 1.49 -5.70 23.30
N PHE A 116 0.67 -4.89 22.65
CA PHE A 116 0.97 -3.46 22.47
C PHE A 116 0.09 -2.57 23.34
N ARG A 117 -0.38 -3.07 24.47
CA ARG A 117 -1.32 -2.30 25.29
C ARG A 117 -0.65 -1.15 26.04
N LEU A 118 0.66 -1.13 26.12
CA LEU A 118 1.42 -0.02 26.69
C LEU A 118 2.30 0.46 25.55
N PHE A 119 1.76 1.27 24.64
CA PHE A 119 2.35 1.34 23.31
C PHE A 119 3.71 2.04 23.25
N PRO A 120 3.88 3.29 23.71
CA PRO A 120 5.21 3.89 23.57
C PRO A 120 6.23 3.27 24.50
N PHE A 121 5.81 2.77 25.66
CA PHE A 121 6.69 2.20 26.66
C PHE A 121 6.65 0.69 26.63
N ASP A 122 6.61 0.15 25.41
CA ASP A 122 6.36 -1.25 25.15
C ASP A 122 7.57 -2.10 25.51
N ARG A 123 7.33 -3.41 25.57
CA ARG A 123 8.41 -4.38 25.81
C ARG A 123 7.98 -5.69 25.17
N GLN A 124 8.57 -6.02 24.03
CA GLN A 124 8.24 -7.22 23.28
C GLN A 124 9.41 -8.18 23.28
N GLN A 125 9.13 -9.41 22.84
CA GLN A 125 10.20 -10.36 22.58
C GLN A 125 9.92 -11.08 21.27
N PHE A 126 10.97 -11.30 20.50
CA PHE A 126 10.89 -11.86 19.16
C PHE A 126 11.30 -13.32 19.21
N VAL A 127 10.43 -14.21 18.74
CA VAL A 127 10.59 -15.64 18.90
C VAL A 127 10.76 -16.29 17.55
N LEU A 128 11.78 -17.14 17.42
CA LEU A 128 11.96 -18.02 16.27
C LEU A 128 11.88 -19.45 16.77
N GLU A 129 11.02 -20.26 16.16
CA GLU A 129 10.89 -21.66 16.51
C GLU A 129 11.25 -22.52 15.32
N LEU A 130 12.14 -23.49 15.54
CA LEU A 130 12.68 -24.32 14.48
C LEU A 130 12.42 -25.78 14.80
N GLU A 131 12.05 -26.56 13.78
CA GLU A 131 11.65 -27.94 14.00
C GLU A 131 11.84 -28.72 12.71
N PRO A 132 12.28 -29.97 12.76
CA PRO A 132 12.29 -30.78 11.54
C PRO A 132 10.89 -30.99 11.02
N PHE A 133 10.75 -30.99 9.69
CA PHE A 133 9.42 -31.11 9.12
C PHE A 133 8.87 -32.51 9.22
N SER A 134 9.73 -33.53 9.25
CA SER A 134 9.23 -34.89 9.07
C SER A 134 9.80 -35.93 10.04
N TYR A 135 10.94 -35.65 10.65
CA TYR A 135 11.65 -36.64 11.44
C TYR A 135 11.43 -36.39 12.93
N ASN A 136 10.94 -37.40 13.64
CA ASN A 136 10.76 -37.29 15.08
C ASN A 136 12.09 -37.49 15.78
N ASN A 137 12.11 -37.38 17.11
CA ASN A 137 13.38 -37.38 17.82
C ASN A 137 14.01 -38.76 17.94
N GLN A 138 13.36 -39.80 17.46
CA GLN A 138 14.01 -41.09 17.30
C GLN A 138 14.80 -41.18 16.01
N GLN A 139 14.71 -40.17 15.14
CA GLN A 139 15.49 -40.11 13.92
C GLN A 139 16.31 -38.83 13.77
N LEU A 140 15.95 -37.76 14.48
CA LEU A 140 16.68 -36.49 14.37
C LEU A 140 16.40 -35.71 15.65
N ARG A 141 17.42 -35.50 16.46
CA ARG A 141 17.29 -34.64 17.62
C ARG A 141 18.36 -33.56 17.59
N PHE A 142 17.99 -32.35 17.98
CA PHE A 142 18.91 -31.21 17.98
C PHE A 142 19.89 -31.24 19.14
N SER A 143 21.18 -31.29 18.83
CA SER A 143 22.21 -31.32 19.86
C SER A 143 22.33 -30.01 20.64
N ASP A 144 22.85 -28.96 20.02
CA ASP A 144 23.00 -27.67 20.69
C ASP A 144 22.72 -26.51 19.76
N ILE A 145 22.47 -25.33 20.33
CA ILE A 145 22.20 -24.15 19.50
C ILE A 145 22.85 -22.86 19.96
N GLN A 146 23.66 -22.25 19.10
CA GLN A 146 24.28 -20.97 19.36
C GLN A 146 23.57 -19.92 18.52
N VAL A 147 23.30 -18.76 19.11
CA VAL A 147 22.64 -17.66 18.39
C VAL A 147 23.55 -16.45 18.45
N TYR A 148 23.85 -15.88 17.29
CA TYR A 148 24.76 -14.74 17.17
C TYR A 148 23.96 -13.54 16.69
N THR A 149 23.70 -12.61 17.60
CA THR A 149 22.96 -11.39 17.31
C THR A 149 23.87 -10.18 17.35
N GLU A 150 25.09 -10.32 16.82
CA GLU A 150 26.11 -9.30 17.02
C GLU A 150 25.86 -8.08 16.14
N ASN A 151 24.98 -8.20 15.14
CA ASN A 151 24.81 -7.10 14.20
C ASN A 151 23.76 -6.11 14.68
N ILE A 152 22.77 -6.57 15.44
CA ILE A 152 21.68 -5.71 15.91
C ILE A 152 22.15 -4.97 17.17
N ASP A 153 21.83 -3.68 17.26
CA ASP A 153 22.48 -2.78 18.19
C ASP A 153 21.48 -2.10 19.13
N ASN A 154 22.00 -1.13 19.89
CA ASN A 154 21.30 -0.47 20.98
C ASN A 154 21.25 1.05 20.84
N GLU A 155 21.76 1.60 19.74
CA GLU A 155 21.92 3.05 19.63
C GLU A 155 20.57 3.73 19.41
N GLU A 156 20.60 5.07 19.49
CA GLU A 156 19.37 5.86 19.46
C GLU A 156 18.78 5.94 18.06
N ILE A 157 19.56 5.59 17.05
CA ILE A 157 19.04 5.54 15.68
C ILE A 157 18.04 4.39 15.53
N ASP A 158 18.36 3.27 16.16
CA ASP A 158 17.54 2.08 16.08
C ASP A 158 16.19 2.26 16.77
N GLU A 159 15.15 1.78 16.10
CA GLU A 159 13.80 1.83 16.62
C GLU A 159 13.59 0.99 17.88
N TRP A 160 14.22 -0.19 17.91
CA TRP A 160 14.11 -1.11 19.04
C TRP A 160 15.43 -1.35 19.74
N TRP A 161 15.44 -1.29 21.07
CA TRP A 161 16.66 -1.55 21.83
C TRP A 161 16.71 -3.02 22.21
N ILE A 162 17.65 -3.75 21.64
CA ILE A 162 17.81 -5.17 21.94
C ILE A 162 18.57 -5.29 23.25
N ARG A 163 17.92 -5.90 24.24
CA ARG A 163 18.45 -5.96 25.60
C ARG A 163 19.10 -7.31 25.83
N GLY A 164 20.43 -7.34 25.79
CA GLY A 164 21.18 -8.54 26.10
C GLY A 164 21.20 -9.53 24.94
N LYS A 165 21.88 -10.64 25.18
CA LYS A 165 22.00 -11.70 24.19
C LYS A 165 20.70 -12.48 24.09
N ALA A 166 20.57 -13.28 23.04
CA ALA A 166 19.38 -14.08 22.83
C ALA A 166 19.31 -15.24 23.81
N SER A 167 18.10 -15.73 24.04
CA SER A 167 17.84 -16.83 24.96
C SER A 167 17.39 -18.04 24.16
N THR A 168 18.01 -19.18 24.40
CA THR A 168 17.80 -20.38 23.61
C THR A 168 17.24 -21.51 24.45
N HIS A 169 16.66 -22.49 23.78
CA HIS A 169 15.96 -23.59 24.46
C HIS A 169 15.76 -24.72 23.45
N ILE A 170 15.86 -25.96 23.94
CA ILE A 170 15.59 -27.15 23.13
C ILE A 170 14.63 -28.03 23.92
N SER A 171 13.46 -28.30 23.34
CA SER A 171 12.41 -29.07 24.00
C SER A 171 11.93 -30.17 23.07
N ASP A 172 10.95 -30.94 23.55
CA ASP A 172 10.38 -32.05 22.80
C ASP A 172 8.86 -31.86 22.72
N ILE A 173 8.38 -31.41 21.58
CA ILE A 173 6.95 -31.19 21.40
C ILE A 173 6.28 -32.50 21.02
N ARG A 174 5.16 -32.80 21.66
CA ARG A 174 4.40 -34.02 21.43
C ARG A 174 3.13 -33.70 20.65
N TYR A 175 2.89 -34.45 19.58
CA TYR A 175 1.72 -34.28 18.73
C TYR A 175 0.79 -35.45 18.94
N ASP A 176 -0.43 -35.17 19.40
CA ASP A 176 -1.37 -36.22 19.75
C ASP A 176 -2.13 -36.79 18.55
N HIS A 177 -2.04 -36.15 17.38
CA HIS A 177 -2.77 -36.68 16.23
C HIS A 177 -2.04 -37.83 15.56
N LEU A 178 -0.79 -38.07 15.92
CA LEU A 178 0.02 -39.12 15.30
C LEU A 178 -0.09 -40.45 16.03
N SER A 179 -0.93 -40.55 17.06
CA SER A 179 -1.07 -41.79 17.80
C SER A 179 -1.77 -42.87 17.00
N SER A 180 -2.55 -42.51 15.98
CA SER A 180 -3.26 -43.50 15.18
C SER A 180 -2.33 -44.21 14.20
N VAL A 181 -1.36 -43.50 13.63
CA VAL A 181 -0.53 -44.07 12.56
C VAL A 181 0.91 -44.29 12.98
N GLN A 182 1.41 -43.57 14.00
CA GLN A 182 2.80 -43.73 14.44
C GLN A 182 2.80 -43.93 15.94
N PRO A 183 2.57 -45.15 16.40
CA PRO A 183 2.55 -45.41 17.85
C PRO A 183 3.95 -45.31 18.45
N ASN A 184 4.00 -44.72 19.65
CA ASN A 184 5.18 -44.59 20.50
C ASN A 184 6.26 -43.70 19.91
N GLN A 185 6.01 -43.08 18.75
CA GLN A 185 6.97 -42.16 18.13
C GLN A 185 6.22 -40.95 17.56
N ASN A 186 6.01 -39.96 18.41
CA ASN A 186 5.32 -38.75 18.00
C ASN A 186 5.91 -37.49 18.66
N GLU A 187 7.09 -37.59 19.26
CA GLU A 187 7.74 -36.44 19.86
C GLU A 187 8.75 -35.85 18.86
N PHE A 188 8.68 -34.55 18.67
CA PHE A 188 9.54 -33.85 17.73
C PHE A 188 10.43 -32.88 18.51
N SER A 189 11.68 -32.75 18.10
CA SER A 189 12.62 -31.90 18.78
C SER A 189 12.49 -30.47 18.27
N ARG A 190 12.26 -29.52 19.16
CA ARG A 190 12.01 -28.14 18.76
C ARG A 190 13.02 -27.21 19.43
N ILE A 191 13.52 -26.25 18.67
CA ILE A 191 14.42 -25.21 19.13
C ILE A 191 13.64 -23.91 19.21
N THR A 192 13.74 -23.21 20.34
CA THR A 192 13.11 -21.90 20.51
C THR A 192 14.19 -20.86 20.81
N VAL A 193 14.07 -19.70 20.16
CA VAL A 193 15.01 -18.61 20.31
C VAL A 193 14.22 -17.34 20.63
N ARG A 194 14.52 -16.70 21.76
CA ARG A 194 13.81 -15.51 22.19
C ARG A 194 14.78 -14.35 22.29
N ILE A 195 14.37 -13.18 21.78
CA ILE A 195 15.18 -11.97 21.78
C ILE A 195 14.33 -10.85 22.36
N ASP A 196 14.71 -10.34 23.52
CA ASP A 196 13.95 -9.29 24.18
C ASP A 196 14.29 -7.93 23.61
N ALA A 197 13.28 -7.08 23.46
CA ALA A 197 13.48 -5.78 22.84
C ALA A 197 12.55 -4.75 23.49
N VAL A 198 13.04 -3.52 23.58
CA VAL A 198 12.32 -2.40 24.18
C VAL A 198 12.19 -1.30 23.14
N ARG A 199 11.03 -0.66 23.08
CA ARG A 199 10.78 0.35 22.07
C ARG A 199 11.53 1.64 22.35
N ASN A 200 11.74 2.43 21.29
CA ASN A 200 12.29 3.78 21.40
C ASN A 200 11.15 4.75 21.68
N PRO A 201 10.97 5.21 22.91
CA PRO A 201 9.76 5.99 23.21
C PRO A 201 9.94 7.49 23.03
N SER A 202 11.07 7.93 22.47
CA SER A 202 11.38 9.36 22.47
C SER A 202 10.48 10.13 21.52
N TYR A 203 10.26 9.60 20.31
CA TYR A 203 9.41 10.27 19.33
C TYR A 203 7.99 10.41 19.81
N TYR A 204 7.41 9.35 20.36
CA TYR A 204 6.05 9.37 20.86
C TYR A 204 5.88 10.18 22.12
N LEU A 205 6.94 10.36 22.90
CA LEU A 205 6.87 11.19 24.08
C LEU A 205 7.05 12.66 23.79
N TRP A 206 7.77 13.00 22.72
CA TRP A 206 7.94 14.42 22.40
C TRP A 206 6.91 14.95 21.41
N SER A 207 6.40 14.14 20.50
CA SER A 207 5.46 14.63 19.51
C SER A 207 4.01 14.35 19.84
N PHE A 208 3.72 13.40 20.71
CA PHE A 208 2.34 13.02 20.96
C PHE A 208 1.90 13.24 22.39
N ILE A 209 2.71 12.86 23.38
CA ILE A 209 2.30 12.98 24.77
C ILE A 209 2.33 14.43 25.24
N LEU A 210 3.37 15.19 24.86
CA LEU A 210 3.55 16.52 25.45
C LEU A 210 2.60 17.57 24.88
N PRO A 211 2.43 17.75 23.57
CA PRO A 211 1.44 18.75 23.12
C PRO A 211 0.01 18.42 23.48
N LEU A 212 -0.34 17.15 23.66
CA LEU A 212 -1.66 16.83 24.17
C LEU A 212 -1.82 17.30 25.61
N GLY A 213 -0.76 17.15 26.42
CA GLY A 213 -0.79 17.69 27.76
C GLY A 213 -0.89 19.20 27.77
N LEU A 214 -0.22 19.86 26.84
CA LEU A 214 -0.33 21.32 26.75
C LEU A 214 -1.73 21.75 26.34
N ILE A 215 -2.36 21.03 25.40
CA ILE A 215 -3.72 21.35 24.98
C ILE A 215 -4.70 21.15 26.13
N ILE A 216 -4.57 20.04 26.86
CA ILE A 216 -5.46 19.76 27.98
C ILE A 216 -5.25 20.78 29.10
N ALA A 217 -4.00 21.18 29.36
CA ALA A 217 -3.74 22.19 30.38
C ALA A 217 -4.29 23.55 29.98
N ALA A 218 -4.18 23.92 28.69
CA ALA A 218 -4.75 25.16 28.22
C ALA A 218 -6.26 25.12 28.13
N SER A 219 -6.86 23.93 28.14
CA SER A 219 -8.32 23.83 28.20
C SER A 219 -8.90 24.35 29.49
N TRP A 220 -8.16 24.25 30.60
CA TRP A 220 -8.69 24.63 31.90
C TRP A 220 -8.81 26.13 32.06
N SER A 221 -8.16 26.91 31.20
CA SER A 221 -8.22 28.37 31.28
C SER A 221 -9.33 28.95 30.42
N VAL A 222 -10.54 28.41 30.57
CA VAL A 222 -11.73 29.05 30.05
C VAL A 222 -12.60 29.61 31.15
N PHE A 223 -12.31 29.29 32.41
CA PHE A 223 -13.03 29.86 33.53
C PHE A 223 -12.51 31.23 33.93
N TRP A 224 -11.44 31.70 33.29
CA TRP A 224 -11.00 33.08 33.45
C TRP A 224 -11.80 34.04 32.59
N LEU A 225 -12.55 33.53 31.61
CA LEU A 225 -13.40 34.37 30.80
C LEU A 225 -14.57 34.89 31.62
N GLU A 226 -14.97 36.14 31.34
CA GLU A 226 -15.93 36.81 32.20
C GLU A 226 -17.37 36.43 31.86
N SER A 227 -17.70 36.38 30.58
CA SER A 227 -19.07 36.17 30.15
C SER A 227 -19.43 34.69 30.19
N PHE A 228 -20.57 34.33 29.62
CA PHE A 228 -21.00 32.94 29.51
C PHE A 228 -20.98 32.42 28.09
N SER A 229 -21.43 33.21 27.11
CA SER A 229 -21.37 32.78 25.72
C SER A 229 -19.94 32.64 25.23
N GLU A 230 -19.04 33.48 25.75
CA GLU A 230 -17.62 33.35 25.45
C GLU A 230 -17.08 32.00 25.91
N ARG A 231 -17.52 31.54 27.09
CA ARG A 231 -17.09 30.25 27.60
C ARG A 231 -17.55 29.10 26.72
N LEU A 232 -18.80 29.13 26.26
CA LEU A 232 -19.31 28.04 25.43
C LEU A 232 -18.63 28.02 24.06
N GLN A 233 -18.48 29.19 23.43
CA GLN A 233 -17.82 29.22 22.12
C GLN A 233 -16.37 28.79 22.23
N THR A 234 -15.69 29.19 23.30
CA THR A 234 -14.31 28.78 23.52
C THR A 234 -14.20 27.29 23.78
N SER A 235 -15.14 26.72 24.54
CA SER A 235 -15.13 25.29 24.80
C SER A 235 -15.36 24.48 23.52
N PHE A 236 -16.23 24.96 22.64
CA PHE A 236 -16.44 24.24 21.39
C PHE A 236 -15.24 24.35 20.45
N THR A 237 -14.54 25.48 20.47
CA THR A 237 -13.28 25.58 19.75
C THR A 237 -12.25 24.59 20.28
N LEU A 238 -12.18 24.46 21.61
CA LEU A 238 -11.28 23.46 22.21
C LEU A 238 -11.68 22.04 21.86
N MET A 239 -12.98 21.76 21.75
CA MET A 239 -13.42 20.42 21.35
C MET A 239 -13.00 20.10 19.93
N LEU A 240 -13.09 21.09 19.03
CA LEU A 240 -12.60 20.88 17.67
C LEU A 240 -11.09 20.67 17.65
N THR A 241 -10.36 21.39 18.52
CA THR A 241 -8.91 21.18 18.62
C THR A 241 -8.59 19.77 19.09
N VAL A 242 -9.33 19.25 20.07
CA VAL A 242 -9.07 17.89 20.56
C VAL A 242 -9.42 16.85 19.50
N VAL A 243 -10.49 17.06 18.73
CA VAL A 243 -10.82 16.13 17.65
C VAL A 243 -9.73 16.13 16.57
N ALA A 244 -9.23 17.32 16.21
CA ALA A 244 -8.14 17.40 15.23
C ALA A 244 -6.87 16.74 15.74
N TYR A 245 -6.57 16.89 17.02
CA TYR A 245 -5.40 16.22 17.59
C TYR A 245 -5.59 14.71 17.65
N ALA A 246 -6.81 14.26 17.93
CA ALA A 246 -7.10 12.84 17.95
C ALA A 246 -6.85 12.23 16.59
N PHE A 247 -7.28 12.92 15.54
CA PHE A 247 -7.00 12.42 14.20
C PHE A 247 -5.53 12.52 13.83
N TYR A 248 -4.85 13.57 14.30
CA TYR A 248 -3.44 13.71 13.99
C TYR A 248 -2.62 12.56 14.58
N THR A 249 -2.92 12.18 15.83
CA THR A 249 -2.25 11.00 16.36
C THR A 249 -2.71 9.72 15.66
N SER A 250 -4.02 9.53 15.48
CA SER A 250 -4.53 8.26 14.98
C SER A 250 -4.20 7.99 13.52
N ASN A 251 -3.68 8.97 12.78
CA ASN A 251 -3.18 8.60 11.46
C ASN A 251 -1.76 8.04 11.61
N ILE A 252 -0.89 8.79 12.28
CA ILE A 252 0.52 8.40 12.44
C ILE A 252 0.83 7.28 13.45
N LEU A 253 -0.15 6.45 13.81
CA LEU A 253 0.11 5.38 14.77
C LEU A 253 -0.36 4.04 14.25
N PRO A 254 0.24 2.95 14.75
CA PRO A 254 -0.04 1.56 14.37
C PRO A 254 -1.46 1.15 14.67
N ARG A 255 -2.11 0.45 13.76
CA ARG A 255 -3.49 0.04 14.01
C ARG A 255 -3.53 -1.11 15.00
N LEU A 256 -4.43 -1.01 15.97
CA LEU A 256 -4.53 -1.98 17.05
C LEU A 256 -5.99 -2.23 17.36
N PRO A 257 -6.32 -3.41 17.89
CA PRO A 257 -7.70 -3.68 18.32
C PRO A 257 -8.03 -3.27 19.75
N TYR A 258 -7.22 -2.43 20.38
CA TYR A 258 -7.46 -1.99 21.74
C TYR A 258 -6.83 -0.62 21.97
N THR A 259 -7.23 0.02 23.06
CA THR A 259 -6.78 1.38 23.33
C THR A 259 -5.45 1.38 24.07
N THR A 260 -4.50 2.11 23.52
CA THR A 260 -3.16 2.26 24.09
C THR A 260 -3.15 3.44 25.05
N VAL A 261 -1.96 3.87 25.46
CA VAL A 261 -1.82 4.99 26.39
C VAL A 261 -2.29 6.29 25.73
N ILE A 262 -1.81 6.54 24.53
CA ILE A 262 -2.16 7.75 23.80
C ILE A 262 -3.66 7.83 23.60
N ASP A 263 -4.28 6.69 23.33
CA ASP A 263 -5.72 6.61 23.17
C ASP A 263 -6.41 6.93 24.48
N GLN A 264 -5.84 6.48 25.59
CA GLN A 264 -6.39 6.75 26.91
C GLN A 264 -6.35 8.25 27.17
N MET A 265 -5.30 8.92 26.70
CA MET A 265 -5.17 10.35 26.92
C MET A 265 -6.11 11.15 26.03
N ILE A 266 -6.41 10.67 24.82
CA ILE A 266 -7.37 11.36 23.97
C ILE A 266 -8.77 11.33 24.59
N ILE A 267 -9.17 10.18 25.15
CA ILE A 267 -10.46 10.08 25.83
C ILE A 267 -10.46 10.92 27.09
N ALA A 268 -9.32 11.02 27.79
CA ALA A 268 -9.22 11.94 28.92
C ALA A 268 -9.41 13.39 28.48
N GLY A 269 -8.88 13.75 27.31
CA GLY A 269 -9.11 15.09 26.78
C GLY A 269 -10.56 15.37 26.45
N TYR A 270 -11.24 14.40 25.82
CA TYR A 270 -12.67 14.54 25.56
C TYR A 270 -13.47 14.67 26.85
N GLY A 271 -13.12 13.88 27.87
CA GLY A 271 -13.79 13.99 29.15
C GLY A 271 -13.53 15.30 29.84
N SER A 272 -12.33 15.85 29.70
CA SER A 272 -12.01 17.16 30.27
C SER A 272 -12.83 18.26 29.59
N ILE A 273 -12.96 18.20 28.27
CA ILE A 273 -13.77 19.20 27.56
C ILE A 273 -15.23 19.11 27.96
N PHE A 274 -15.76 17.88 28.05
CA PHE A 274 -17.17 17.73 28.40
C PHE A 274 -17.44 18.10 29.85
N ALA A 275 -16.50 17.80 30.75
CA ALA A 275 -16.65 18.25 32.14
C ALA A 275 -16.58 19.76 32.25
N ALA A 276 -15.70 20.40 31.46
CA ALA A 276 -15.65 21.86 31.46
C ALA A 276 -16.97 22.46 30.98
N ILE A 277 -17.56 21.89 29.93
CA ILE A 277 -18.85 22.37 29.44
C ILE A 277 -19.93 22.17 30.48
N LEU A 278 -19.92 21.03 31.17
CA LEU A 278 -20.93 20.76 32.20
C LEU A 278 -20.81 21.73 33.37
N LEU A 279 -19.59 22.03 33.82
CA LEU A 279 -19.41 23.01 34.88
C LEU A 279 -19.79 24.43 34.44
N ILE A 280 -19.50 24.82 33.20
CA ILE A 280 -19.95 26.12 32.71
C ILE A 280 -21.47 26.22 32.71
N ILE A 281 -22.14 25.15 32.26
CA ILE A 281 -23.60 25.17 32.24
C ILE A 281 -24.17 25.20 33.66
N PHE A 282 -23.60 24.41 34.58
CA PHE A 282 -24.12 24.35 35.94
C PHE A 282 -23.84 25.65 36.70
N ALA A 283 -22.73 26.33 36.38
CA ALA A 283 -22.49 27.64 36.97
C ALA A 283 -23.40 28.69 36.36
N HIS A 284 -23.74 28.56 35.08
CA HIS A 284 -24.70 29.47 34.48
C HIS A 284 -26.11 29.23 35.01
N HIS A 285 -26.49 27.96 35.19
CA HIS A 285 -27.88 27.63 35.51
C HIS A 285 -28.24 27.95 36.95
N ARG A 286 -27.28 28.26 37.82
CA ARG A 286 -27.55 28.56 39.22
C ARG A 286 -28.07 30.00 39.31
N GLN A 287 -29.35 30.15 38.96
CA GLN A 287 -30.04 31.44 39.00
C GLN A 287 -31.39 31.26 39.67
N ALA A 288 -31.88 32.35 40.29
CA ALA A 288 -33.20 32.32 40.90
C ALA A 288 -34.30 32.28 39.84
N ASN A 289 -34.20 33.17 38.84
CA ASN A 289 -35.15 33.19 37.73
C ASN A 289 -34.50 33.37 36.37
N GLY A 290 -33.21 33.70 36.31
CA GLY A 290 -32.55 33.86 35.03
C GLY A 290 -31.57 35.02 34.99
N VAL A 291 -31.48 35.79 36.07
CA VAL A 291 -30.62 36.96 36.10
C VAL A 291 -29.57 36.91 37.21
N GLU A 292 -29.69 35.99 38.17
CA GLU A 292 -28.76 35.94 39.28
C GLU A 292 -27.45 35.29 38.86
N ASP A 293 -26.35 36.02 38.99
CA ASP A 293 -25.05 35.54 38.57
C ASP A 293 -24.49 34.54 39.60
N ASP A 294 -23.31 34.01 39.30
CA ASP A 294 -22.69 33.02 40.17
C ASP A 294 -21.19 33.20 40.20
N LEU A 295 -20.60 33.00 41.38
CA LEU A 295 -19.15 32.94 41.54
C LEU A 295 -18.68 31.81 42.44
N LEU A 296 -19.56 31.19 43.23
CA LEU A 296 -19.15 30.16 44.19
C LEU A 296 -18.68 28.89 43.48
N ILE A 297 -19.41 28.47 42.45
CA ILE A 297 -19.01 27.30 41.67
C ILE A 297 -17.75 27.54 40.86
N GLN A 298 -17.47 28.79 40.50
CA GLN A 298 -16.31 29.14 39.69
C GLN A 298 -15.04 29.30 40.50
N ARG A 299 -14.97 28.71 41.69
CA ARG A 299 -13.71 28.56 42.41
C ARG A 299 -12.92 27.36 41.92
N CYS A 300 -13.44 26.61 40.96
CA CYS A 300 -12.78 25.45 40.38
C CYS A 300 -11.78 25.83 39.28
N ARG A 301 -11.34 27.08 39.23
CA ARG A 301 -10.21 27.44 38.39
C ARG A 301 -8.91 26.87 38.92
N LEU A 302 -8.84 26.53 40.21
CA LEU A 302 -7.68 25.89 40.80
C LEU A 302 -7.98 24.53 41.42
N ALA A 303 -9.24 24.07 41.37
CA ALA A 303 -9.61 22.78 41.95
C ALA A 303 -9.93 21.71 40.91
N PHE A 304 -10.66 22.07 39.86
CA PHE A 304 -10.94 21.12 38.79
C PHE A 304 -9.70 20.63 38.04
N PRO A 305 -8.70 21.46 37.69
CA PRO A 305 -7.45 20.89 37.16
C PRO A 305 -6.77 19.89 38.10
N LEU A 306 -6.75 20.20 39.41
CA LEU A 306 -6.15 19.29 40.37
C LEU A 306 -6.94 17.99 40.50
N GLY A 307 -8.27 18.08 40.47
CA GLY A 307 -9.09 16.88 40.51
C GLY A 307 -8.90 16.00 39.28
N PHE A 308 -8.81 16.62 38.10
CA PHE A 308 -8.56 15.85 36.90
C PHE A 308 -7.17 15.21 36.91
N LEU A 309 -6.16 15.94 37.41
CA LEU A 309 -4.83 15.37 37.54
C LEU A 309 -4.80 14.20 38.52
N ALA A 310 -5.55 14.31 39.61
CA ALA A 310 -5.65 13.21 40.57
C ALA A 310 -6.34 11.99 39.94
N ILE A 311 -7.39 12.22 39.14
CA ILE A 311 -8.05 11.13 38.44
C ILE A 311 -7.09 10.45 37.47
N GLY A 312 -6.31 11.24 36.73
CA GLY A 312 -5.33 10.67 35.82
C GLY A 312 -4.24 9.90 36.53
N CYS A 313 -3.78 10.40 37.68
CA CYS A 313 -2.76 9.70 38.45
C CYS A 313 -3.29 8.40 39.04
N VAL A 314 -4.57 8.37 39.44
CA VAL A 314 -5.20 7.12 39.85
C VAL A 314 -5.26 6.15 38.68
N LEU A 315 -5.63 6.65 37.48
CA LEU A 315 -5.75 5.78 36.31
C LEU A 315 -4.41 5.24 35.83
N VAL A 316 -3.31 5.98 36.05
CA VAL A 316 -1.99 5.45 35.68
C VAL A 316 -1.61 4.27 36.57
N ILE A 317 -1.79 4.42 37.88
CA ILE A 317 -1.50 3.36 38.83
C ILE A 317 -2.49 2.22 38.70
N PRO B 11 44.83 -19.59 -5.09
CA PRO B 11 43.57 -18.84 -5.08
C PRO B 11 43.25 -18.23 -6.45
N VAL B 12 41.98 -18.18 -6.79
CA VAL B 12 41.54 -17.65 -8.07
C VAL B 12 41.30 -16.15 -7.92
N ASP B 13 41.88 -15.36 -8.82
CA ASP B 13 41.77 -13.92 -8.79
C ASP B 13 40.58 -13.49 -9.63
N VAL B 14 39.58 -12.90 -8.99
CA VAL B 14 38.35 -12.48 -9.64
C VAL B 14 38.30 -10.97 -9.68
N SER B 15 38.08 -10.41 -10.87
CA SER B 15 38.00 -8.97 -11.08
C SER B 15 36.54 -8.59 -11.26
N VAL B 16 36.03 -7.74 -10.39
CA VAL B 16 34.62 -7.36 -10.42
C VAL B 16 34.49 -5.95 -11.01
N SER B 17 33.40 -5.72 -11.73
CA SER B 17 33.02 -4.39 -12.16
C SER B 17 31.53 -4.22 -11.91
N ILE B 18 31.15 -3.15 -11.23
CA ILE B 18 29.76 -2.90 -10.89
C ILE B 18 29.31 -1.64 -11.62
N PHE B 19 28.22 -1.75 -12.37
CA PHE B 19 27.60 -0.63 -13.05
C PHE B 19 26.34 -0.28 -12.28
N ILE B 20 26.22 0.96 -11.84
CA ILE B 20 25.04 1.40 -11.12
C ILE B 20 24.15 2.14 -12.11
N ASN B 21 22.92 1.67 -12.28
CA ASN B 21 22.02 2.31 -13.24
C ASN B 21 21.18 3.39 -12.56
N LYS B 22 20.54 3.05 -11.45
CA LYS B 22 19.78 4.02 -10.69
C LYS B 22 19.69 3.59 -9.24
N ILE B 23 19.65 4.58 -8.35
CA ILE B 23 19.42 4.38 -6.93
C ILE B 23 18.16 5.15 -6.55
N TYR B 24 17.19 4.47 -5.97
CA TYR B 24 15.89 5.06 -5.74
C TYR B 24 15.21 4.33 -4.60
N GLY B 25 13.98 4.74 -4.30
CA GLY B 25 13.13 4.00 -3.37
C GLY B 25 13.63 3.92 -1.95
N VAL B 26 14.18 5.03 -1.42
CA VAL B 26 14.75 5.02 -0.08
C VAL B 26 13.61 4.91 0.93
N ASN B 27 13.70 3.93 1.82
CA ASN B 27 12.67 3.66 2.81
C ASN B 27 13.28 3.92 4.19
N THR B 28 12.83 4.99 4.84
CA THR B 28 13.47 5.45 6.06
C THR B 28 13.17 4.58 7.27
N LEU B 29 11.98 4.02 7.34
CA LEU B 29 11.61 3.21 8.50
C LEU B 29 12.42 1.92 8.58
N GLU B 30 12.55 1.23 7.46
CA GLU B 30 13.29 -0.03 7.41
C GLU B 30 14.75 0.18 7.07
N GLN B 31 15.15 1.43 6.80
CA GLN B 31 16.51 1.80 6.42
C GLN B 31 17.05 1.06 5.19
N THR B 32 16.25 1.00 4.14
CA THR B 32 16.63 0.34 2.90
C THR B 32 16.62 1.32 1.74
N TYR B 33 17.15 0.86 0.61
CA TYR B 33 17.12 1.56 -0.66
C TYR B 33 17.26 0.51 -1.75
N LYS B 34 16.93 0.88 -2.98
CA LYS B 34 16.95 -0.05 -4.10
C LYS B 34 18.00 0.39 -5.12
N VAL B 35 18.89 -0.53 -5.46
CA VAL B 35 19.93 -0.29 -6.46
C VAL B 35 19.67 -1.22 -7.63
N ASP B 36 19.76 -0.68 -8.84
CA ASP B 36 19.59 -1.44 -10.07
C ASP B 36 20.86 -1.31 -10.89
N GLY B 37 21.31 -2.39 -11.49
CA GLY B 37 22.52 -2.30 -12.29
C GLY B 37 23.01 -3.67 -12.70
N TYR B 38 24.27 -3.71 -13.11
CA TYR B 38 24.93 -4.91 -13.59
C TYR B 38 26.08 -5.28 -12.67
N ILE B 39 26.56 -6.52 -12.82
CA ILE B 39 27.77 -6.98 -12.17
C ILE B 39 28.54 -7.86 -13.13
N VAL B 40 29.83 -7.62 -13.26
CA VAL B 40 30.68 -8.32 -14.22
C VAL B 40 31.88 -8.88 -13.48
N ALA B 41 31.88 -10.19 -13.23
CA ALA B 41 33.03 -10.87 -12.65
C ALA B 41 33.84 -11.55 -13.73
N GLN B 42 35.14 -11.62 -13.53
CA GLN B 42 36.05 -12.11 -14.55
C GLN B 42 37.23 -12.82 -13.91
N TRP B 43 37.40 -14.10 -14.22
CA TRP B 43 38.52 -14.89 -13.71
C TRP B 43 39.10 -15.72 -14.85
N THR B 44 40.15 -16.47 -14.53
CA THR B 44 40.87 -17.28 -15.52
C THR B 44 40.91 -18.71 -15.05
N GLY B 45 40.45 -19.63 -15.89
CA GLY B 45 40.48 -21.04 -15.55
C GLY B 45 41.38 -21.86 -16.46
N LYS B 46 40.91 -23.04 -16.84
CA LYS B 46 41.61 -23.95 -17.74
C LYS B 46 41.33 -23.58 -19.20
N PRO B 47 42.29 -23.79 -20.09
CA PRO B 47 42.02 -23.58 -21.52
C PRO B 47 41.03 -24.61 -22.04
N ARG B 48 40.31 -24.22 -23.09
CA ARG B 48 39.29 -25.07 -23.65
C ARG B 48 39.19 -24.83 -25.15
N LYS B 49 38.53 -25.76 -25.84
CA LYS B 49 38.33 -25.68 -27.28
C LYS B 49 36.87 -25.33 -27.54
N THR B 50 36.63 -24.13 -28.02
CA THR B 50 35.31 -23.62 -28.36
C THR B 50 35.04 -23.83 -29.84
N PRO B 51 33.76 -23.72 -30.27
CA PRO B 51 33.47 -23.73 -31.71
C PRO B 51 34.19 -22.62 -32.47
N GLY B 52 35.10 -23.01 -33.36
CA GLY B 52 35.97 -22.03 -33.99
C GLY B 52 37.04 -21.55 -33.01
N ASP B 53 37.41 -20.29 -33.15
CA ASP B 53 38.28 -19.64 -32.19
C ASP B 53 37.59 -18.52 -31.43
N LYS B 54 36.43 -18.08 -31.89
CA LYS B 54 35.70 -17.02 -31.23
C LYS B 54 35.19 -17.48 -29.87
N PRO B 55 35.03 -16.56 -28.92
CA PRO B 55 34.49 -16.94 -27.61
C PRO B 55 33.04 -17.39 -27.69
N LEU B 56 32.67 -18.29 -26.80
CA LEU B 56 31.33 -18.87 -26.75
C LEU B 56 30.44 -18.19 -25.72
N ILE B 57 29.17 -17.99 -26.05
CA ILE B 57 28.23 -17.31 -25.16
C ILE B 57 27.11 -18.22 -24.67
N VAL B 58 26.90 -18.24 -23.35
CA VAL B 58 25.86 -19.06 -22.73
C VAL B 58 24.80 -18.16 -22.10
N GLU B 59 23.54 -18.37 -22.44
CA GLU B 59 22.50 -17.49 -21.90
C GLU B 59 21.95 -17.84 -20.52
N ASN B 60 20.73 -17.39 -20.25
CA ASN B 60 20.10 -17.56 -18.95
C ASN B 60 19.83 -18.95 -18.41
N THR B 61 19.27 -19.84 -19.22
CA THR B 61 18.94 -21.17 -18.73
C THR B 61 20.05 -22.15 -19.01
N GLN B 62 20.77 -21.87 -20.09
CA GLN B 62 21.91 -22.69 -20.46
C GLN B 62 23.04 -22.74 -19.48
N ILE B 63 23.19 -21.73 -18.64
CA ILE B 63 24.27 -21.73 -17.66
C ILE B 63 24.14 -22.90 -16.71
N GLU B 64 22.92 -23.21 -16.26
CA GLU B 64 22.72 -24.33 -15.35
C GLU B 64 23.14 -25.64 -16.00
N ARG B 65 23.01 -25.74 -17.33
CA ARG B 65 23.46 -26.93 -18.03
C ARG B 65 24.97 -27.08 -18.01
N TRP B 66 25.70 -25.98 -18.11
CA TRP B 66 27.15 -26.03 -18.08
C TRP B 66 27.70 -26.28 -16.69
N ILE B 67 27.03 -25.79 -15.65
CA ILE B 67 27.46 -26.02 -14.27
C ILE B 67 27.30 -27.48 -13.89
N ASN B 68 26.22 -28.14 -14.35
CA ASN B 68 26.02 -29.55 -14.06
C ASN B 68 27.11 -30.42 -14.69
N ASN B 69 27.71 -29.99 -15.79
CA ASN B 69 28.78 -30.73 -16.43
C ASN B 69 30.14 -30.44 -15.83
N GLY B 70 30.21 -29.56 -14.82
CA GLY B 70 31.43 -29.36 -14.08
C GLY B 70 32.10 -28.02 -14.24
N LEU B 71 31.43 -27.03 -14.83
CA LEU B 71 32.00 -25.69 -14.92
C LEU B 71 31.98 -25.01 -13.56
N TRP B 72 33.05 -24.32 -13.23
CA TRP B 72 33.18 -23.64 -11.94
C TRP B 72 32.73 -22.20 -12.09
N VAL B 73 31.56 -21.90 -11.54
CA VAL B 73 31.04 -20.55 -11.48
C VAL B 73 30.76 -20.25 -10.02
N PRO B 74 31.49 -19.33 -9.39
CA PRO B 74 31.23 -19.03 -7.98
C PRO B 74 29.96 -18.22 -7.79
N ALA B 75 29.38 -18.35 -6.60
CA ALA B 75 28.17 -17.62 -6.23
C ALA B 75 28.62 -16.41 -5.43
N LEU B 76 28.48 -15.23 -6.03
CA LEU B 76 28.83 -13.98 -5.37
C LEU B 76 27.60 -13.44 -4.67
N GLU B 77 27.73 -13.17 -3.37
CA GLU B 77 26.63 -12.76 -2.53
C GLU B 77 26.74 -11.28 -2.19
N PHE B 78 25.60 -10.59 -2.20
CA PHE B 78 25.52 -9.26 -1.62
C PHE B 78 25.22 -9.41 -0.12
N ILE B 79 26.11 -8.89 0.70
CA ILE B 79 26.02 -9.10 2.14
C ILE B 79 24.84 -8.34 2.73
N ASN B 80 24.63 -7.11 2.30
CA ASN B 80 23.62 -6.26 2.90
C ASN B 80 22.32 -6.22 2.10
N VAL B 81 22.14 -7.12 1.14
CA VAL B 81 20.86 -7.19 0.45
C VAL B 81 19.81 -7.76 1.40
N VAL B 82 18.57 -7.32 1.22
CA VAL B 82 17.44 -7.80 2.00
C VAL B 82 16.65 -8.75 1.11
N GLY B 83 16.63 -10.02 1.48
CA GLY B 83 15.97 -11.02 0.66
C GLY B 83 16.90 -11.64 -0.36
N SER B 84 16.54 -11.50 -1.63
CA SER B 84 17.34 -12.01 -2.73
C SER B 84 17.14 -11.09 -3.91
N PRO B 85 18.20 -10.76 -4.64
CA PRO B 85 18.06 -9.84 -5.77
C PRO B 85 17.23 -10.44 -6.88
N ASP B 86 16.55 -9.57 -7.63
CA ASP B 86 15.73 -10.00 -8.75
C ASP B 86 16.66 -10.03 -9.95
N THR B 87 17.30 -11.18 -10.14
CA THR B 87 18.25 -11.34 -11.22
C THR B 87 17.52 -11.44 -12.56
N GLY B 88 17.83 -10.54 -13.48
CA GLY B 88 17.24 -10.56 -14.79
C GLY B 88 18.03 -11.47 -15.72
N ASN B 89 18.49 -10.93 -16.84
CA ASN B 89 19.34 -11.68 -17.73
C ASN B 89 20.71 -11.91 -17.11
N LYS B 90 21.31 -13.04 -17.43
CA LYS B 90 22.67 -13.34 -17.01
C LYS B 90 23.33 -14.16 -18.10
N ARG B 91 24.66 -14.08 -18.17
CA ARG B 91 25.35 -14.81 -19.21
C ARG B 91 26.77 -15.12 -18.80
N LEU B 92 27.35 -16.09 -19.51
CA LEU B 92 28.75 -16.47 -19.38
C LEU B 92 29.39 -16.33 -20.74
N MET B 93 30.59 -15.77 -20.79
CA MET B 93 31.36 -15.73 -22.02
C MET B 93 32.66 -16.49 -21.79
N LEU B 94 32.81 -17.61 -22.48
CA LEU B 94 33.93 -18.51 -22.29
C LEU B 94 34.94 -18.31 -23.42
N PHE B 95 36.17 -18.05 -23.07
CA PHE B 95 37.21 -17.84 -24.06
C PHE B 95 38.05 -19.09 -24.23
N PRO B 96 38.59 -19.34 -25.42
CA PRO B 96 39.51 -20.48 -25.59
C PRO B 96 40.81 -20.32 -24.81
N ASP B 97 41.17 -19.09 -24.45
CA ASP B 97 42.34 -18.84 -23.63
C ASP B 97 42.16 -19.46 -22.25
N GLY B 98 40.93 -19.44 -21.74
CA GLY B 98 40.66 -19.95 -20.41
C GLY B 98 40.03 -18.88 -19.55
N ARG B 99 39.84 -17.70 -20.13
CA ARG B 99 39.25 -16.58 -19.43
C ARG B 99 37.73 -16.67 -19.46
N VAL B 100 37.11 -16.49 -18.30
CA VAL B 100 35.67 -16.61 -18.13
C VAL B 100 35.13 -15.28 -17.63
N ILE B 101 34.03 -14.83 -18.23
CA ILE B 101 33.40 -13.56 -17.85
C ILE B 101 31.94 -13.85 -17.54
N TYR B 102 31.51 -13.49 -16.34
CA TYR B 102 30.15 -13.71 -15.88
C TYR B 102 29.48 -12.36 -15.71
N ASN B 103 28.49 -12.06 -16.54
CA ASN B 103 27.77 -10.80 -16.51
C ASN B 103 26.32 -11.07 -16.15
N ALA B 104 25.81 -10.34 -15.16
CA ALA B 104 24.45 -10.53 -14.70
C ALA B 104 23.85 -9.18 -14.30
N ARG B 105 22.53 -9.11 -14.33
CA ARG B 105 21.81 -7.89 -13.99
C ARG B 105 21.00 -8.13 -12.73
N PHE B 106 21.03 -7.18 -11.80
CA PHE B 106 20.34 -7.33 -10.53
C PHE B 106 19.45 -6.14 -10.26
N LEU B 107 18.45 -6.36 -9.41
CA LEU B 107 17.69 -5.30 -8.75
C LEU B 107 17.46 -5.76 -7.32
N GLY B 108 18.18 -5.17 -6.38
CA GLY B 108 18.11 -5.59 -5.00
C GLY B 108 17.59 -4.48 -4.12
N SER B 109 17.25 -4.85 -2.89
CA SER B 109 16.84 -3.91 -1.86
C SER B 109 17.88 -3.97 -0.75
N PHE B 110 18.83 -3.04 -0.79
CA PHE B 110 19.97 -3.09 0.10
C PHE B 110 19.66 -2.36 1.39
N SER B 111 20.52 -2.54 2.40
CA SER B 111 20.30 -1.93 3.70
C SER B 111 21.60 -1.33 4.23
N ASN B 112 21.46 -0.33 5.10
CA ASN B 112 22.59 0.37 5.67
C ASN B 112 22.16 1.01 6.99
N ASP B 113 23.10 1.62 7.69
CA ASP B 113 22.84 2.36 8.92
C ASP B 113 22.64 3.83 8.53
N MET B 114 21.39 4.22 8.40
CA MET B 114 21.02 5.51 7.85
C MET B 114 20.56 6.45 8.96
N ASP B 115 21.04 7.70 8.89
CA ASP B 115 20.80 8.70 9.92
C ASP B 115 20.00 9.83 9.28
N PHE B 116 18.71 9.94 9.64
CA PHE B 116 17.85 10.98 9.11
C PHE B 116 17.54 12.05 10.15
N ARG B 117 18.42 12.28 11.11
CA ARG B 117 18.13 13.21 12.19
C ARG B 117 18.20 14.66 11.76
N LEU B 118 18.77 14.96 10.60
CA LEU B 118 18.77 16.30 10.02
C LEU B 118 18.07 16.13 8.69
N PHE B 119 16.72 16.11 8.69
CA PHE B 119 16.01 15.46 7.59
C PHE B 119 16.10 16.20 6.27
N PRO B 120 15.70 17.48 6.14
CA PRO B 120 15.78 18.10 4.81
C PRO B 120 17.20 18.34 4.35
N PHE B 121 18.12 18.58 5.28
CA PHE B 121 19.51 18.89 4.97
C PHE B 121 20.40 17.69 5.19
N ASP B 122 19.89 16.53 4.78
CA ASP B 122 20.47 15.23 5.08
C ASP B 122 21.72 14.98 4.26
N ARG B 123 22.47 13.96 4.66
CA ARG B 123 23.66 13.54 3.93
C ARG B 123 23.87 12.06 4.21
N GLN B 124 23.52 11.22 3.24
CA GLN B 124 23.63 9.77 3.38
C GLN B 124 24.69 9.22 2.46
N GLN B 125 25.04 7.96 2.67
CA GLN B 125 25.87 7.23 1.73
C GLN B 125 25.30 5.83 1.54
N PHE B 126 25.34 5.38 0.30
CA PHE B 126 24.75 4.12 -0.11
C PHE B 126 25.84 3.08 -0.27
N VAL B 127 25.71 1.95 0.42
CA VAL B 127 26.77 0.96 0.54
C VAL B 127 26.31 -0.33 -0.11
N LEU B 128 27.16 -0.90 -0.97
CA LEU B 128 26.99 -2.25 -1.49
C LEU B 128 28.18 -3.08 -1.03
N GLU B 129 27.92 -4.22 -0.40
CA GLU B 129 28.96 -5.12 0.04
C GLU B 129 28.83 -6.45 -0.68
N LEU B 130 29.93 -6.93 -1.25
CA LEU B 130 29.94 -8.12 -2.08
C LEU B 130 30.95 -9.10 -1.51
N GLU B 131 30.59 -10.38 -1.51
CA GLU B 131 31.43 -11.39 -0.87
C GLU B 131 31.10 -12.74 -1.48
N PRO B 132 32.08 -13.62 -1.69
CA PRO B 132 31.75 -14.98 -2.12
C PRO B 132 30.97 -15.70 -1.04
N PHE B 133 30.01 -16.53 -1.47
CA PHE B 133 29.16 -17.19 -0.49
C PHE B 133 29.87 -18.32 0.23
N SER B 134 30.86 -18.95 -0.40
CA SER B 134 31.37 -20.20 0.14
C SER B 134 32.89 -20.32 0.17
N TYR B 135 33.60 -19.53 -0.64
CA TYR B 135 35.03 -19.71 -0.82
C TYR B 135 35.79 -18.65 -0.04
N ASN B 136 36.70 -19.09 0.83
CA ASN B 136 37.54 -18.18 1.58
C ASN B 136 38.68 -17.68 0.68
N ASN B 137 39.52 -16.79 1.22
CA ASN B 137 40.50 -16.14 0.37
C ASN B 137 41.69 -17.03 0.03
N GLN B 138 41.74 -18.25 0.55
CA GLN B 138 42.69 -19.24 0.07
C GLN B 138 42.19 -19.96 -1.17
N GLN B 139 40.94 -19.71 -1.59
CA GLN B 139 40.39 -20.27 -2.80
C GLN B 139 39.83 -19.23 -3.76
N LEU B 140 39.51 -18.03 -3.29
CA LEU B 140 38.95 -16.99 -4.14
C LEU B 140 39.22 -15.65 -3.47
N ARG B 141 40.06 -14.82 -4.08
CA ARG B 141 40.27 -13.48 -3.59
C ARG B 141 40.01 -12.47 -4.70
N PHE B 142 39.38 -11.36 -4.36
CA PHE B 142 39.05 -10.32 -5.33
C PHE B 142 40.25 -9.47 -5.73
N SER B 143 40.59 -9.48 -7.02
CA SER B 143 41.72 -8.70 -7.51
C SER B 143 41.50 -7.19 -7.46
N ASP B 144 40.63 -6.67 -8.32
CA ASP B 144 40.36 -5.23 -8.35
C ASP B 144 38.90 -4.94 -8.63
N ILE B 145 38.46 -3.72 -8.32
CA ILE B 145 37.07 -3.34 -8.57
C ILE B 145 36.85 -1.95 -9.13
N GLN B 146 36.21 -1.86 -10.30
CA GLN B 146 35.85 -0.61 -10.92
C GLN B 146 34.35 -0.41 -10.76
N VAL B 147 33.93 0.79 -10.42
CA VAL B 147 32.51 1.10 -10.27
C VAL B 147 32.17 2.24 -11.22
N TYR B 148 31.15 2.03 -12.05
CA TYR B 148 30.74 2.99 -13.06
C TYR B 148 29.35 3.51 -12.70
N THR B 149 29.28 4.74 -12.21
CA THR B 149 28.04 5.39 -11.81
C THR B 149 27.70 6.51 -12.77
N GLU B 150 27.91 6.29 -14.07
CA GLU B 150 27.83 7.37 -15.03
C GLU B 150 26.38 7.75 -15.33
N ASN B 151 25.43 6.90 -14.95
CA ASN B 151 24.04 7.16 -15.32
C ASN B 151 23.34 8.05 -14.31
N ILE B 152 23.74 7.98 -13.04
CA ILE B 152 23.09 8.75 -11.98
C ILE B 152 23.68 10.17 -11.96
N ASP B 153 22.81 11.17 -11.81
CA ASP B 153 23.16 12.55 -12.12
C ASP B 153 22.99 13.48 -10.92
N ASN B 154 23.11 14.78 -11.20
CA ASN B 154 23.17 15.83 -10.20
C ASN B 154 22.12 16.93 -10.41
N GLU B 155 21.24 16.77 -11.40
CA GLU B 155 20.33 17.85 -11.78
C GLU B 155 19.22 18.03 -10.73
N GLU B 156 18.46 19.12 -10.90
CA GLU B 156 17.47 19.52 -9.91
C GLU B 156 16.22 18.63 -9.97
N ILE B 157 16.07 17.87 -11.05
CA ILE B 157 14.96 16.92 -11.15
C ILE B 157 15.16 15.78 -10.17
N ASP B 158 16.42 15.34 -10.04
CA ASP B 158 16.76 14.23 -9.17
C ASP B 158 16.58 14.55 -7.70
N GLU B 159 15.99 13.60 -6.98
CA GLU B 159 15.77 13.73 -5.55
C GLU B 159 17.06 13.79 -4.75
N TRP B 160 18.05 13.01 -5.13
CA TRP B 160 19.34 12.95 -4.46
C TRP B 160 20.50 13.41 -5.32
N TRP B 161 21.38 14.26 -4.79
CA TRP B 161 22.54 14.73 -5.52
C TRP B 161 23.71 13.81 -5.22
N ILE B 162 24.16 13.05 -6.22
CA ILE B 162 25.29 12.16 -6.05
C ILE B 162 26.57 12.99 -6.17
N ARG B 163 27.36 13.00 -5.10
CA ARG B 163 28.52 13.88 -5.00
C ARG B 163 29.78 13.07 -5.32
N GLY B 164 30.29 13.24 -6.53
CA GLY B 164 31.54 12.62 -6.93
C GLY B 164 31.37 11.17 -7.30
N LYS B 165 32.50 10.55 -7.66
CA LYS B 165 32.52 9.15 -8.05
C LYS B 165 32.42 8.26 -6.81
N ALA B 166 32.15 6.98 -7.04
CA ALA B 166 32.01 6.03 -5.95
C ALA B 166 33.37 5.71 -5.33
N SER B 167 33.33 5.27 -4.08
CA SER B 167 34.52 4.92 -3.32
C SER B 167 34.53 3.41 -3.09
N THR B 168 35.66 2.78 -3.41
CA THR B 168 35.77 1.32 -3.39
C THR B 168 36.82 0.87 -2.39
N HIS B 169 36.73 -0.41 -2.02
CA HIS B 169 37.58 -0.96 -0.97
C HIS B 169 37.52 -2.48 -1.06
N ILE B 170 38.64 -3.14 -0.79
CA ILE B 170 38.71 -4.60 -0.73
C ILE B 170 39.40 -4.97 0.58
N SER B 171 38.72 -5.72 1.42
CA SER B 171 39.22 -6.10 2.73
C SER B 171 39.06 -7.60 2.94
N ASP B 172 39.47 -8.08 4.11
CA ASP B 172 39.42 -9.50 4.46
C ASP B 172 38.64 -9.64 5.76
N ILE B 173 37.39 -10.06 5.66
CA ILE B 173 36.56 -10.25 6.85
C ILE B 173 36.83 -11.61 7.46
N ARG B 174 37.01 -11.63 8.78
CA ARG B 174 37.29 -12.86 9.51
C ARG B 174 36.06 -13.28 10.30
N TYR B 175 35.70 -14.56 10.17
CA TYR B 175 34.54 -15.14 10.84
C TYR B 175 35.03 -16.08 11.92
N ASP B 176 34.67 -15.78 13.17
CA ASP B 176 35.19 -16.55 14.30
C ASP B 176 34.41 -17.85 14.56
N HIS B 177 33.27 -18.05 13.92
CA HIS B 177 32.51 -19.27 14.16
C HIS B 177 33.05 -20.45 13.35
N LEU B 178 33.95 -20.21 12.42
CA LEU B 178 34.50 -21.26 11.57
C LEU B 178 35.77 -21.89 12.15
N SER B 179 36.18 -21.48 13.35
CA SER B 179 37.40 -22.02 13.94
C SER B 179 37.24 -23.47 14.38
N SER B 180 36.01 -23.93 14.60
CA SER B 180 35.79 -25.30 15.03
C SER B 180 35.94 -26.30 13.88
N VAL B 181 35.50 -25.92 12.68
CA VAL B 181 35.46 -26.86 11.56
C VAL B 181 36.46 -26.54 10.46
N GLN B 182 36.92 -25.29 10.35
CA GLN B 182 37.86 -24.92 9.30
C GLN B 182 39.01 -24.16 9.96
N PRO B 183 39.99 -24.87 10.51
CA PRO B 183 41.11 -24.20 11.16
C PRO B 183 42.02 -23.52 10.14
N ASN B 184 42.50 -22.33 10.52
CA ASN B 184 43.46 -21.51 9.79
C ASN B 184 42.95 -21.00 8.45
N GLN B 185 41.68 -21.26 8.12
CA GLN B 185 41.08 -20.75 6.88
C GLN B 185 39.65 -20.29 7.16
N ASN B 186 39.53 -19.03 7.58
CA ASN B 186 38.23 -18.45 7.87
C ASN B 186 38.15 -16.98 7.45
N GLU B 187 39.08 -16.49 6.66
CA GLU B 187 39.05 -15.13 6.16
C GLU B 187 38.42 -15.11 4.79
N PHE B 188 37.46 -14.22 4.59
CA PHE B 188 36.74 -14.09 3.33
C PHE B 188 37.03 -12.73 2.73
N SER B 189 37.16 -12.66 1.41
CA SER B 189 37.50 -11.42 0.75
C SER B 189 36.21 -10.65 0.46
N ARG B 190 36.13 -9.40 0.92
CA ARG B 190 34.93 -8.60 0.80
C ARG B 190 35.21 -7.31 0.05
N ILE B 191 34.30 -6.94 -0.83
CA ILE B 191 34.34 -5.70 -1.58
C ILE B 191 33.28 -4.77 -1.02
N THR B 192 33.66 -3.53 -0.73
CA THR B 192 32.73 -2.51 -0.26
C THR B 192 32.72 -1.34 -1.24
N VAL B 193 31.51 -0.86 -1.56
CA VAL B 193 31.32 0.25 -2.48
C VAL B 193 30.45 1.29 -1.80
N ARG B 194 30.95 2.52 -1.68
CA ARG B 194 30.22 3.60 -1.02
C ARG B 194 29.96 4.73 -2.00
N ILE B 195 28.74 5.25 -1.99
CA ILE B 195 28.32 6.33 -2.88
C ILE B 195 27.68 7.41 -2.01
N ASP B 196 28.30 8.57 -1.94
CA ASP B 196 27.80 9.66 -1.11
C ASP B 196 26.71 10.44 -1.84
N ALA B 197 25.69 10.83 -1.10
CA ALA B 197 24.54 11.50 -1.69
C ALA B 197 23.98 12.54 -0.73
N VAL B 198 23.49 13.64 -1.29
CA VAL B 198 22.91 14.74 -0.53
C VAL B 198 21.49 14.96 -1.00
N ARG B 199 20.58 15.23 -0.06
CA ARG B 199 19.17 15.35 -0.39
C ARG B 199 18.88 16.66 -1.10
N ASN B 200 17.76 16.68 -1.84
CA ASN B 200 17.21 17.87 -2.46
C ASN B 200 16.36 18.60 -1.44
N PRO B 201 16.82 19.68 -0.83
CA PRO B 201 16.07 20.27 0.28
C PRO B 201 15.10 21.36 -0.14
N SER B 202 14.90 21.56 -1.44
CA SER B 202 14.14 22.71 -1.92
C SER B 202 12.66 22.58 -1.60
N TYR B 203 12.08 21.41 -1.84
CA TYR B 203 10.67 21.19 -1.57
C TYR B 203 10.34 21.36 -0.09
N TYR B 204 11.14 20.77 0.79
CA TYR B 204 10.90 20.84 2.21
C TYR B 204 11.19 22.22 2.78
N LEU B 205 12.04 23.00 2.13
CA LEU B 205 12.32 24.36 2.58
C LEU B 205 11.27 25.35 2.11
N TRP B 206 10.63 25.10 0.97
CA TRP B 206 9.61 26.03 0.50
C TRP B 206 8.20 25.67 0.95
N SER B 207 7.87 24.40 1.13
CA SER B 207 6.52 24.03 1.50
C SER B 207 6.34 23.78 2.99
N PHE B 208 7.40 23.51 3.73
CA PHE B 208 7.25 23.13 5.12
C PHE B 208 7.90 24.10 6.09
N ILE B 209 9.13 24.54 5.82
CA ILE B 209 9.84 25.40 6.76
C ILE B 209 9.28 26.82 6.73
N LEU B 210 8.97 27.34 5.54
CA LEU B 210 8.63 28.77 5.45
C LEU B 210 7.22 29.09 5.95
N PRO B 211 6.15 28.41 5.52
CA PRO B 211 4.83 28.75 6.09
C PRO B 211 4.70 28.47 7.58
N LEU B 212 5.47 27.52 8.12
CA LEU B 212 5.48 27.36 9.57
C LEU B 212 6.11 28.57 10.25
N GLY B 213 7.16 29.13 9.65
CA GLY B 213 7.73 30.35 10.17
C GLY B 213 6.78 31.52 10.08
N LEU B 214 6.01 31.58 8.99
CA LEU B 214 5.00 32.64 8.87
C LEU B 214 3.89 32.49 9.91
N ILE B 215 3.46 31.26 10.17
CA ILE B 215 2.43 31.03 11.18
C ILE B 215 2.93 31.40 12.57
N ILE B 216 4.17 31.00 12.90
CA ILE B 216 4.73 31.32 14.20
C ILE B 216 4.96 32.82 14.35
N ALA B 217 5.39 33.49 13.28
CA ALA B 217 5.56 34.94 13.33
C ALA B 217 4.23 35.67 13.49
N ALA B 218 3.19 35.20 12.80
CA ALA B 218 1.86 35.78 12.96
C ALA B 218 1.22 35.44 14.30
N SER B 219 1.72 34.42 14.99
CA SER B 219 1.25 34.13 16.34
C SER B 219 1.56 35.23 17.34
N TRP B 220 2.68 35.93 17.14
CA TRP B 220 3.11 36.93 18.10
C TRP B 220 2.24 38.18 18.09
N SER B 221 1.44 38.37 17.05
CA SER B 221 0.59 39.55 16.95
C SER B 221 -0.80 39.29 17.52
N VAL B 222 -0.86 38.76 18.73
CA VAL B 222 -2.08 38.74 19.51
C VAL B 222 -2.03 39.70 20.68
N PHE B 223 -0.86 40.25 20.98
CA PHE B 223 -0.74 41.27 22.03
C PHE B 223 -1.10 42.65 21.54
N TRP B 224 -1.39 42.82 20.25
CA TRP B 224 -1.96 44.05 19.75
C TRP B 224 -3.45 44.14 19.97
N LEU B 225 -4.10 43.03 20.32
CA LEU B 225 -5.51 43.05 20.64
C LEU B 225 -5.75 43.76 21.97
N GLU B 226 -6.85 44.50 22.05
CA GLU B 226 -7.07 45.38 23.18
C GLU B 226 -7.64 44.63 24.39
N SER B 227 -8.63 43.77 24.16
CA SER B 227 -9.34 43.11 25.24
C SER B 227 -8.53 41.92 25.77
N PHE B 228 -9.17 41.11 26.61
CA PHE B 228 -8.56 39.89 27.13
C PHE B 228 -9.20 38.62 26.59
N SER B 229 -10.53 38.58 26.48
CA SER B 229 -11.19 37.41 25.91
C SER B 229 -10.86 37.25 24.43
N GLU B 230 -10.65 38.35 23.73
CA GLU B 230 -10.21 38.32 22.35
C GLU B 230 -8.86 37.62 22.23
N ARG B 231 -7.96 37.91 23.16
CA ARG B 231 -6.64 37.29 23.15
C ARG B 231 -6.71 35.78 23.35
N LEU B 232 -7.54 35.32 24.28
CA LEU B 232 -7.64 33.88 24.53
C LEU B 232 -8.29 33.15 23.36
N GLN B 233 -9.37 33.71 22.82
CA GLN B 233 -10.02 33.06 21.68
C GLN B 233 -9.10 33.02 20.46
N THR B 234 -8.35 34.11 20.25
CA THR B 234 -7.39 34.15 19.15
C THR B 234 -6.25 33.17 19.35
N SER B 235 -5.77 33.02 20.60
CA SER B 235 -4.70 32.06 20.86
C SER B 235 -5.16 30.63 20.65
N PHE B 236 -6.42 30.32 21.00
CA PHE B 236 -6.91 28.97 20.76
C PHE B 236 -7.12 28.69 19.28
N THR B 237 -7.53 29.71 18.51
CA THR B 237 -7.57 29.55 17.06
C THR B 237 -6.18 29.28 16.49
N LEU B 238 -5.17 29.98 16.99
CA LEU B 238 -3.80 29.72 16.56
C LEU B 238 -3.32 28.33 16.95
N MET B 239 -3.74 27.84 18.12
CA MET B 239 -3.37 26.48 18.53
C MET B 239 -3.97 25.45 17.59
N LEU B 240 -5.23 25.64 17.18
CA LEU B 240 -5.82 24.75 16.19
C LEU B 240 -5.10 24.83 14.85
N THR B 241 -4.66 26.02 14.46
CA THR B 241 -3.88 26.17 13.23
C THR B 241 -2.55 25.41 13.31
N VAL B 242 -1.87 25.48 14.45
CA VAL B 242 -0.61 24.77 14.60
C VAL B 242 -0.81 23.25 14.61
N VAL B 243 -1.91 22.77 15.22
CA VAL B 243 -2.20 21.33 15.19
C VAL B 243 -2.49 20.87 13.76
N ALA B 244 -3.27 21.65 13.01
CA ALA B 244 -3.55 21.31 11.62
C ALA B 244 -2.29 21.32 10.77
N TYR B 245 -1.39 22.27 11.01
CA TYR B 245 -0.12 22.29 10.28
C TYR B 245 0.77 21.11 10.67
N ALA B 246 0.75 20.74 11.94
CA ALA B 246 1.52 19.58 12.39
C ALA B 246 1.08 18.32 11.68
N PHE B 247 -0.23 18.16 11.54
CA PHE B 247 -0.72 17.01 10.80
C PHE B 247 -0.45 17.10 9.31
N TYR B 248 -0.50 18.32 8.76
CA TYR B 248 -0.23 18.48 7.34
C TYR B 248 1.20 18.09 7.00
N THR B 249 2.17 18.49 7.82
CA THR B 249 3.51 18.00 7.60
C THR B 249 3.64 16.51 7.89
N SER B 250 3.10 16.03 9.01
CA SER B 250 3.35 14.66 9.43
C SER B 250 2.65 13.62 8.57
N ASN B 251 1.75 14.01 7.66
CA ASN B 251 1.29 13.02 6.70
C ASN B 251 2.30 12.92 5.56
N ILE B 252 2.65 14.04 4.96
CA ILE B 252 3.57 14.08 3.82
C ILE B 252 5.06 13.86 4.11
N LEU B 253 5.42 13.27 5.24
CA LEU B 253 6.83 13.07 5.55
C LEU B 253 7.12 11.62 5.92
N PRO B 254 8.37 11.19 5.72
CA PRO B 254 8.85 9.83 5.99
C PRO B 254 8.74 9.46 7.46
N ARG B 255 8.30 8.24 7.76
CA ARG B 255 8.15 7.83 9.15
C ARG B 255 9.52 7.54 9.75
N LEU B 256 9.76 8.05 10.95
CA LEU B 256 11.04 7.93 11.61
C LEU B 256 10.82 7.68 13.09
N PRO B 257 11.77 7.03 13.77
CA PRO B 257 11.68 6.85 15.22
C PRO B 257 12.27 7.97 16.05
N TYR B 258 12.50 9.15 15.48
CA TYR B 258 13.06 10.28 16.21
C TYR B 258 12.63 11.58 15.56
N THR B 259 12.81 12.68 16.28
CA THR B 259 12.35 13.98 15.82
C THR B 259 13.37 14.65 14.93
N THR B 260 12.93 15.04 13.74
CA THR B 260 13.76 15.73 12.77
C THR B 260 13.71 17.23 13.00
N VAL B 261 14.20 18.01 12.04
CA VAL B 261 14.19 19.46 12.17
C VAL B 261 12.77 20.00 12.14
N ILE B 262 11.98 19.54 11.18
CA ILE B 262 10.61 20.00 11.03
C ILE B 262 9.81 19.68 12.29
N ASP B 263 10.08 18.52 12.87
CA ASP B 263 9.44 18.11 14.12
C ASP B 263 9.86 19.05 15.25
N GLN B 264 11.13 19.46 15.25
CA GLN B 264 11.62 20.38 16.27
C GLN B 264 10.91 21.71 16.14
N MET B 265 10.60 22.13 14.92
CA MET B 265 9.92 23.39 14.71
C MET B 265 8.44 23.32 15.08
N ILE B 266 7.80 22.17 14.91
CA ILE B 266 6.41 22.02 15.33
C ILE B 266 6.29 22.15 16.85
N ILE B 267 7.20 21.52 17.60
CA ILE B 267 7.21 21.64 19.05
C ILE B 267 7.56 23.06 19.47
N ALA B 268 8.42 23.75 18.72
CA ALA B 268 8.67 25.16 18.98
C ALA B 268 7.41 26.00 18.78
N GLY B 269 6.60 25.65 17.78
CA GLY B 269 5.33 26.34 17.58
C GLY B 269 4.35 26.11 18.72
N TYR B 270 4.24 24.86 19.20
CA TYR B 270 3.41 24.57 20.36
C TYR B 270 3.89 25.33 21.59
N GLY B 271 5.20 25.38 21.80
CA GLY B 271 5.73 26.12 22.93
C GLY B 271 5.49 27.61 22.82
N SER B 272 5.56 28.15 21.59
CA SER B 272 5.25 29.56 21.39
C SER B 272 3.80 29.88 21.70
N ILE B 273 2.87 29.01 21.27
CA ILE B 273 1.45 29.22 21.57
C ILE B 273 1.21 29.15 23.07
N PHE B 274 1.80 28.16 23.73
CA PHE B 274 1.57 28.01 25.18
C PHE B 274 2.22 29.13 25.98
N ALA B 275 3.39 29.61 25.55
CA ALA B 275 3.99 30.76 26.19
C ALA B 275 3.17 32.02 25.98
N ALA B 276 2.59 32.19 24.79
CA ALA B 276 1.72 33.34 24.56
C ALA B 276 0.50 33.29 25.47
N ILE B 277 -0.10 32.12 25.63
CA ILE B 277 -1.25 31.97 26.52
C ILE B 277 -0.86 32.27 27.96
N LEU B 278 0.32 31.79 28.38
CA LEU B 278 0.78 32.04 29.75
C LEU B 278 1.02 33.52 30.01
N LEU B 279 1.63 34.23 29.05
CA LEU B 279 1.82 35.67 29.20
C LEU B 279 0.51 36.44 29.19
N ILE B 280 -0.46 36.04 28.36
CA ILE B 280 -1.78 36.70 28.39
C ILE B 280 -2.45 36.51 29.75
N ILE B 281 -2.37 35.30 30.31
CA ILE B 281 -2.97 35.05 31.61
C ILE B 281 -2.26 35.84 32.70
N PHE B 282 -0.93 35.87 32.67
CA PHE B 282 -0.17 36.57 33.72
C PHE B 282 -0.34 38.08 33.61
N ALA B 283 -0.53 38.60 32.40
CA ALA B 283 -0.85 40.01 32.26
C ALA B 283 -2.27 40.32 32.70
N HIS B 284 -3.19 39.38 32.48
CA HIS B 284 -4.55 39.56 32.98
C HIS B 284 -4.60 39.46 34.50
N HIS B 285 -3.86 38.52 35.08
CA HIS B 285 -3.98 38.23 36.50
C HIS B 285 -3.35 39.28 37.39
N ARG B 286 -2.57 40.21 36.84
CA ARG B 286 -1.91 41.24 37.62
C ARG B 286 -2.93 42.32 37.95
N GLN B 287 -3.78 42.02 38.94
CA GLN B 287 -4.83 42.92 39.41
C GLN B 287 -4.81 42.97 40.93
N ALA B 288 -5.24 44.12 41.48
CA ALA B 288 -5.35 44.23 42.93
C ALA B 288 -6.49 43.38 43.48
N ASN B 289 -7.67 43.49 42.87
CA ASN B 289 -8.81 42.66 43.26
C ASN B 289 -9.59 42.10 42.07
N GLY B 290 -9.32 42.53 40.85
CA GLY B 290 -10.02 42.00 39.70
C GLY B 290 -10.38 43.04 38.65
N VAL B 291 -10.07 44.30 38.93
CA VAL B 291 -10.42 45.39 38.02
C VAL B 291 -9.21 46.19 37.54
N GLU B 292 -8.05 46.03 38.17
CA GLU B 292 -6.88 46.83 37.79
C GLU B 292 -6.24 46.27 36.53
N ASP B 293 -6.17 47.11 35.50
CA ASP B 293 -5.63 46.70 34.20
C ASP B 293 -4.11 46.64 34.27
N ASP B 294 -3.49 46.25 33.14
CA ASP B 294 -2.05 46.12 33.08
C ASP B 294 -1.54 46.53 31.70
N LEU B 295 -0.37 47.18 31.70
CA LEU B 295 0.36 47.48 30.47
C LEU B 295 1.85 47.21 30.57
N LEU B 296 2.42 47.07 31.77
CA LEU B 296 3.86 46.91 31.92
C LEU B 296 4.34 45.58 31.38
N ILE B 297 3.61 44.49 31.66
CA ILE B 297 3.96 43.18 31.14
C ILE B 297 3.77 43.09 29.63
N GLN B 298 2.87 43.89 29.06
CA GLN B 298 2.57 43.87 27.63
C GLN B 298 3.53 44.70 26.80
N ARG B 299 4.74 44.97 27.31
CA ARG B 299 5.82 45.50 26.49
C ARG B 299 6.55 44.40 25.73
N CYS B 300 6.13 43.15 25.90
CA CYS B 300 6.72 42.01 25.21
C CYS B 300 6.15 41.81 23.81
N ARG B 301 5.51 42.82 23.23
CA ARG B 301 5.17 42.79 21.82
C ARG B 301 6.42 42.88 20.93
N LEU B 302 7.52 43.41 21.46
CA LEU B 302 8.78 43.46 20.74
C LEU B 302 9.92 42.73 21.45
N ALA B 303 9.67 42.13 22.61
CA ALA B 303 10.69 41.41 23.37
C ALA B 303 10.52 39.90 23.36
N PHE B 304 9.30 39.42 23.53
CA PHE B 304 9.03 37.99 23.46
C PHE B 304 9.33 37.36 22.09
N PRO B 305 8.99 37.96 20.93
CA PRO B 305 9.50 37.40 19.66
C PRO B 305 11.01 37.32 19.57
N LEU B 306 11.71 38.34 20.06
CA LEU B 306 13.17 38.32 20.03
C LEU B 306 13.73 37.26 20.97
N GLY B 307 13.12 37.09 22.14
CA GLY B 307 13.56 36.04 23.05
C GLY B 307 13.34 34.65 22.49
N PHE B 308 12.19 34.43 21.83
CA PHE B 308 11.95 33.14 21.19
C PHE B 308 12.90 32.89 20.04
N LEU B 309 13.21 33.92 19.24
CA LEU B 309 14.18 33.78 18.17
C LEU B 309 15.57 33.48 18.71
N ALA B 310 15.95 34.09 19.83
CA ALA B 310 17.24 33.80 20.45
C ALA B 310 17.28 32.35 20.96
N ILE B 311 16.17 31.88 21.54
CA ILE B 311 16.09 30.48 21.99
C ILE B 311 16.24 29.53 20.81
N GLY B 312 15.57 29.83 19.71
CA GLY B 312 15.70 29.00 18.52
C GLY B 312 17.10 29.01 17.92
N CYS B 313 17.75 30.18 17.93
CA CYS B 313 19.12 30.26 17.42
C CYS B 313 20.10 29.53 18.31
N VAL B 314 19.87 29.53 19.63
CA VAL B 314 20.66 28.70 20.54
C VAL B 314 20.44 27.22 20.23
N LEU B 315 19.18 26.82 19.99
CA LEU B 315 18.88 25.42 19.73
C LEU B 315 19.41 24.94 18.39
N VAL B 316 19.55 25.82 17.40
CA VAL B 316 20.15 25.42 16.12
C VAL B 316 21.63 25.10 16.31
N ILE B 317 22.36 25.98 16.99
CA ILE B 317 23.78 25.78 17.25
C ILE B 317 23.99 24.63 18.24
N PRO C 11 26.73 -10.55 -39.92
CA PRO C 11 25.77 -10.18 -38.88
C PRO C 11 24.35 -10.57 -39.25
N VAL C 12 23.56 -10.96 -38.25
CA VAL C 12 22.19 -11.39 -38.47
C VAL C 12 21.28 -10.17 -38.38
N ASP C 13 20.42 -10.00 -39.38
CA ASP C 13 19.51 -8.86 -39.45
C ASP C 13 18.20 -9.24 -38.78
N VAL C 14 17.87 -8.56 -37.69
CA VAL C 14 16.68 -8.86 -36.91
C VAL C 14 15.70 -7.71 -37.07
N SER C 15 14.46 -8.02 -37.44
CA SER C 15 13.40 -7.03 -37.64
C SER C 15 12.46 -7.09 -36.45
N VAL C 16 12.32 -6.00 -35.74
CA VAL C 16 11.50 -5.96 -34.53
C VAL C 16 10.20 -5.24 -34.83
N SER C 17 9.11 -5.69 -34.19
CA SER C 17 7.85 -4.98 -34.20
C SER C 17 7.33 -4.94 -32.78
N ILE C 18 6.97 -3.77 -32.28
CA ILE C 18 6.48 -3.61 -30.92
C ILE C 18 5.04 -3.15 -30.98
N PHE C 19 4.15 -3.87 -30.30
CA PHE C 19 2.75 -3.52 -30.18
C PHE C 19 2.56 -3.00 -28.77
N ILE C 20 2.05 -1.78 -28.62
CA ILE C 20 1.78 -1.21 -27.31
C ILE C 20 0.30 -1.38 -27.04
N ASN C 21 -0.03 -2.06 -25.94
CA ASN C 21 -1.44 -2.30 -25.61
C ASN C 21 -1.98 -1.21 -24.71
N LYS C 22 -1.26 -0.91 -23.62
CA LYS C 22 -1.66 0.17 -22.74
C LYS C 22 -0.44 0.69 -21.98
N ILE C 23 -0.46 1.99 -21.69
CA ILE C 23 0.54 2.64 -20.86
C ILE C 23 -0.18 3.25 -19.67
N TYR C 24 0.24 2.90 -18.47
CA TYR C 24 -0.50 3.26 -17.27
C TYR C 24 0.45 3.26 -16.10
N GLY C 25 -0.10 3.54 -14.92
CA GLY C 25 0.64 3.38 -13.67
C GLY C 25 1.85 4.25 -13.51
N VAL C 26 1.77 5.52 -13.90
CA VAL C 26 2.91 6.43 -13.84
C VAL C 26 3.20 6.74 -12.38
N ASN C 27 4.44 6.53 -11.97
CA ASN C 27 4.87 6.73 -10.60
C ASN C 27 5.88 7.87 -10.59
N THR C 28 5.50 9.01 -10.04
CA THR C 28 6.30 10.22 -10.16
C THR C 28 7.53 10.21 -9.27
N LEU C 29 7.44 9.60 -8.10
CA LEU C 29 8.57 9.60 -7.19
C LEU C 29 9.75 8.79 -7.71
N GLU C 30 9.46 7.59 -8.22
CA GLU C 30 10.50 6.72 -8.75
C GLU C 30 10.73 6.93 -10.23
N GLN C 31 9.94 7.81 -10.85
CA GLN C 31 10.01 8.11 -12.28
C GLN C 31 9.85 6.90 -13.19
N THR C 32 8.85 6.07 -12.92
CA THR C 32 8.56 4.88 -13.71
C THR C 32 7.17 4.95 -14.31
N TYR C 33 6.90 4.00 -15.20
CA TYR C 33 5.59 3.78 -15.79
C TYR C 33 5.55 2.34 -16.25
N LYS C 34 4.35 1.84 -16.52
CA LYS C 34 4.17 0.45 -16.90
C LYS C 34 3.64 0.36 -18.32
N VAL C 35 4.32 -0.40 -19.16
CA VAL C 35 3.91 -0.64 -20.54
C VAL C 35 3.58 -2.11 -20.69
N ASP C 36 2.47 -2.40 -21.35
CA ASP C 36 2.03 -3.76 -21.62
C ASP C 36 1.91 -3.92 -23.12
N GLY C 37 2.34 -5.06 -23.65
CA GLY C 37 2.23 -5.25 -25.09
C GLY C 37 2.99 -6.49 -25.53
N TYR C 38 3.26 -6.53 -26.84
CA TYR C 38 3.92 -7.65 -27.48
C TYR C 38 5.24 -7.18 -28.08
N ILE C 39 6.08 -8.15 -28.42
CA ILE C 39 7.31 -7.91 -29.18
C ILE C 39 7.49 -9.05 -30.15
N VAL C 40 7.79 -8.71 -31.41
CA VAL C 40 7.90 -9.68 -32.49
C VAL C 40 9.24 -9.47 -33.17
N ALA C 41 10.21 -10.34 -32.91
CA ALA C 41 11.48 -10.31 -33.61
C ALA C 41 11.49 -11.37 -34.71
N GLN C 42 12.20 -11.06 -35.79
CA GLN C 42 12.18 -11.90 -36.98
C GLN C 42 13.53 -11.87 -37.68
N TRP C 43 14.17 -13.03 -37.80
CA TRP C 43 15.45 -13.13 -38.49
C TRP C 43 15.41 -14.37 -39.39
N THR C 44 16.51 -14.58 -40.11
CA THR C 44 16.62 -15.67 -41.07
C THR C 44 17.84 -16.51 -40.73
N GLY C 45 17.64 -17.81 -40.56
CA GLY C 45 18.75 -18.70 -40.27
C GLY C 45 19.00 -19.73 -41.35
N LYS C 46 19.27 -20.97 -40.96
CA LYS C 46 19.50 -22.09 -41.85
C LYS C 46 18.17 -22.73 -42.25
N PRO C 47 18.08 -23.26 -43.47
CA PRO C 47 16.88 -24.00 -43.86
C PRO C 47 16.74 -25.29 -43.07
N ARG C 48 15.50 -25.73 -42.92
CA ARG C 48 15.23 -26.92 -42.13
C ARG C 48 14.02 -27.64 -42.71
N LYS C 49 13.85 -28.89 -42.28
CA LYS C 49 12.75 -29.73 -42.72
C LYS C 49 11.76 -29.88 -41.57
N THR C 50 10.60 -29.25 -41.71
CA THR C 50 9.53 -29.30 -40.72
C THR C 50 8.54 -30.39 -41.09
N PRO C 51 7.67 -30.80 -40.13
CA PRO C 51 6.57 -31.71 -40.49
C PRO C 51 5.67 -31.17 -41.59
N GLY C 52 5.68 -31.84 -42.74
CA GLY C 52 5.00 -31.31 -43.90
C GLY C 52 5.80 -30.17 -44.51
N ASP C 53 5.09 -29.20 -45.06
CA ASP C 53 5.70 -27.96 -45.52
C ASP C 53 5.25 -26.75 -44.71
N LYS C 54 4.19 -26.89 -43.92
CA LYS C 54 3.69 -25.79 -43.11
C LYS C 54 4.70 -25.42 -42.02
N PRO C 55 4.72 -24.17 -41.59
CA PRO C 55 5.62 -23.77 -40.50
C PRO C 55 5.25 -24.42 -39.19
N LEU C 56 6.26 -24.65 -38.36
CA LEU C 56 6.11 -25.32 -37.07
C LEU C 56 6.03 -24.32 -35.92
N ILE C 57 5.17 -24.59 -34.94
CA ILE C 57 4.98 -23.69 -33.80
C ILE C 57 5.42 -24.30 -32.48
N VAL C 58 6.24 -23.56 -31.72
CA VAL C 58 6.74 -24.02 -30.44
C VAL C 58 6.19 -23.12 -29.33
N GLU C 59 5.58 -23.69 -28.31
CA GLU C 59 4.98 -22.88 -27.26
C GLU C 59 5.91 -22.42 -26.14
N ASN C 60 5.32 -22.13 -24.99
CA ASN C 60 6.07 -21.58 -23.86
C ASN C 60 7.17 -22.40 -23.20
N THR C 61 6.93 -23.67 -22.94
CA THR C 61 7.94 -24.48 -22.27
C THR C 61 8.79 -25.21 -23.25
N GLN C 62 8.19 -25.52 -24.39
CA GLN C 62 8.90 -26.19 -25.47
C GLN C 62 10.07 -25.43 -26.08
N ILE C 63 10.07 -24.11 -25.97
CA ILE C 63 11.18 -23.35 -26.54
C ILE C 63 12.48 -23.72 -25.87
N GLU C 64 12.49 -23.89 -24.55
CA GLU C 64 13.71 -24.27 -23.84
C GLU C 64 14.23 -25.61 -24.33
N ARG C 65 13.34 -26.50 -24.76
CA ARG C 65 13.78 -27.76 -25.31
C ARG C 65 14.49 -27.61 -26.64
N TRP C 66 14.05 -26.68 -27.47
CA TRP C 66 14.69 -26.44 -28.76
C TRP C 66 16.02 -25.71 -28.63
N ILE C 67 16.14 -24.82 -27.65
CA ILE C 67 17.40 -24.11 -27.43
C ILE C 67 18.49 -25.05 -26.93
N ASN C 68 18.14 -26.02 -26.09
CA ASN C 68 19.11 -27.00 -25.61
C ASN C 68 19.67 -27.85 -26.74
N ASN C 69 18.88 -28.07 -27.80
CA ASN C 69 19.33 -28.85 -28.94
C ASN C 69 20.12 -28.03 -29.95
N GLY C 70 20.30 -26.73 -29.69
CA GLY C 70 21.17 -25.91 -30.50
C GLY C 70 20.51 -24.83 -31.33
N LEU C 71 19.24 -24.54 -31.09
CA LEU C 71 18.59 -23.45 -31.82
C LEU C 71 19.09 -22.11 -31.30
N TRP C 72 19.32 -21.17 -32.22
CA TRP C 72 19.84 -19.86 -31.87
C TRP C 72 18.67 -18.90 -31.70
N VAL C 73 18.39 -18.53 -30.46
CA VAL C 73 17.39 -17.53 -30.13
C VAL C 73 18.09 -16.47 -29.30
N PRO C 74 18.25 -15.25 -29.80
CA PRO C 74 18.92 -14.21 -29.01
C PRO C 74 18.04 -13.69 -27.89
N ALA C 75 18.69 -13.19 -26.85
CA ALA C 75 18.02 -12.60 -25.71
C ALA C 75 18.00 -11.09 -25.91
N LEU C 76 16.82 -10.56 -26.19
CA LEU C 76 16.63 -9.12 -26.37
C LEU C 76 16.29 -8.50 -25.04
N GLU C 77 17.05 -7.48 -24.65
CA GLU C 77 16.93 -6.86 -23.34
C GLU C 77 16.29 -5.48 -23.49
N PHE C 78 15.42 -5.14 -22.56
CA PHE C 78 14.97 -3.77 -22.40
C PHE C 78 15.94 -3.04 -21.49
N ILE C 79 16.55 -1.97 -22.00
CA ILE C 79 17.62 -1.32 -21.28
C ILE C 79 17.09 -0.57 -20.07
N ASN C 80 15.95 0.11 -20.21
CA ASN C 80 15.42 0.95 -19.15
C ASN C 80 14.33 0.28 -18.33
N VAL C 81 14.16 -1.03 -18.46
CA VAL C 81 13.21 -1.72 -17.59
C VAL C 81 13.77 -1.79 -16.18
N VAL C 82 12.88 -1.77 -15.20
CA VAL C 82 13.25 -1.88 -13.79
C VAL C 82 12.91 -3.28 -13.35
N GLY C 83 13.93 -4.07 -13.02
CA GLY C 83 13.71 -5.45 -12.65
C GLY C 83 13.78 -6.38 -13.83
N SER C 84 12.68 -7.10 -14.08
CA SER C 84 12.58 -8.03 -15.18
C SER C 84 11.13 -8.04 -15.63
N PRO C 85 10.85 -8.03 -16.93
CA PRO C 85 9.47 -8.01 -17.39
C PRO C 85 8.74 -9.29 -17.04
N ASP C 86 7.44 -9.17 -16.86
CA ASP C 86 6.60 -10.32 -16.54
C ASP C 86 6.17 -10.92 -17.88
N THR C 87 7.01 -11.82 -18.39
CA THR C 87 6.76 -12.42 -19.69
C THR C 87 5.62 -13.42 -19.58
N GLY C 88 4.57 -13.21 -20.37
CA GLY C 88 3.45 -14.13 -20.39
C GLY C 88 3.69 -15.25 -21.37
N ASN C 89 2.78 -15.42 -22.33
CA ASN C 89 2.98 -16.40 -23.37
C ASN C 89 4.09 -15.96 -24.31
N LYS C 90 4.82 -16.94 -24.85
CA LYS C 90 5.84 -16.67 -25.86
C LYS C 90 5.87 -17.85 -26.81
N ARG C 91 6.30 -17.60 -28.03
CA ARG C 91 6.32 -18.67 -29.01
C ARG C 91 7.38 -18.42 -30.07
N LEU C 92 7.71 -19.50 -30.77
CA LEU C 92 8.61 -19.48 -31.93
C LEU C 92 7.85 -20.07 -33.10
N MET C 93 7.96 -19.46 -34.27
CA MET C 93 7.41 -20.02 -35.49
C MET C 93 8.56 -20.25 -36.45
N LEU C 94 8.84 -21.52 -36.74
CA LEU C 94 9.97 -21.92 -37.56
C LEU C 94 9.49 -22.26 -38.96
N PHE C 95 10.07 -21.62 -39.96
CA PHE C 95 9.68 -21.88 -41.33
C PHE C 95 10.68 -22.80 -42.01
N PRO C 96 10.24 -23.62 -42.96
CA PRO C 96 11.19 -24.44 -43.72
C PRO C 96 12.15 -23.63 -44.57
N ASP C 97 11.79 -22.39 -44.90
CA ASP C 97 12.67 -21.49 -45.64
C ASP C 97 13.91 -21.19 -44.81
N GLY C 98 13.75 -21.08 -43.49
CA GLY C 98 14.85 -20.74 -42.62
C GLY C 98 14.53 -19.50 -41.82
N ARG C 99 13.34 -18.96 -42.04
CA ARG C 99 12.88 -17.75 -41.37
C ARG C 99 12.32 -18.12 -40.00
N VAL C 100 12.74 -17.38 -38.98
CA VAL C 100 12.35 -17.63 -37.60
C VAL C 100 11.64 -16.39 -37.06
N ILE C 101 10.52 -16.58 -36.38
CA ILE C 101 9.75 -15.49 -35.82
C ILE C 101 9.53 -15.77 -34.34
N TYR C 102 9.97 -14.84 -33.49
CA TYR C 102 9.85 -14.98 -32.05
C TYR C 102 8.88 -13.94 -31.53
N ASN C 103 7.73 -14.38 -31.03
CA ASN C 103 6.70 -13.50 -30.53
C ASN C 103 6.51 -13.74 -29.05
N ALA C 104 6.53 -12.68 -28.26
CA ALA C 104 6.41 -12.78 -26.81
C ALA C 104 5.62 -11.60 -26.29
N ARG C 105 5.01 -11.79 -25.12
CA ARG C 105 4.21 -10.76 -24.48
C ARG C 105 4.88 -10.33 -23.18
N PHE C 106 4.95 -9.03 -22.94
CA PHE C 106 5.63 -8.51 -21.77
C PHE C 106 4.72 -7.56 -21.00
N LEU C 107 5.02 -7.41 -19.71
CA LEU C 107 4.52 -6.31 -18.88
C LEU C 107 5.68 -5.86 -18.02
N GLY C 108 6.24 -4.71 -18.34
CA GLY C 108 7.41 -4.23 -17.64
C GLY C 108 7.12 -2.93 -16.93
N SER C 109 8.05 -2.53 -16.06
CA SER C 109 8.00 -1.25 -15.38
C SER C 109 9.23 -0.45 -15.83
N PHE C 110 9.02 0.41 -16.81
CA PHE C 110 10.11 1.11 -17.46
C PHE C 110 10.41 2.41 -16.73
N SER C 111 11.55 3.02 -17.04
CA SER C 111 11.98 4.24 -16.38
C SER C 111 12.48 5.24 -17.39
N ASN C 112 12.42 6.52 -17.02
CA ASN C 112 12.85 7.61 -17.88
C ASN C 112 13.16 8.82 -17.01
N ASP C 113 13.66 9.89 -17.64
CA ASP C 113 13.92 11.15 -16.98
C ASP C 113 12.69 12.03 -17.14
N MET C 114 11.85 12.04 -16.12
CA MET C 114 10.54 12.66 -16.18
C MET C 114 10.54 13.97 -15.42
N ASP C 115 9.92 14.99 -16.03
CA ASP C 115 9.90 16.35 -15.51
C ASP C 115 8.46 16.71 -15.19
N PHE C 116 8.11 16.78 -13.91
CA PHE C 116 6.77 17.13 -13.48
C PHE C 116 6.69 18.53 -12.89
N ARG C 117 7.57 19.44 -13.30
CA ARG C 117 7.61 20.77 -12.70
C ARG C 117 6.46 21.66 -13.13
N LEU C 118 5.72 21.29 -14.16
CA LEU C 118 4.50 21.99 -14.58
C LEU C 118 3.42 20.93 -14.48
N PHE C 119 2.88 20.70 -13.28
CA PHE C 119 2.25 19.40 -13.02
C PHE C 119 0.93 19.20 -13.76
N PRO C 120 -0.10 20.06 -13.62
CA PRO C 120 -1.34 19.75 -14.32
C PRO C 120 -1.23 19.91 -15.82
N PHE C 121 -0.37 20.82 -16.28
CA PHE C 121 -0.21 21.13 -17.70
C PHE C 121 1.03 20.47 -18.26
N ASP C 122 1.26 19.24 -17.83
CA ASP C 122 2.48 18.50 -18.06
C ASP C 122 2.59 18.04 -19.51
N ARG C 123 3.79 17.61 -19.88
CA ARG C 123 4.02 17.04 -21.20
C ARG C 123 5.21 16.10 -21.09
N GLN C 124 4.94 14.79 -21.08
CA GLN C 124 5.95 13.77 -20.93
C GLN C 124 6.09 12.97 -22.21
N GLN C 125 7.15 12.17 -22.28
CA GLN C 125 7.29 11.19 -23.33
C GLN C 125 7.78 9.88 -22.73
N PHE C 126 7.24 8.78 -23.24
CA PHE C 126 7.49 7.45 -22.73
C PHE C 126 8.46 6.73 -23.65
N VAL C 127 9.56 6.24 -23.10
CA VAL C 127 10.68 5.73 -23.88
C VAL C 127 10.85 4.25 -23.58
N LEU C 128 10.95 3.44 -24.63
CA LEU C 128 11.35 2.04 -24.54
C LEU C 128 12.66 1.88 -25.30
N GLU C 129 13.67 1.32 -24.66
CA GLU C 129 14.95 1.06 -25.29
C GLU C 129 15.22 -0.44 -25.32
N LEU C 130 15.56 -0.95 -26.49
CA LEU C 130 15.73 -2.37 -26.70
C LEU C 130 17.13 -2.64 -27.25
N GLU C 131 17.78 -3.69 -26.77
CA GLU C 131 19.16 -3.96 -27.13
C GLU C 131 19.44 -5.44 -26.92
N PRO C 132 20.23 -6.08 -27.78
CA PRO C 132 20.65 -7.46 -27.50
C PRO C 132 21.50 -7.51 -26.24
N PHE C 133 21.33 -8.58 -25.47
CA PHE C 133 22.04 -8.65 -24.21
C PHE C 133 23.52 -8.98 -24.41
N SER C 134 23.87 -9.68 -25.47
CA SER C 134 25.21 -10.25 -25.56
C SER C 134 25.93 -10.05 -26.90
N TYR C 135 25.18 -9.80 -27.96
CA TYR C 135 25.74 -9.80 -29.31
C TYR C 135 25.94 -8.37 -29.79
N ASN C 136 27.16 -8.04 -30.18
CA ASN C 136 27.45 -6.72 -30.73
C ASN C 136 27.00 -6.66 -32.19
N ASN C 137 27.16 -5.51 -32.83
CA ASN C 137 26.59 -5.33 -34.15
C ASN C 137 27.38 -6.02 -35.26
N GLN C 138 28.50 -6.66 -34.93
CA GLN C 138 29.17 -7.56 -35.86
C GLN C 138 28.55 -8.95 -35.85
N GLN C 139 27.62 -9.22 -34.93
CA GLN C 139 26.91 -10.49 -34.89
C GLN C 139 25.40 -10.34 -34.92
N LEU C 140 24.85 -9.18 -34.57
CA LEU C 140 23.41 -8.97 -34.57
C LEU C 140 23.16 -7.48 -34.69
N ARG C 141 22.57 -7.05 -35.81
CA ARG C 141 22.17 -5.67 -35.94
C ARG C 141 20.69 -5.60 -36.32
N PHE C 142 19.99 -4.62 -35.75
CA PHE C 142 18.56 -4.46 -35.99
C PHE C 142 18.25 -3.82 -37.34
N SER C 143 17.52 -4.54 -38.19
CA SER C 143 17.18 -4.03 -39.51
C SER C 143 16.20 -2.86 -39.47
N ASP C 144 14.94 -3.11 -39.13
CA ASP C 144 13.93 -2.06 -39.07
C ASP C 144 12.96 -2.25 -37.91
N ILE C 145 12.25 -1.19 -37.54
CA ILE C 145 11.29 -1.30 -36.44
C ILE C 145 9.96 -0.58 -36.65
N GLN C 146 8.86 -1.32 -36.59
CA GLN C 146 7.53 -0.77 -36.69
C GLN C 146 6.92 -0.79 -35.29
N VAL C 147 6.23 0.28 -34.92
CA VAL C 147 5.57 0.37 -33.62
C VAL C 147 4.09 0.63 -33.85
N TYR C 148 3.24 -0.21 -33.27
CA TYR C 148 1.80 -0.14 -33.44
C TYR C 148 1.17 0.24 -32.11
N THR C 149 0.73 1.49 -32.00
CA THR C 149 0.10 2.01 -30.80
C THR C 149 -1.39 2.25 -31.03
N GLU C 150 -2.03 1.34 -31.74
CA GLU C 150 -3.40 1.60 -32.21
C GLU C 150 -4.42 1.46 -31.09
N ASN C 151 -4.03 0.85 -29.97
CA ASN C 151 -5.00 0.59 -28.90
C ASN C 151 -5.13 1.77 -27.96
N ILE C 152 -4.07 2.55 -27.77
CA ILE C 152 -4.08 3.67 -26.83
C ILE C 152 -4.70 4.89 -27.53
N ASP C 153 -5.56 5.61 -26.81
CA ASP C 153 -6.47 6.56 -27.43
C ASP C 153 -6.30 7.99 -26.88
N ASN C 154 -7.24 8.86 -27.26
CA ASN C 154 -7.17 10.29 -27.02
C ASN C 154 -8.42 10.83 -26.30
N GLU C 155 -9.35 9.97 -25.92
CA GLU C 155 -10.62 10.43 -25.40
C GLU C 155 -10.48 11.00 -23.98
N GLU C 156 -11.57 11.61 -23.51
CA GLU C 156 -11.54 12.35 -22.25
C GLU C 156 -11.54 11.40 -21.05
N ILE C 157 -11.86 10.13 -21.27
CA ILE C 157 -11.81 9.14 -20.20
C ILE C 157 -10.35 8.86 -19.83
N ASP C 158 -9.49 8.82 -20.84
CA ASP C 158 -8.09 8.52 -20.64
C ASP C 158 -7.36 9.63 -19.89
N GLU C 159 -6.52 9.22 -18.95
CA GLU C 159 -5.72 10.13 -18.16
C GLU C 159 -4.68 10.89 -18.99
N TRP C 160 -4.07 10.22 -19.95
CA TRP C 160 -3.05 10.81 -20.81
C TRP C 160 -3.45 10.85 -22.27
N TRP C 161 -3.26 11.98 -22.93
CA TRP C 161 -3.57 12.12 -24.34
C TRP C 161 -2.33 11.78 -25.16
N ILE C 162 -2.37 10.68 -25.89
CA ILE C 162 -1.25 10.28 -26.72
C ILE C 162 -1.32 11.07 -28.02
N ARG C 163 -0.28 11.86 -28.28
CA ARG C 163 -0.27 12.81 -29.40
C ARG C 163 0.51 12.22 -30.56
N GLY C 164 -0.21 11.71 -31.55
CA GLY C 164 0.41 11.20 -32.76
C GLY C 164 0.98 9.80 -32.59
N LYS C 165 1.56 9.30 -33.67
CA LYS C 165 2.17 7.99 -33.69
C LYS C 165 3.50 8.02 -32.95
N ALA C 166 4.03 6.83 -32.65
CA ALA C 166 5.29 6.72 -31.95
C ALA C 166 6.45 7.07 -32.87
N SER C 167 7.56 7.47 -32.25
CA SER C 167 8.77 7.86 -32.95
C SER C 167 9.86 6.83 -32.68
N THR C 168 10.49 6.34 -33.74
CA THR C 168 11.43 5.23 -33.66
C THR C 168 12.82 5.66 -34.12
N HIS C 169 13.82 4.87 -33.73
CA HIS C 169 15.20 5.21 -33.98
C HIS C 169 16.05 3.96 -33.78
N ILE C 170 17.09 3.80 -34.58
CA ILE C 170 18.06 2.71 -34.44
C ILE C 170 19.46 3.33 -34.46
N SER C 171 20.20 3.12 -33.39
CA SER C 171 21.53 3.70 -33.24
C SER C 171 22.53 2.61 -32.83
N ASP C 172 23.77 3.01 -32.64
CA ASP C 172 24.87 2.11 -32.27
C ASP C 172 25.52 2.65 -31.00
N ILE C 173 25.20 2.05 -29.86
CA ILE C 173 25.79 2.46 -28.59
C ILE C 173 27.15 1.81 -28.41
N ARG C 174 28.14 2.61 -28.01
CA ARG C 174 29.50 2.15 -27.81
C ARG C 174 29.79 2.06 -26.31
N TYR C 175 30.34 0.93 -25.90
CA TYR C 175 30.68 0.67 -24.49
C TYR C 175 32.19 0.67 -24.35
N ASP C 176 32.71 1.59 -23.54
CA ASP C 176 34.16 1.75 -23.43
C ASP C 176 34.81 0.76 -22.47
N HIS C 177 34.03 0.01 -21.69
CA HIS C 177 34.63 -0.92 -20.76
C HIS C 177 35.04 -2.22 -21.43
N LEU C 178 34.61 -2.45 -22.68
CA LEU C 178 34.91 -3.69 -23.40
C LEU C 178 36.19 -3.59 -24.21
N SER C 179 36.92 -2.49 -24.13
CA SER C 179 38.15 -2.35 -24.90
C SER C 179 39.27 -3.24 -24.39
N SER C 180 39.20 -3.68 -23.14
CA SER C 180 40.25 -4.54 -22.58
C SER C 180 40.13 -5.98 -23.08
N VAL C 181 38.92 -6.48 -23.24
CA VAL C 181 38.71 -7.89 -23.56
C VAL C 181 38.17 -8.12 -24.96
N GLN C 182 37.52 -7.14 -25.58
CA GLN C 182 36.95 -7.30 -26.91
C GLN C 182 37.40 -6.12 -27.77
N PRO C 183 38.61 -6.18 -28.31
CA PRO C 183 39.09 -5.06 -29.14
C PRO C 183 38.36 -4.99 -30.46
N ASN C 184 38.08 -3.75 -30.88
CA ASN C 184 37.47 -3.37 -32.16
C ASN C 184 36.03 -3.86 -32.33
N GLN C 185 35.46 -4.48 -31.30
CA GLN C 185 34.08 -4.94 -31.35
C GLN C 185 33.40 -4.66 -29.99
N ASN C 186 32.87 -3.45 -29.88
CA ASN C 186 32.18 -3.05 -28.66
C ASN C 186 30.96 -2.16 -28.94
N GLU C 187 30.50 -2.10 -30.18
CA GLU C 187 29.31 -1.33 -30.52
C GLU C 187 28.11 -2.24 -30.55
N PHE C 188 27.04 -1.84 -29.88
CA PHE C 188 25.82 -2.62 -29.78
C PHE C 188 24.69 -1.86 -30.46
N SER C 189 23.82 -2.58 -31.15
CA SER C 189 22.73 -1.95 -31.88
C SER C 189 21.55 -1.74 -30.94
N ARG C 190 21.07 -0.50 -30.83
CA ARG C 190 20.01 -0.17 -29.89
C ARG C 190 18.83 0.44 -30.64
N ILE C 191 17.63 0.04 -30.23
CA ILE C 191 16.38 0.57 -30.75
C ILE C 191 15.76 1.45 -29.67
N THR C 192 15.36 2.67 -30.04
CA THR C 192 14.67 3.57 -29.13
C THR C 192 13.29 3.90 -29.68
N VAL C 193 12.29 3.88 -28.79
CA VAL C 193 10.90 4.16 -29.15
C VAL C 193 10.38 5.23 -28.21
N ARG C 194 9.91 6.35 -28.75
CA ARG C 194 9.40 7.46 -27.95
C ARG C 194 7.94 7.71 -28.28
N ILE C 195 7.13 7.91 -27.24
CA ILE C 195 5.70 8.15 -27.37
C ILE C 195 5.37 9.40 -26.56
N ASP C 196 4.97 10.46 -27.24
CA ASP C 196 4.66 11.72 -26.57
C ASP C 196 3.25 11.70 -26.01
N ALA C 197 3.09 12.27 -24.82
CA ALA C 197 1.81 12.24 -24.12
C ALA C 197 1.61 13.52 -23.34
N VAL C 198 0.35 13.97 -23.27
CA VAL C 198 -0.04 15.19 -22.58
C VAL C 198 -1.07 14.82 -21.51
N ARG C 199 -0.95 15.44 -20.34
CA ARG C 199 -1.83 15.09 -19.22
C ARG C 199 -3.24 15.63 -19.42
N ASN C 200 -4.19 15.00 -18.73
CA ASN C 200 -5.57 15.48 -18.66
C ASN C 200 -5.68 16.51 -17.55
N PRO C 201 -5.73 17.81 -17.84
CA PRO C 201 -5.63 18.80 -16.77
C PRO C 201 -6.98 19.22 -16.21
N SER C 202 -8.07 18.55 -16.62
CA SER C 202 -9.40 19.05 -16.28
C SER C 202 -9.71 18.89 -14.80
N TYR C 203 -9.39 17.72 -14.23
CA TYR C 203 -9.65 17.46 -12.82
C TYR C 203 -8.89 18.42 -11.92
N TYR C 204 -7.60 18.62 -12.20
CA TYR C 204 -6.77 19.50 -11.39
C TYR C 204 -7.11 20.96 -11.57
N LEU C 205 -7.68 21.33 -12.70
CA LEU C 205 -8.09 22.71 -12.93
C LEU C 205 -9.45 23.02 -12.32
N TRP C 206 -10.32 22.03 -12.19
CA TRP C 206 -11.62 22.30 -11.59
C TRP C 206 -11.68 22.04 -10.09
N SER C 207 -10.91 21.10 -9.57
CA SER C 207 -10.97 20.80 -8.15
C SER C 207 -9.89 21.45 -7.33
N PHE C 208 -8.79 21.87 -7.93
CA PHE C 208 -7.67 22.39 -7.15
C PHE C 208 -7.33 23.84 -7.45
N ILE C 209 -7.29 24.23 -8.73
CA ILE C 209 -6.90 25.59 -9.07
C ILE C 209 -8.00 26.59 -8.76
N LEU C 210 -9.26 26.23 -9.04
CA LEU C 210 -10.33 27.23 -8.95
C LEU C 210 -10.77 27.53 -7.52
N PRO C 211 -11.07 26.55 -6.65
CA PRO C 211 -11.42 26.92 -5.27
C PRO C 211 -10.30 27.58 -4.50
N LEU C 212 -9.04 27.31 -4.83
CA LEU C 212 -7.95 28.05 -4.21
C LEU C 212 -7.98 29.51 -4.64
N GLY C 213 -8.28 29.76 -5.90
CA GLY C 213 -8.46 31.14 -6.35
C GLY C 213 -9.63 31.83 -5.68
N LEU C 214 -10.71 31.09 -5.45
CA LEU C 214 -11.85 31.67 -4.73
C LEU C 214 -11.50 31.98 -3.28
N ILE C 215 -10.75 31.10 -2.62
CA ILE C 215 -10.33 31.34 -1.24
C ILE C 215 -9.41 32.55 -1.16
N ILE C 216 -8.45 32.65 -2.08
CA ILE C 216 -7.52 33.78 -2.07
C ILE C 216 -8.25 35.08 -2.40
N ALA C 217 -9.21 35.05 -3.32
CA ALA C 217 -9.99 36.23 -3.63
C ALA C 217 -10.87 36.66 -2.45
N ALA C 218 -11.48 35.71 -1.75
CA ALA C 218 -12.27 36.03 -0.57
C ALA C 218 -11.40 36.45 0.62
N SER C 219 -10.11 36.15 0.59
CA SER C 219 -9.21 36.65 1.62
C SER C 219 -9.07 38.15 1.62
N TRP C 220 -9.18 38.79 0.45
CA TRP C 220 -8.96 40.23 0.34
C TRP C 220 -10.08 41.04 0.96
N SER C 221 -11.23 40.43 1.22
CA SER C 221 -12.37 41.14 1.79
C SER C 221 -12.38 41.04 3.31
N VAL C 222 -11.26 41.34 3.95
CA VAL C 222 -11.21 41.57 5.39
C VAL C 222 -10.98 43.03 5.71
N PHE C 223 -10.64 43.85 4.72
CA PHE C 223 -10.50 45.29 4.92
C PHE C 223 -11.83 46.02 4.86
N TRP C 224 -12.92 45.31 4.57
CA TRP C 224 -14.26 45.89 4.70
C TRP C 224 -14.76 45.83 6.13
N LEU C 225 -14.11 45.06 7.00
CA LEU C 225 -14.48 45.02 8.40
C LEU C 225 -14.10 46.33 9.09
N GLU C 226 -14.94 46.75 10.02
CA GLU C 226 -14.80 48.08 10.59
C GLU C 226 -13.75 48.12 11.70
N SER C 227 -13.78 47.14 12.60
CA SER C 227 -12.93 47.15 13.78
C SER C 227 -11.52 46.67 13.43
N PHE C 228 -10.71 46.43 14.45
CA PHE C 228 -9.36 45.90 14.27
C PHE C 228 -9.22 44.47 14.78
N SER C 229 -9.80 44.14 15.93
CA SER C 229 -9.74 42.77 16.42
C SER C 229 -10.50 41.82 15.52
N GLU C 230 -11.58 42.30 14.90
CA GLU C 230 -12.32 41.51 13.93
C GLU C 230 -11.43 41.14 12.75
N ARG C 231 -10.60 42.08 12.30
CA ARG C 231 -9.70 41.82 11.18
C ARG C 231 -8.67 40.76 11.53
N LEU C 232 -8.10 40.80 12.72
CA LEU C 232 -7.08 39.81 13.10
C LEU C 232 -7.69 38.42 13.27
N GLN C 233 -8.84 38.35 13.94
CA GLN C 233 -9.48 37.04 14.12
C GLN C 233 -9.91 36.45 12.78
N THR C 234 -10.41 37.30 11.88
CA THR C 234 -10.80 36.84 10.56
C THR C 234 -9.60 36.39 9.73
N SER C 235 -8.47 37.10 9.86
CA SER C 235 -7.27 36.70 9.13
C SER C 235 -6.73 35.38 9.62
N PHE C 236 -6.81 35.13 10.93
CA PHE C 236 -6.34 33.84 11.44
C PHE C 236 -7.26 32.70 11.04
N THR C 237 -8.57 32.96 10.95
CA THR C 237 -9.48 31.95 10.40
C THR C 237 -9.14 31.65 8.95
N LEU C 238 -8.82 32.67 8.16
CA LEU C 238 -8.40 32.46 6.78
C LEU C 238 -7.08 31.69 6.70
N MET C 239 -6.16 31.93 7.62
CA MET C 239 -4.91 31.18 7.63
C MET C 239 -5.15 29.71 7.91
N LEU C 240 -6.07 29.39 8.83
CA LEU C 240 -6.42 28.00 9.07
C LEU C 240 -7.09 27.38 7.83
N THR C 241 -7.91 28.17 7.13
CA THR C 241 -8.53 27.68 5.89
C THR C 241 -7.47 27.35 4.83
N VAL C 242 -6.46 28.21 4.69
CA VAL C 242 -5.41 27.96 3.70
C VAL C 242 -4.56 26.76 4.08
N VAL C 243 -4.29 26.55 5.38
CA VAL C 243 -3.55 25.36 5.81
C VAL C 243 -4.36 24.09 5.52
N ALA C 244 -5.67 24.11 5.80
CA ALA C 244 -6.51 22.96 5.51
C ALA C 244 -6.59 22.69 4.01
N TYR C 245 -6.63 23.73 3.19
CA TYR C 245 -6.63 23.52 1.74
C TYR C 245 -5.29 22.99 1.25
N ALA C 246 -4.20 23.46 1.85
CA ALA C 246 -2.87 22.96 1.50
C ALA C 246 -2.77 21.48 1.76
N PHE C 247 -3.29 21.03 2.89
CA PHE C 247 -3.29 19.61 3.16
C PHE C 247 -4.26 18.84 2.27
N TYR C 248 -5.40 19.45 1.93
CA TYR C 248 -6.35 18.77 1.07
C TYR C 248 -5.76 18.51 -0.31
N THR C 249 -5.05 19.48 -0.87
CA THR C 249 -4.36 19.21 -2.12
C THR C 249 -3.20 18.23 -1.93
N SER C 250 -2.36 18.44 -0.91
CA SER C 250 -1.14 17.67 -0.79
C SER C 250 -1.37 16.22 -0.40
N ASN C 251 -2.58 15.83 -0.02
CA ASN C 251 -2.82 14.39 0.12
C ASN C 251 -3.13 13.80 -1.27
N ILE C 252 -4.08 14.38 -1.98
CA ILE C 252 -4.51 13.88 -3.29
C ILE C 252 -3.58 14.16 -4.48
N LEU C 253 -2.30 14.43 -4.24
CA LEU C 253 -1.39 14.70 -5.36
C LEU C 253 -0.14 13.84 -5.28
N PRO C 254 0.51 13.61 -6.43
CA PRO C 254 1.71 12.79 -6.58
C PRO C 254 2.89 13.36 -5.82
N ARG C 255 3.65 12.51 -5.13
CA ARG C 255 4.79 13.01 -4.37
C ARG C 255 5.94 13.38 -5.31
N LEU C 256 6.53 14.52 -5.08
CA LEU C 256 7.57 15.06 -5.93
C LEU C 256 8.64 15.71 -5.08
N PRO C 257 9.88 15.77 -5.57
CA PRO C 257 10.94 16.48 -4.85
C PRO C 257 11.07 17.97 -5.16
N TYR C 258 10.06 18.58 -5.75
CA TYR C 258 10.09 20.00 -6.08
C TYR C 258 8.66 20.54 -6.13
N THR C 259 8.56 21.86 -6.13
CA THR C 259 7.26 22.52 -6.07
C THR C 259 6.66 22.70 -7.46
N THR C 260 5.44 22.22 -7.61
CA THR C 260 4.69 22.32 -8.85
C THR C 260 3.91 23.63 -8.88
N VAL C 261 2.98 23.74 -9.83
CA VAL C 261 2.17 24.95 -9.96
C VAL C 261 1.25 25.11 -8.75
N ILE C 262 0.56 24.04 -8.40
CA ILE C 262 -0.38 24.07 -7.28
C ILE C 262 0.35 24.43 -6.00
N ASP C 263 1.57 23.92 -5.85
CA ASP C 263 2.40 24.24 -4.70
C ASP C 263 2.78 25.71 -4.71
N GLN C 264 3.03 26.26 -5.89
CA GLN C 264 3.35 27.67 -6.02
C GLN C 264 2.17 28.51 -5.59
N MET C 265 0.96 28.05 -5.89
CA MET C 265 -0.24 28.80 -5.52
C MET C 265 -0.54 28.71 -4.04
N ILE C 266 -0.21 27.59 -3.39
CA ILE C 266 -0.39 27.49 -1.94
C ILE C 266 0.52 28.48 -1.21
N ILE C 267 1.78 28.58 -1.63
CA ILE C 267 2.69 29.56 -1.05
C ILE C 267 2.25 30.98 -1.35
N ALA C 268 1.68 31.22 -2.53
CA ALA C 268 1.09 32.52 -2.81
C ALA C 268 -0.07 32.82 -1.87
N GLY C 269 -0.87 31.81 -1.52
CA GLY C 269 -1.94 32.02 -0.56
C GLY C 269 -1.42 32.35 0.84
N TYR C 270 -0.38 31.64 1.28
CA TYR C 270 0.25 31.97 2.56
C TYR C 270 0.81 33.38 2.57
N GLY C 271 1.46 33.77 1.46
CA GLY C 271 1.99 35.12 1.37
C GLY C 271 0.91 36.18 1.35
N SER C 272 -0.23 35.88 0.71
CA SER C 272 -1.35 36.80 0.72
C SER C 272 -1.93 36.98 2.12
N ILE C 273 -2.06 35.89 2.87
CA ILE C 273 -2.56 35.99 4.25
C ILE C 273 -1.60 36.79 5.12
N PHE C 274 -0.29 36.52 5.00
CA PHE C 274 0.68 37.21 5.83
C PHE C 274 0.79 38.69 5.45
N ALA C 275 0.70 39.01 4.14
CA ALA C 275 0.66 40.40 3.74
C ALA C 275 -0.58 41.11 4.24
N ALA C 276 -1.73 40.43 4.23
CA ALA C 276 -2.95 41.04 4.77
C ALA C 276 -2.79 41.34 6.26
N ILE C 277 -2.20 40.40 7.01
CA ILE C 277 -1.98 40.63 8.44
C ILE C 277 -1.02 41.79 8.66
N LEU C 278 0.04 41.88 7.84
CA LEU C 278 1.00 42.97 7.98
C LEU C 278 0.37 44.32 7.68
N LEU C 279 -0.47 44.40 6.64
CA LEU C 279 -1.17 45.66 6.36
C LEU C 279 -2.18 46.03 7.43
N ILE C 280 -2.89 45.05 8.01
CA ILE C 280 -3.81 45.34 9.11
C ILE C 280 -3.04 45.89 10.32
N ILE C 281 -1.89 45.29 10.63
CA ILE C 281 -1.09 45.78 11.75
C ILE C 281 -0.55 47.18 11.48
N PHE C 282 -0.04 47.42 10.26
CA PHE C 282 0.55 48.71 9.95
C PHE C 282 -0.52 49.81 9.87
N ALA C 283 -1.74 49.45 9.46
CA ALA C 283 -2.83 50.42 9.51
C ALA C 283 -3.30 50.67 10.93
N HIS C 284 -3.24 49.64 11.78
CA HIS C 284 -3.55 49.85 13.19
C HIS C 284 -2.49 50.67 13.89
N HIS C 285 -1.22 50.41 13.59
CA HIS C 285 -0.12 51.02 14.34
C HIS C 285 0.09 52.48 14.02
N ARG C 286 -0.53 53.01 12.97
CA ARG C 286 -0.36 54.41 12.58
C ARG C 286 -1.22 55.27 13.51
N GLN C 287 -0.71 55.48 14.72
CA GLN C 287 -1.36 56.28 15.75
C GLN C 287 -0.35 57.24 16.37
N ALA C 288 -0.85 58.37 16.85
CA ALA C 288 0.02 59.32 17.55
C ALA C 288 0.45 58.78 18.89
N ASN C 289 -0.51 58.29 19.69
CA ASN C 289 -0.21 57.68 20.98
C ASN C 289 -0.97 56.40 21.26
N GLY C 290 -1.96 56.05 20.44
CA GLY C 290 -2.69 54.82 20.64
C GLY C 290 -4.19 54.95 20.39
N VAL C 291 -4.66 56.15 20.07
CA VAL C 291 -6.08 56.39 19.88
C VAL C 291 -6.41 56.94 18.49
N GLU C 292 -5.42 57.40 17.72
CA GLU C 292 -5.68 58.00 16.43
C GLU C 292 -5.95 56.92 15.38
N ASP C 293 -7.13 56.97 14.77
CA ASP C 293 -7.53 55.97 13.80
C ASP C 293 -6.84 56.23 12.46
N ASP C 294 -7.11 55.36 11.49
CA ASP C 294 -6.48 55.46 10.17
C ASP C 294 -7.47 55.05 9.09
N LEU C 295 -7.39 55.76 7.96
CA LEU C 295 -8.12 55.38 6.75
C LEU C 295 -7.29 55.49 5.48
N LEU C 296 -6.15 56.20 5.50
CA LEU C 296 -5.37 56.43 4.29
C LEU C 296 -4.72 55.14 3.79
N ILE C 297 -4.18 54.34 4.70
CA ILE C 297 -3.58 53.06 4.32
C ILE C 297 -4.63 52.05 3.86
N GLN C 298 -5.87 52.17 4.34
CA GLN C 298 -6.94 51.25 4.01
C GLN C 298 -7.63 51.58 2.69
N ARG C 299 -6.96 52.30 1.79
CA ARG C 299 -7.41 52.42 0.41
C ARG C 299 -6.96 51.24 -0.44
N CYS C 300 -6.24 50.27 0.17
CA CYS C 300 -5.78 49.07 -0.51
C CYS C 300 -6.84 47.98 -0.57
N ARG C 301 -8.11 48.32 -0.36
CA ARG C 301 -9.18 47.39 -0.67
C ARG C 301 -9.33 47.14 -2.16
N LEU C 302 -8.86 48.06 -2.99
CA LEU C 302 -8.86 47.90 -4.45
C LEU C 302 -7.48 47.95 -5.06
N ALA C 303 -6.42 48.13 -4.28
CA ALA C 303 -5.05 48.21 -4.80
C ALA C 303 -4.21 46.99 -4.45
N PHE C 304 -4.29 46.50 -3.22
CA PHE C 304 -3.57 45.29 -2.83
C PHE C 304 -3.99 44.03 -3.60
N PRO C 305 -5.29 43.75 -3.86
CA PRO C 305 -5.61 42.64 -4.78
C PRO C 305 -5.00 42.78 -6.16
N LEU C 306 -5.01 44.00 -6.72
CA LEU C 306 -4.43 44.22 -8.03
C LEU C 306 -2.92 44.05 -8.02
N GLY C 307 -2.26 44.50 -6.95
CA GLY C 307 -0.83 44.31 -6.83
C GLY C 307 -0.44 42.85 -6.70
N PHE C 308 -1.22 42.08 -5.92
CA PHE C 308 -0.96 40.65 -5.81
C PHE C 308 -1.20 39.93 -7.13
N LEU C 309 -2.26 40.32 -7.87
CA LEU C 309 -2.50 39.73 -9.18
C LEU C 309 -1.39 40.06 -10.16
N ALA C 310 -0.86 41.28 -10.10
CA ALA C 310 0.28 41.64 -10.94
C ALA C 310 1.52 40.84 -10.59
N ILE C 311 1.76 40.62 -9.30
CA ILE C 311 2.88 39.79 -8.86
C ILE C 311 2.73 38.36 -9.39
N GLY C 312 1.51 37.81 -9.28
CA GLY C 312 1.27 36.46 -9.80
C GLY C 312 1.43 36.37 -11.31
N CYS C 313 0.98 37.40 -12.03
CA CYS C 313 1.13 37.40 -13.48
C CYS C 313 2.60 37.52 -13.90
N VAL C 314 3.39 38.28 -13.13
CA VAL C 314 4.83 38.31 -13.36
C VAL C 314 5.44 36.93 -13.11
N LEU C 315 5.01 36.27 -12.03
CA LEU C 315 5.56 34.96 -11.69
C LEU C 315 5.17 33.86 -12.68
N VAL C 316 4.01 33.99 -13.33
CA VAL C 316 3.63 33.02 -14.35
C VAL C 316 4.55 33.14 -15.57
N ILE C 317 4.77 34.36 -16.04
CA ILE C 317 5.65 34.61 -17.18
C ILE C 317 7.11 34.35 -16.82
N PRO D 11 -9.59 -27.38 -39.67
CA PRO D 11 -9.52 -26.64 -38.42
C PRO D 11 -10.11 -27.41 -37.25
N VAL D 12 -9.52 -27.26 -36.08
CA VAL D 12 -9.98 -27.96 -34.88
C VAL D 12 -11.03 -27.11 -34.19
N ASP D 13 -12.16 -27.73 -33.87
CA ASP D 13 -13.28 -27.03 -33.23
C ASP D 13 -13.14 -27.17 -31.72
N VAL D 14 -12.95 -26.04 -31.04
CA VAL D 14 -12.74 -26.01 -29.61
C VAL D 14 -13.95 -25.39 -28.95
N SER D 15 -14.51 -26.07 -27.96
CA SER D 15 -15.70 -25.60 -27.23
C SER D 15 -15.23 -25.10 -25.86
N VAL D 16 -15.48 -23.85 -25.57
CA VAL D 16 -15.02 -23.25 -24.32
C VAL D 16 -16.20 -23.09 -23.38
N SER D 17 -15.94 -23.24 -22.08
CA SER D 17 -16.91 -22.91 -21.04
C SER D 17 -16.18 -22.13 -19.97
N ILE D 18 -16.71 -20.97 -19.60
CA ILE D 18 -16.08 -20.12 -18.59
C ILE D 18 -17.00 -20.05 -17.38
N PHE D 19 -16.46 -20.36 -16.21
CA PHE D 19 -17.18 -20.25 -14.95
C PHE D 19 -16.61 -19.04 -14.23
N ILE D 20 -17.47 -18.10 -13.87
CA ILE D 20 -17.04 -16.91 -13.15
C ILE D 20 -17.36 -17.13 -11.68
N ASN D 21 -16.34 -17.07 -10.83
CA ASN D 21 -16.56 -17.31 -9.40
C ASN D 21 -16.82 -16.00 -8.67
N LYS D 22 -15.99 -15.00 -8.87
CA LYS D 22 -16.20 -13.69 -8.28
C LYS D 22 -15.52 -12.62 -9.11
N ILE D 23 -16.11 -11.44 -9.14
CA ILE D 23 -15.54 -10.25 -9.75
C ILE D 23 -15.41 -9.19 -8.68
N TYR D 24 -14.20 -8.68 -8.49
CA TYR D 24 -13.92 -7.81 -7.37
C TYR D 24 -12.73 -6.93 -7.70
N GLY D 25 -12.32 -6.10 -6.76
CA GLY D 25 -11.08 -5.36 -6.86
C GLY D 25 -11.00 -4.36 -7.99
N VAL D 26 -12.08 -3.62 -8.24
CA VAL D 26 -12.12 -2.69 -9.36
C VAL D 26 -11.21 -1.51 -9.02
N ASN D 27 -10.29 -1.21 -9.93
CA ASN D 27 -9.30 -0.16 -9.75
C ASN D 27 -9.57 0.91 -10.79
N THR D 28 -10.06 2.07 -10.36
CA THR D 28 -10.54 3.08 -11.29
C THR D 28 -9.43 3.83 -12.00
N LEU D 29 -8.30 4.03 -11.34
CA LEU D 29 -7.22 4.78 -11.96
C LEU D 29 -6.58 4.04 -13.13
N GLU D 30 -6.32 2.75 -12.95
CA GLU D 30 -5.72 1.92 -13.98
C GLU D 30 -6.76 1.24 -14.86
N GLN D 31 -8.03 1.42 -14.52
CA GLN D 31 -9.17 0.81 -15.24
C GLN D 31 -9.10 -0.70 -15.33
N THR D 32 -8.83 -1.37 -14.21
CA THR D 32 -8.75 -2.82 -14.14
C THR D 32 -9.78 -3.37 -13.17
N TYR D 33 -9.92 -4.69 -13.19
CA TYR D 33 -10.72 -5.44 -12.25
C TYR D 33 -10.17 -6.86 -12.22
N LYS D 34 -10.54 -7.62 -11.20
CA LYS D 34 -10.02 -8.96 -11.02
C LYS D 34 -11.15 -9.97 -11.15
N VAL D 35 -10.97 -10.95 -12.02
CA VAL D 35 -11.92 -12.03 -12.22
C VAL D 35 -11.26 -13.34 -11.80
N ASP D 36 -12.00 -14.15 -11.05
CA ASP D 36 -11.54 -15.45 -10.60
C ASP D 36 -12.51 -16.51 -11.11
N GLY D 37 -11.99 -17.63 -11.58
CA GLY D 37 -12.89 -18.65 -12.08
C GLY D 37 -12.13 -19.75 -12.78
N TYR D 38 -12.87 -20.53 -13.57
CA TYR D 38 -12.35 -21.67 -14.31
C TYR D 38 -12.50 -21.43 -15.81
N ILE D 39 -11.78 -22.24 -16.58
CA ILE D 39 -11.93 -22.29 -18.03
C ILE D 39 -11.83 -23.74 -18.47
N VAL D 40 -12.75 -24.17 -19.32
CA VAL D 40 -12.85 -25.55 -19.76
C VAL D 40 -12.91 -25.56 -21.28
N ALA D 41 -11.79 -25.91 -21.91
CA ALA D 41 -11.75 -26.09 -23.36
C ALA D 41 -11.86 -27.57 -23.70
N GLN D 42 -12.48 -27.85 -24.85
CA GLN D 42 -12.77 -29.22 -25.22
C GLN D 42 -12.72 -29.38 -26.73
N TRP D 43 -11.83 -30.25 -27.22
CA TRP D 43 -11.70 -30.52 -28.64
C TRP D 43 -11.57 -32.02 -28.83
N THR D 44 -11.47 -32.44 -30.10
CA THR D 44 -11.41 -33.84 -30.47
C THR D 44 -10.17 -34.08 -31.31
N GLY D 45 -9.35 -35.03 -30.89
CA GLY D 45 -8.14 -35.36 -31.64
C GLY D 45 -8.16 -36.77 -32.20
N LYS D 46 -7.02 -37.45 -32.11
CA LYS D 46 -6.84 -38.83 -32.55
C LYS D 46 -7.27 -39.80 -31.47
N PRO D 47 -7.81 -40.95 -31.84
CA PRO D 47 -8.12 -41.98 -30.83
C PRO D 47 -6.85 -42.54 -30.21
N ARG D 48 -6.99 -43.01 -28.98
CA ARG D 48 -5.84 -43.52 -28.24
C ARG D 48 -6.29 -44.64 -27.32
N LYS D 49 -5.32 -45.39 -26.83
CA LYS D 49 -5.56 -46.50 -25.92
C LYS D 49 -5.09 -46.10 -24.52
N THR D 50 -6.04 -45.90 -23.62
CA THR D 50 -5.79 -45.54 -22.24
C THR D 50 -5.78 -46.78 -21.37
N PRO D 51 -5.24 -46.68 -20.13
CA PRO D 51 -5.38 -47.80 -19.19
C PRO D 51 -6.83 -48.20 -18.92
N GLY D 52 -7.19 -49.41 -19.34
CA GLY D 52 -8.58 -49.80 -19.30
C GLY D 52 -9.36 -49.13 -20.42
N ASP D 53 -10.62 -48.83 -20.14
CA ASP D 53 -11.44 -48.03 -21.05
C ASP D 53 -11.81 -46.68 -20.45
N LYS D 54 -11.62 -46.50 -19.14
CA LYS D 54 -11.96 -45.25 -18.50
C LYS D 54 -11.02 -44.13 -18.97
N PRO D 55 -11.49 -42.89 -18.97
CA PRO D 55 -10.63 -41.77 -19.37
C PRO D 55 -9.49 -41.55 -18.38
N LEU D 56 -8.37 -41.07 -18.90
CA LEU D 56 -7.15 -40.84 -18.12
C LEU D 56 -7.02 -39.38 -17.68
N ILE D 57 -6.55 -39.16 -16.46
CA ILE D 57 -6.41 -37.80 -15.92
C ILE D 57 -4.95 -37.42 -15.67
N VAL D 58 -4.56 -36.24 -16.17
CA VAL D 58 -3.21 -35.74 -16.00
C VAL D 58 -3.23 -34.47 -15.15
N GLU D 59 -2.43 -34.42 -14.09
CA GLU D 59 -2.46 -33.26 -13.21
C GLU D 59 -1.60 -32.06 -13.63
N ASN D 60 -1.25 -31.25 -12.64
CA ASN D 60 -0.51 -30.02 -12.89
C ASN D 60 0.88 -30.07 -13.49
N THR D 61 1.74 -30.95 -13.01
CA THR D 61 3.11 -31.00 -13.51
C THR D 61 3.23 -32.03 -14.61
N GLN D 62 2.41 -33.05 -14.52
CA GLN D 62 2.38 -34.09 -15.52
C GLN D 62 1.99 -33.66 -16.93
N ILE D 63 1.26 -32.56 -17.06
CA ILE D 63 0.86 -32.10 -18.37
C ILE D 63 2.08 -31.76 -19.22
N GLU D 64 3.08 -31.12 -18.63
CA GLU D 64 4.28 -30.78 -19.37
C GLU D 64 4.99 -32.02 -19.88
N ARG D 65 4.87 -33.13 -19.15
CA ARG D 65 5.46 -34.38 -19.61
C ARG D 65 4.76 -34.92 -20.84
N TRP D 66 3.45 -34.77 -20.93
CA TRP D 66 2.69 -35.25 -22.08
C TRP D 66 2.87 -34.36 -23.31
N ILE D 67 3.05 -33.06 -23.11
CA ILE D 67 3.28 -32.14 -24.23
C ILE D 67 4.64 -32.39 -24.87
N ASN D 68 5.66 -32.71 -24.07
CA ASN D 68 6.99 -33.02 -24.61
C ASN D 68 6.96 -34.27 -25.49
N ASN D 69 6.06 -35.21 -25.21
CA ASN D 69 5.95 -36.42 -26.01
C ASN D 69 5.09 -36.23 -27.25
N GLY D 70 4.54 -35.04 -27.46
CA GLY D 70 3.85 -34.73 -28.70
C GLY D 70 2.37 -34.50 -28.60
N LEU D 71 1.81 -34.35 -27.39
CA LEU D 71 0.40 -34.04 -27.27
C LEU D 71 0.15 -32.60 -27.67
N TRP D 72 -0.95 -32.38 -28.38
CA TRP D 72 -1.32 -31.05 -28.88
C TRP D 72 -2.26 -30.41 -27.88
N VAL D 73 -1.76 -29.42 -27.13
CA VAL D 73 -2.56 -28.62 -26.23
C VAL D 73 -2.36 -27.17 -26.63
N PRO D 74 -3.38 -26.48 -27.15
CA PRO D 74 -3.19 -25.09 -27.54
C PRO D 74 -3.13 -24.16 -26.34
N ALA D 75 -2.45 -23.04 -26.54
CA ALA D 75 -2.31 -22.01 -25.51
C ALA D 75 -3.38 -20.97 -25.78
N LEU D 76 -4.38 -20.91 -24.91
CA LEU D 76 -5.46 -19.94 -25.02
C LEU D 76 -5.08 -18.70 -24.21
N GLU D 77 -5.12 -17.54 -24.85
CA GLU D 77 -4.67 -16.29 -24.27
C GLU D 77 -5.87 -15.41 -23.94
N PHE D 78 -5.80 -14.75 -22.79
CA PHE D 78 -6.72 -13.66 -22.49
C PHE D 78 -6.15 -12.37 -23.07
N ILE D 79 -6.89 -11.74 -23.97
CA ILE D 79 -6.37 -10.61 -24.71
C ILE D 79 -6.22 -9.39 -23.79
N ASN D 80 -7.20 -9.15 -22.93
CA ASN D 80 -7.21 -7.95 -22.11
C ASN D 80 -6.70 -8.17 -20.70
N VAL D 81 -6.06 -9.31 -20.43
CA VAL D 81 -5.44 -9.49 -19.12
C VAL D 81 -4.21 -8.60 -19.02
N VAL D 82 -3.92 -8.16 -17.80
CA VAL D 82 -2.76 -7.34 -17.52
C VAL D 82 -1.74 -8.23 -16.83
N GLY D 83 -0.62 -8.46 -17.50
CA GLY D 83 0.39 -9.36 -16.98
C GLY D 83 0.18 -10.79 -17.42
N SER D 84 0.00 -11.68 -16.46
CA SER D 84 -0.23 -13.08 -16.72
C SER D 84 -1.12 -13.62 -15.61
N PRO D 85 -2.11 -14.44 -15.93
CA PRO D 85 -3.01 -14.94 -14.89
C PRO D 85 -2.29 -15.86 -13.93
N ASP D 86 -2.78 -15.89 -12.69
CA ASP D 86 -2.20 -16.75 -11.66
C ASP D 86 -2.93 -18.08 -11.79
N THR D 87 -2.39 -18.95 -12.63
CA THR D 87 -3.00 -20.24 -12.88
C THR D 87 -2.78 -21.17 -11.70
N GLY D 88 -3.87 -21.65 -11.13
CA GLY D 88 -3.79 -22.58 -10.01
C GLY D 88 -3.68 -24.00 -10.51
N ASN D 89 -4.59 -24.86 -10.09
CA ASN D 89 -4.61 -26.21 -10.59
C ASN D 89 -5.07 -26.24 -12.04
N LYS D 90 -4.53 -27.20 -12.80
CA LYS D 90 -4.96 -27.42 -14.17
C LYS D 90 -4.86 -28.90 -14.45
N ARG D 91 -5.67 -29.36 -15.41
CA ARG D 91 -5.67 -30.79 -15.70
C ARG D 91 -6.11 -31.04 -17.14
N LEU D 92 -5.79 -32.23 -17.60
CA LEU D 92 -6.21 -32.75 -18.89
C LEU D 92 -6.95 -34.06 -18.65
N MET D 93 -8.08 -34.24 -19.32
CA MET D 93 -8.78 -35.52 -19.28
C MET D 93 -8.81 -36.08 -20.69
N LEU D 94 -8.13 -37.19 -20.91
CA LEU D 94 -7.97 -37.79 -22.22
C LEU D 94 -8.91 -38.99 -22.34
N PHE D 95 -9.74 -38.99 -23.37
CA PHE D 95 -10.67 -40.07 -23.59
C PHE D 95 -10.15 -41.02 -24.64
N PRO D 96 -10.48 -42.31 -24.56
CA PRO D 96 -10.10 -43.24 -25.63
C PRO D 96 -10.78 -42.95 -26.96
N ASP D 97 -11.90 -42.24 -26.93
CA ASP D 97 -12.58 -41.82 -28.15
C ASP D 97 -11.70 -40.86 -28.95
N GLY D 98 -10.94 -40.02 -28.25
CA GLY D 98 -10.11 -39.04 -28.91
C GLY D 98 -10.45 -37.65 -28.44
N ARG D 99 -11.42 -37.57 -27.54
CA ARG D 99 -11.89 -36.30 -26.99
C ARG D 99 -10.97 -35.87 -25.85
N VAL D 100 -10.56 -34.61 -25.88
CA VAL D 100 -9.63 -34.05 -24.90
C VAL D 100 -10.31 -32.88 -24.21
N ILE D 101 -10.21 -32.82 -22.89
CA ILE D 101 -10.81 -31.76 -22.10
C ILE D 101 -9.72 -31.14 -21.23
N TYR D 102 -9.53 -29.83 -21.37
CA TYR D 102 -8.51 -29.10 -20.63
C TYR D 102 -9.21 -28.15 -19.68
N ASN D 103 -9.07 -28.39 -18.38
CA ASN D 103 -9.71 -27.58 -17.35
C ASN D 103 -8.62 -26.92 -16.52
N ALA D 104 -8.72 -25.61 -16.33
CA ALA D 104 -7.75 -24.84 -15.59
C ALA D 104 -8.43 -23.75 -14.80
N ARG D 105 -7.77 -23.30 -13.74
CA ARG D 105 -8.29 -22.25 -12.88
C ARG D 105 -7.41 -21.03 -12.98
N PHE D 106 -8.01 -19.85 -13.11
CA PHE D 106 -7.25 -18.62 -13.28
C PHE D 106 -7.68 -17.58 -12.25
N LEU D 107 -6.78 -16.64 -11.99
CA LEU D 107 -7.10 -15.38 -11.32
C LEU D 107 -6.31 -14.31 -12.05
N GLY D 108 -7.00 -13.50 -12.84
CA GLY D 108 -6.33 -12.49 -13.64
C GLY D 108 -6.78 -11.10 -13.25
N SER D 109 -6.04 -10.11 -13.76
CA SER D 109 -6.38 -8.71 -13.58
C SER D 109 -6.67 -8.14 -14.97
N PHE D 110 -7.94 -8.09 -15.31
CA PHE D 110 -8.35 -7.74 -16.66
C PHE D 110 -8.52 -6.23 -16.78
N SER D 111 -8.65 -5.76 -18.02
CA SER D 111 -8.76 -4.32 -18.27
C SER D 111 -9.86 -4.05 -19.29
N ASN D 112 -10.40 -2.84 -19.22
CA ASN D 112 -11.48 -2.43 -20.12
C ASN D 112 -11.50 -0.91 -20.18
N ASP D 113 -12.38 -0.37 -21.03
CA ASP D 113 -12.59 1.07 -21.15
C ASP D 113 -13.74 1.44 -20.22
N MET D 114 -13.39 1.91 -19.03
CA MET D 114 -14.36 2.14 -17.97
C MET D 114 -14.65 3.62 -17.81
N ASP D 115 -15.94 3.93 -17.65
CA ASP D 115 -16.42 5.31 -17.59
C ASP D 115 -17.01 5.52 -16.20
N PHE D 116 -16.34 6.29 -15.35
CA PHE D 116 -16.81 6.59 -14.01
C PHE D 116 -17.31 8.02 -13.87
N ARG D 117 -17.77 8.64 -14.95
CA ARG D 117 -18.16 10.05 -14.90
C ARG D 117 -19.46 10.28 -14.15
N LEU D 118 -20.24 9.24 -13.90
CA LEU D 118 -21.45 9.32 -13.08
C LEU D 118 -21.20 8.37 -11.94
N PHE D 119 -20.45 8.81 -10.91
CA PHE D 119 -19.75 7.84 -10.07
C PHE D 119 -20.67 7.01 -9.18
N PRO D 120 -21.52 7.59 -8.31
CA PRO D 120 -22.32 6.71 -7.45
C PRO D 120 -23.39 5.96 -8.23
N PHE D 121 -23.91 6.54 -9.30
CA PHE D 121 -24.99 5.96 -10.10
C PHE D 121 -24.45 5.32 -11.37
N ASP D 122 -23.31 4.66 -11.22
CA ASP D 122 -22.52 4.17 -12.33
C ASP D 122 -23.16 2.95 -12.98
N ARG D 123 -22.66 2.61 -14.16
CA ARG D 123 -23.12 1.42 -14.86
C ARG D 123 -21.97 0.94 -15.76
N GLN D 124 -21.29 -0.12 -15.34
CA GLN D 124 -20.14 -0.64 -16.05
C GLN D 124 -20.47 -2.02 -16.63
N GLN D 125 -19.58 -2.49 -17.49
CA GLN D 125 -19.63 -3.86 -17.95
C GLN D 125 -18.23 -4.44 -17.97
N PHE D 126 -18.13 -5.70 -17.55
CA PHE D 126 -16.86 -6.39 -17.39
C PHE D 126 -16.66 -7.34 -18.56
N VAL D 127 -15.53 -7.20 -19.25
CA VAL D 127 -15.29 -7.87 -20.51
C VAL D 127 -14.11 -8.82 -20.35
N LEU D 128 -14.28 -10.06 -20.79
CA LEU D 128 -13.20 -11.03 -20.93
C LEU D 128 -13.09 -11.39 -22.40
N GLU D 129 -11.89 -11.26 -22.96
CA GLU D 129 -11.64 -11.61 -24.35
C GLU D 129 -10.63 -12.75 -24.41
N LEU D 130 -10.96 -13.80 -25.16
CA LEU D 130 -10.17 -15.01 -25.21
C LEU D 130 -9.81 -15.30 -26.66
N GLU D 131 -8.56 -15.71 -26.90
CA GLU D 131 -8.08 -15.90 -28.25
C GLU D 131 -6.92 -16.88 -28.22
N PRO D 132 -6.78 -17.76 -29.22
CA PRO D 132 -5.58 -18.60 -29.29
C PRO D 132 -4.35 -17.74 -29.51
N PHE D 133 -3.24 -18.14 -28.89
CA PHE D 133 -2.05 -17.32 -28.98
C PHE D 133 -1.38 -17.43 -30.34
N SER D 134 -1.53 -18.56 -31.02
CA SER D 134 -0.69 -18.81 -32.19
C SER D 134 -1.42 -19.35 -33.42
N TYR D 135 -2.60 -19.92 -33.25
CA TYR D 135 -3.28 -20.62 -34.34
C TYR D 135 -4.39 -19.75 -34.89
N ASN D 136 -4.36 -19.51 -36.20
CA ASN D 136 -5.41 -18.77 -36.87
C ASN D 136 -6.62 -19.67 -37.09
N ASN D 137 -7.69 -19.12 -37.65
CA ASN D 137 -8.93 -19.88 -37.74
C ASN D 137 -8.93 -20.94 -38.83
N GLN D 138 -7.87 -21.04 -39.61
CA GLN D 138 -7.68 -22.18 -40.48
C GLN D 138 -7.07 -23.37 -39.76
N GLN D 139 -6.66 -23.20 -38.50
CA GLN D 139 -6.15 -24.28 -37.68
C GLN D 139 -6.89 -24.46 -36.36
N LEU D 140 -7.59 -23.44 -35.87
CA LEU D 140 -8.30 -23.53 -34.61
C LEU D 140 -9.40 -22.48 -34.62
N ARG D 141 -10.65 -22.91 -34.63
CA ARG D 141 -11.77 -21.98 -34.51
C ARG D 141 -12.66 -22.41 -33.36
N PHE D 142 -13.16 -21.44 -32.61
CA PHE D 142 -14.02 -21.69 -31.45
C PHE D 142 -15.45 -22.06 -31.84
N SER D 143 -15.88 -23.25 -31.46
CA SER D 143 -17.23 -23.71 -31.79
C SER D 143 -18.32 -22.94 -31.04
N ASP D 144 -18.45 -23.15 -29.74
CA ASP D 144 -19.48 -22.47 -28.95
C ASP D 144 -18.97 -22.10 -27.56
N ILE D 145 -19.66 -21.18 -26.89
CA ILE D 145 -19.25 -20.77 -25.56
C ILE D 145 -20.38 -20.56 -24.55
N GLN D 146 -20.33 -21.30 -23.45
CA GLN D 146 -21.28 -21.16 -22.36
C GLN D 146 -20.59 -20.45 -21.21
N VAL D 147 -21.27 -19.51 -20.58
CA VAL D 147 -20.72 -18.77 -19.45
C VAL D 147 -21.64 -18.97 -18.25
N TYR D 148 -21.08 -19.43 -17.14
CA TYR D 148 -21.84 -19.73 -15.93
C TYR D 148 -21.42 -18.75 -14.84
N THR D 149 -22.29 -17.79 -14.56
CA THR D 149 -22.06 -16.76 -13.55
C THR D 149 -22.97 -16.97 -12.35
N GLU D 150 -23.17 -18.23 -11.95
CA GLU D 150 -24.20 -18.55 -10.98
C GLU D 150 -23.78 -18.16 -9.57
N ASN D 151 -22.49 -17.89 -9.35
CA ASN D 151 -22.01 -17.64 -8.00
C ASN D 151 -22.15 -16.16 -7.62
N ILE D 152 -22.06 -15.27 -8.59
CA ILE D 152 -22.12 -13.83 -8.33
C ILE D 152 -23.58 -13.41 -8.23
N ASP D 153 -23.89 -12.55 -7.24
CA ASP D 153 -25.27 -12.34 -6.81
C ASP D 153 -25.69 -10.88 -6.91
N ASN D 154 -26.86 -10.59 -6.35
CA ASN D 154 -27.56 -9.31 -6.49
C ASN D 154 -27.91 -8.67 -5.15
N GLU D 155 -27.50 -9.28 -4.03
CA GLU D 155 -27.96 -8.83 -2.72
C GLU D 155 -27.29 -7.51 -2.31
N GLU D 156 -27.79 -6.95 -1.22
CA GLU D 156 -27.37 -5.62 -0.79
C GLU D 156 -25.98 -5.64 -0.16
N ILE D 157 -25.50 -6.82 0.20
CA ILE D 157 -24.14 -6.94 0.73
C ILE D 157 -23.12 -6.68 -0.37
N ASP D 158 -23.42 -7.16 -1.57
CA ASP D 158 -22.53 -7.03 -2.70
C ASP D 158 -22.40 -5.60 -3.18
N GLU D 159 -21.17 -5.21 -3.46
CA GLU D 159 -20.86 -3.88 -3.96
C GLU D 159 -21.46 -3.59 -5.34
N TRP D 160 -21.44 -4.60 -6.21
CA TRP D 160 -21.97 -4.46 -7.57
C TRP D 160 -23.15 -5.38 -7.84
N TRP D 161 -24.20 -4.85 -8.45
CA TRP D 161 -25.37 -5.65 -8.79
C TRP D 161 -25.21 -6.18 -10.21
N ILE D 162 -25.04 -7.49 -10.34
CA ILE D 162 -24.90 -8.11 -11.65
C ILE D 162 -26.29 -8.27 -12.26
N ARG D 163 -26.53 -7.63 -13.39
CA ARG D 163 -27.85 -7.55 -14.00
C ARG D 163 -27.95 -8.58 -15.12
N GLY D 164 -28.61 -9.69 -14.84
CA GLY D 164 -28.87 -10.70 -15.84
C GLY D 164 -27.66 -11.58 -16.10
N LYS D 165 -27.85 -12.53 -17.02
CA LYS D 165 -26.81 -13.46 -17.40
C LYS D 165 -25.78 -12.77 -18.29
N ALA D 166 -24.64 -13.42 -18.47
CA ALA D 166 -23.57 -12.87 -19.29
C ALA D 166 -23.93 -12.93 -20.76
N SER D 167 -23.29 -12.05 -21.54
CA SER D 167 -23.51 -11.96 -22.98
C SER D 167 -22.25 -12.42 -23.70
N THR D 168 -22.41 -13.32 -24.65
CA THR D 168 -21.29 -13.97 -25.33
C THR D 168 -21.30 -13.67 -26.81
N HIS D 169 -20.13 -13.87 -27.44
CA HIS D 169 -19.93 -13.52 -28.83
C HIS D 169 -18.69 -14.23 -29.34
N ILE D 170 -18.71 -14.65 -30.60
CA ILE D 170 -17.55 -15.25 -31.26
C ILE D 170 -17.37 -14.54 -32.59
N SER D 171 -16.21 -13.93 -32.78
CA SER D 171 -15.91 -13.14 -33.98
C SER D 171 -14.56 -13.58 -34.55
N ASP D 172 -14.16 -12.94 -35.64
CA ASP D 172 -12.91 -13.23 -36.33
C ASP D 172 -12.10 -11.94 -36.45
N ILE D 173 -11.11 -11.78 -35.61
CA ILE D 173 -10.26 -10.60 -35.63
C ILE D 173 -9.17 -10.76 -36.68
N ARG D 174 -8.98 -9.72 -37.49
CA ARG D 174 -8.00 -9.72 -38.56
C ARG D 174 -6.82 -8.84 -38.18
N TYR D 175 -5.61 -9.38 -38.34
CA TYR D 175 -4.38 -8.68 -38.01
C TYR D 175 -3.66 -8.33 -39.30
N ASP D 176 -3.46 -7.05 -39.54
CA ASP D 176 -2.88 -6.60 -40.80
C ASP D 176 -1.36 -6.68 -40.85
N HIS D 177 -0.70 -6.93 -39.71
CA HIS D 177 0.76 -7.00 -39.75
C HIS D 177 1.26 -8.36 -40.22
N LEU D 178 0.38 -9.34 -40.35
CA LEU D 178 0.77 -10.69 -40.76
C LEU D 178 0.69 -10.89 -42.27
N SER D 179 0.37 -9.85 -43.04
CA SER D 179 0.27 -9.98 -44.48
C SER D 179 1.62 -10.18 -45.14
N SER D 180 2.71 -9.78 -44.50
CA SER D 180 4.04 -9.94 -45.08
C SER D 180 4.54 -11.38 -45.01
N VAL D 181 4.23 -12.09 -43.92
CA VAL D 181 4.79 -13.41 -43.70
C VAL D 181 3.76 -14.53 -43.79
N GLN D 182 2.48 -14.24 -43.59
CA GLN D 182 1.43 -15.27 -43.64
C GLN D 182 0.33 -14.78 -44.56
N PRO D 183 0.48 -14.93 -45.87
CA PRO D 183 -0.55 -14.47 -46.79
C PRO D 183 -1.80 -15.33 -46.72
N ASN D 184 -2.95 -14.66 -46.81
CA ASN D 184 -4.29 -15.24 -46.86
C ASN D 184 -4.70 -15.98 -45.59
N GLN D 185 -3.86 -15.95 -44.56
CA GLN D 185 -4.19 -16.58 -43.27
C GLN D 185 -3.73 -15.66 -42.12
N ASN D 186 -4.60 -14.74 -41.75
CA ASN D 186 -4.31 -13.82 -40.67
C ASN D 186 -5.53 -13.51 -39.82
N GLU D 187 -6.61 -14.28 -39.94
CA GLU D 187 -7.79 -14.09 -39.12
C GLU D 187 -7.75 -15.04 -37.94
N PHE D 188 -7.98 -14.50 -36.74
CA PHE D 188 -7.94 -15.28 -35.52
C PHE D 188 -9.33 -15.28 -34.90
N SER D 189 -9.73 -16.41 -34.32
CA SER D 189 -11.05 -16.54 -33.75
C SER D 189 -11.03 -16.03 -32.31
N ARG D 190 -11.91 -15.08 -31.99
CA ARG D 190 -11.91 -14.44 -30.69
C ARG D 190 -13.27 -14.61 -30.03
N ILE D 191 -13.25 -14.90 -28.73
CA ILE D 191 -14.44 -15.01 -27.90
C ILE D 191 -14.50 -13.79 -27.00
N THR D 192 -15.66 -13.12 -26.95
CA THR D 192 -15.88 -12.00 -26.06
C THR D 192 -17.02 -12.31 -25.10
N VAL D 193 -16.82 -11.97 -23.84
CA VAL D 193 -17.80 -12.21 -22.77
C VAL D 193 -18.03 -10.90 -22.05
N ARG D 194 -19.28 -10.44 -21.99
CA ARG D 194 -19.62 -9.18 -21.34
C ARG D 194 -20.59 -9.43 -20.21
N ILE D 195 -20.34 -8.79 -19.07
CA ILE D 195 -21.17 -8.94 -17.87
C ILE D 195 -21.52 -7.54 -17.39
N ASP D 196 -22.80 -7.18 -17.46
CA ASP D 196 -23.24 -5.85 -17.05
C ASP D 196 -23.43 -5.77 -15.54
N ALA D 197 -23.04 -4.64 -14.96
CA ALA D 197 -23.08 -4.48 -13.52
C ALA D 197 -23.41 -3.04 -13.16
N VAL D 198 -24.16 -2.87 -12.07
CA VAL D 198 -24.59 -1.58 -11.58
C VAL D 198 -24.06 -1.40 -10.16
N ARG D 199 -23.61 -0.20 -9.83
CA ARG D 199 -23.00 0.04 -8.53
C ARG D 199 -24.05 0.10 -7.43
N ASN D 200 -23.59 -0.15 -6.20
CA ASN D 200 -24.40 0.03 -4.99
C ASN D 200 -24.31 1.48 -4.55
N PRO D 201 -25.32 2.31 -4.80
CA PRO D 201 -25.16 3.74 -4.54
C PRO D 201 -25.61 4.17 -3.16
N SER D 202 -25.92 3.22 -2.27
CA SER D 202 -26.55 3.58 -1.00
C SER D 202 -25.57 4.28 -0.07
N TYR D 203 -24.34 3.75 0.03
CA TYR D 203 -23.33 4.35 0.90
C TYR D 203 -22.99 5.78 0.49
N TYR D 204 -22.77 5.99 -0.80
CA TYR D 204 -22.41 7.31 -1.31
C TYR D 204 -23.57 8.29 -1.28
N LEU D 205 -24.81 7.80 -1.30
CA LEU D 205 -25.97 8.67 -1.20
C LEU D 205 -26.31 9.05 0.23
N TRP D 206 -25.97 8.19 1.20
CA TRP D 206 -26.27 8.53 2.58
C TRP D 206 -25.11 9.21 3.30
N SER D 207 -23.87 8.92 2.96
CA SER D 207 -22.75 9.52 3.67
C SER D 207 -22.14 10.73 2.97
N PHE D 208 -22.36 10.89 1.67
CA PHE D 208 -21.68 11.95 0.94
C PHE D 208 -22.64 12.96 0.33
N ILE D 209 -23.72 12.51 -0.31
CA ILE D 209 -24.62 13.44 -0.98
C ILE D 209 -25.47 14.21 0.02
N LEU D 210 -25.97 13.55 1.06
CA LEU D 210 -26.96 14.19 1.93
C LEU D 210 -26.36 15.20 2.90
N PRO D 211 -25.29 14.91 3.66
CA PRO D 211 -24.73 15.96 4.52
C PRO D 211 -24.14 17.14 3.77
N LEU D 212 -23.69 16.94 2.53
CA LEU D 212 -23.26 18.09 1.73
C LEU D 212 -24.46 18.97 1.39
N GLY D 213 -25.60 18.35 1.08
CA GLY D 213 -26.81 19.13 0.87
C GLY D 213 -27.25 19.87 2.11
N LEU D 214 -27.10 19.24 3.28
CA LEU D 214 -27.44 19.92 4.53
C LEU D 214 -26.50 21.09 4.80
N ILE D 215 -25.20 20.93 4.52
CA ILE D 215 -24.24 22.02 4.71
C ILE D 215 -24.54 23.18 3.77
N ILE D 216 -24.84 22.88 2.51
CA ILE D 216 -25.14 23.92 1.53
C ILE D 216 -26.45 24.62 1.87
N ALA D 217 -27.45 23.87 2.35
CA ALA D 217 -28.71 24.48 2.76
C ALA D 217 -28.53 25.36 3.99
N ALA D 218 -27.73 24.93 4.96
CA ALA D 218 -27.45 25.74 6.13
C ALA D 218 -26.54 26.93 5.82
N SER D 219 -25.85 26.91 4.68
CA SER D 219 -25.08 28.07 4.25
C SER D 219 -25.95 29.28 3.94
N TRP D 220 -27.17 29.06 3.46
CA TRP D 220 -28.02 30.15 3.03
C TRP D 220 -28.57 30.96 4.20
N SER D 221 -28.49 30.43 5.41
CA SER D 221 -29.01 31.13 6.58
C SER D 221 -27.92 31.96 7.27
N VAL D 222 -27.21 32.77 6.49
CA VAL D 222 -26.36 33.83 7.04
C VAL D 222 -26.94 35.20 6.79
N PHE D 223 -27.97 35.31 5.96
CA PHE D 223 -28.65 36.58 5.74
C PHE D 223 -29.67 36.88 6.80
N TRP D 224 -29.91 35.97 7.74
CA TRP D 224 -30.71 36.26 8.90
C TRP D 224 -29.92 36.99 9.99
N LEU D 225 -28.59 37.01 9.87
CA LEU D 225 -27.78 37.75 10.81
C LEU D 225 -27.94 39.26 10.60
N GLU D 226 -27.93 40.00 11.70
CA GLU D 226 -28.30 41.41 11.64
C GLU D 226 -27.13 42.29 11.18
N SER D 227 -25.94 42.04 11.71
CA SER D 227 -24.80 42.91 11.46
C SER D 227 -24.16 42.57 10.11
N PHE D 228 -22.98 43.14 9.85
CA PHE D 228 -22.22 42.86 8.65
C PHE D 228 -20.95 42.06 8.91
N SER D 229 -20.21 42.39 9.97
CA SER D 229 -19.02 41.62 10.31
C SER D 229 -19.36 40.20 10.73
N GLU D 230 -20.52 40.03 11.36
CA GLU D 230 -21.00 38.70 11.70
C GLU D 230 -21.21 37.86 10.45
N ARG D 231 -21.75 38.47 9.40
CA ARG D 231 -21.97 37.76 8.14
C ARG D 231 -20.66 37.30 7.50
N LEU D 232 -19.64 38.17 7.49
CA LEU D 232 -18.38 37.79 6.88
C LEU D 232 -17.65 36.70 7.67
N GLN D 233 -17.63 36.84 9.00
CA GLN D 233 -16.97 35.81 9.82
C GLN D 233 -17.69 34.47 9.70
N THR D 234 -19.03 34.51 9.66
CA THR D 234 -19.81 33.29 9.50
C THR D 234 -19.60 32.66 8.12
N SER D 235 -19.48 33.48 7.08
CA SER D 235 -19.23 32.95 5.74
C SER D 235 -17.87 32.30 5.64
N PHE D 236 -16.86 32.87 6.31
CA PHE D 236 -15.54 32.26 6.27
C PHE D 236 -15.49 30.96 7.08
N THR D 237 -16.25 30.89 8.16
CA THR D 237 -16.39 29.61 8.88
C THR D 237 -17.04 28.56 7.99
N LEU D 238 -18.07 28.95 7.23
CA LEU D 238 -18.71 28.03 6.29
C LEU D 238 -17.75 27.60 5.17
N MET D 239 -16.89 28.51 4.71
CA MET D 239 -15.91 28.15 3.69
C MET D 239 -14.92 27.11 4.22
N LEU D 240 -14.48 27.27 5.47
CA LEU D 240 -13.62 26.25 6.07
C LEU D 240 -14.35 24.91 6.22
N THR D 241 -15.65 24.96 6.55
CA THR D 241 -16.45 23.73 6.62
C THR D 241 -16.52 23.04 5.27
N VAL D 242 -16.72 23.80 4.19
CA VAL D 242 -16.81 23.20 2.86
C VAL D 242 -15.46 22.62 2.43
N VAL D 243 -14.35 23.29 2.77
CA VAL D 243 -13.04 22.74 2.45
C VAL D 243 -12.79 21.43 3.20
N ALA D 244 -13.15 21.39 4.49
CA ALA D 244 -13.00 20.17 5.27
C ALA D 244 -13.87 19.04 4.73
N TYR D 245 -15.08 19.36 4.28
CA TYR D 245 -15.93 18.34 3.69
C TYR D 245 -15.39 17.87 2.34
N ALA D 246 -14.82 18.78 1.56
CA ALA D 246 -14.21 18.42 0.29
C ALA D 246 -13.09 17.43 0.50
N PHE D 247 -12.26 17.66 1.52
CA PHE D 247 -11.20 16.70 1.81
C PHE D 247 -11.74 15.40 2.39
N TYR D 248 -12.81 15.48 3.18
CA TYR D 248 -13.38 14.26 3.75
C TYR D 248 -13.90 13.34 2.66
N THR D 249 -14.59 13.90 1.67
CA THR D 249 -14.98 13.04 0.54
C THR D 249 -13.78 12.61 -0.29
N SER D 250 -12.87 13.53 -0.63
CA SER D 250 -11.81 13.21 -1.56
C SER D 250 -10.76 12.26 -1.00
N ASN D 251 -10.76 11.97 0.30
CA ASN D 251 -9.89 10.89 0.74
C ASN D 251 -10.59 9.55 0.51
N ILE D 252 -11.82 9.41 0.97
CA ILE D 252 -12.58 8.16 0.87
C ILE D 252 -13.17 7.83 -0.52
N LEU D 253 -12.66 8.40 -1.59
CA LEU D 253 -13.20 8.10 -2.92
C LEU D 253 -12.11 7.70 -3.89
N PRO D 254 -12.47 6.94 -4.93
CA PRO D 254 -11.58 6.43 -5.97
C PRO D 254 -10.92 7.54 -6.77
N ARG D 255 -9.63 7.41 -7.05
CA ARG D 255 -8.95 8.45 -7.80
C ARG D 255 -9.33 8.38 -9.28
N LEU D 256 -9.63 9.53 -9.86
CA LEU D 256 -10.11 9.61 -11.23
C LEU D 256 -9.49 10.82 -11.90
N PRO D 257 -9.34 10.79 -13.22
CA PRO D 257 -8.85 11.97 -13.95
C PRO D 257 -9.92 12.97 -14.39
N TYR D 258 -11.12 12.92 -13.82
CA TYR D 258 -12.19 13.83 -14.17
C TYR D 258 -13.14 13.98 -13.00
N THR D 259 -14.00 15.00 -13.07
CA THR D 259 -14.88 15.32 -11.97
C THR D 259 -16.17 14.52 -12.04
N THR D 260 -16.50 13.84 -10.95
CA THR D 260 -17.70 13.05 -10.84
C THR D 260 -18.85 13.91 -10.31
N VAL D 261 -19.94 13.27 -9.90
CA VAL D 261 -21.09 14.01 -9.39
C VAL D 261 -20.75 14.69 -8.06
N ILE D 262 -20.15 13.94 -7.16
CA ILE D 262 -19.79 14.46 -5.86
C ILE D 262 -18.84 15.64 -6.00
N ASP D 263 -17.93 15.55 -6.95
CA ASP D 263 -17.00 16.63 -7.25
C ASP D 263 -17.76 17.84 -7.78
N GLN D 264 -18.79 17.61 -8.58
CA GLN D 264 -19.61 18.69 -9.11
C GLN D 264 -20.32 19.39 -7.98
N MET D 265 -20.73 18.65 -6.96
CA MET D 265 -21.43 19.24 -5.83
C MET D 265 -20.49 20.01 -4.91
N ILE D 266 -19.23 19.57 -4.79
CA ILE D 266 -18.28 20.33 -3.99
C ILE D 266 -18.01 21.70 -4.60
N ILE D 267 -17.84 21.75 -5.93
CA ILE D 267 -17.65 23.02 -6.63
C ILE D 267 -18.92 23.88 -6.54
N ALA D 268 -20.09 23.25 -6.56
CA ALA D 268 -21.32 24.00 -6.31
C ALA D 268 -21.35 24.60 -4.92
N GLY D 269 -20.83 23.88 -3.93
CA GLY D 269 -20.74 24.43 -2.58
C GLY D 269 -19.78 25.61 -2.49
N TYR D 270 -18.62 25.51 -3.14
CA TYR D 270 -17.69 26.63 -3.20
C TYR D 270 -18.31 27.84 -3.88
N GLY D 271 -19.04 27.60 -4.98
CA GLY D 271 -19.71 28.69 -5.67
C GLY D 271 -20.81 29.32 -4.84
N SER D 272 -21.52 28.50 -4.06
CA SER D 272 -22.56 29.04 -3.17
C SER D 272 -21.95 29.92 -2.08
N ILE D 273 -20.82 29.48 -1.50
CA ILE D 273 -20.15 30.29 -0.47
C ILE D 273 -19.66 31.61 -1.06
N PHE D 274 -19.04 31.55 -2.25
CA PHE D 274 -18.51 32.77 -2.84
C PHE D 274 -19.62 33.71 -3.30
N ALA D 275 -20.73 33.17 -3.81
CA ALA D 275 -21.87 34.00 -4.15
C ALA D 275 -22.48 34.64 -2.91
N ALA D 276 -22.55 33.91 -1.79
CA ALA D 276 -23.04 34.49 -0.55
C ALA D 276 -22.16 35.63 -0.09
N ILE D 277 -20.84 35.46 -0.18
CA ILE D 277 -19.91 36.53 0.21
C ILE D 277 -20.08 37.74 -0.70
N LEU D 278 -20.25 37.51 -2.00
CA LEU D 278 -20.43 38.60 -2.94
C LEU D 278 -21.72 39.38 -2.68
N LEU D 279 -22.82 38.68 -2.40
CA LEU D 279 -24.07 39.37 -2.05
C LEU D 279 -23.97 40.12 -0.72
N ILE D 280 -23.28 39.56 0.28
CA ILE D 280 -23.09 40.31 1.53
C ILE D 280 -22.29 41.59 1.30
N ILE D 281 -21.24 41.51 0.48
CA ILE D 281 -20.44 42.70 0.19
C ILE D 281 -21.26 43.73 -0.60
N PHE D 282 -22.02 43.27 -1.61
CA PHE D 282 -22.78 44.20 -2.43
C PHE D 282 -23.94 44.82 -1.65
N ALA D 283 -24.51 44.09 -0.69
CA ALA D 283 -25.52 44.68 0.18
C ALA D 283 -24.90 45.64 1.18
N HIS D 284 -23.67 45.37 1.62
CA HIS D 284 -22.97 46.30 2.49
C HIS D 284 -22.55 47.56 1.72
N HIS D 285 -22.08 47.40 0.49
CA HIS D 285 -21.50 48.52 -0.24
C HIS D 285 -22.52 49.51 -0.75
N ARG D 286 -23.81 49.17 -0.72
CA ARG D 286 -24.86 50.07 -1.21
C ARG D 286 -25.11 51.15 -0.16
N GLN D 287 -24.20 52.13 -0.12
CA GLN D 287 -24.27 53.25 0.80
C GLN D 287 -24.01 54.54 0.04
N ALA D 288 -24.58 55.65 0.54
CA ALA D 288 -24.34 56.95 -0.05
C ALA D 288 -22.91 57.41 0.20
N ASN D 289 -22.47 57.33 1.47
CA ASN D 289 -21.10 57.69 1.83
C ASN D 289 -20.44 56.71 2.80
N GLY D 290 -21.19 55.78 3.37
CA GLY D 290 -20.61 54.80 4.28
C GLY D 290 -21.47 54.50 5.49
N VAL D 291 -22.61 55.16 5.62
CA VAL D 291 -23.49 54.98 6.77
C VAL D 291 -24.89 54.53 6.40
N GLU D 292 -25.28 54.60 5.13
CA GLU D 292 -26.64 54.24 4.73
C GLU D 292 -26.79 52.73 4.66
N ASP D 293 -27.72 52.20 5.45
CA ASP D 293 -27.93 50.76 5.52
C ASP D 293 -28.71 50.29 4.29
N ASP D 294 -28.96 48.97 4.23
CA ASP D 294 -29.65 48.38 3.09
C ASP D 294 -30.54 47.25 3.55
N LEU D 295 -31.70 47.14 2.92
CA LEU D 295 -32.59 45.99 3.09
C LEU D 295 -33.17 45.46 1.79
N LEU D 296 -33.12 46.23 0.70
CA LEU D 296 -33.76 45.82 -0.55
C LEU D 296 -33.04 44.62 -1.18
N ILE D 297 -31.71 44.64 -1.18
CA ILE D 297 -30.95 43.51 -1.71
C ILE D 297 -31.07 42.27 -0.84
N GLN D 298 -31.34 42.43 0.45
CA GLN D 298 -31.44 41.33 1.39
C GLN D 298 -32.82 40.66 1.40
N ARG D 299 -33.60 40.81 0.32
CA ARG D 299 -34.78 40.00 0.11
C ARG D 299 -34.44 38.65 -0.50
N CYS D 300 -33.16 38.38 -0.76
CA CYS D 300 -32.70 37.13 -1.32
C CYS D 300 -32.50 36.04 -0.25
N ARG D 301 -33.10 36.21 0.93
CA ARG D 301 -33.17 35.11 1.88
C ARG D 301 -34.10 34.00 1.40
N LEU D 302 -35.03 34.31 0.51
CA LEU D 302 -35.90 33.31 -0.09
C LEU D 302 -35.79 33.22 -1.60
N ALA D 303 -34.93 34.02 -2.24
CA ALA D 303 -34.76 34.00 -3.68
C ALA D 303 -33.44 33.40 -4.14
N PHE D 304 -32.34 33.75 -3.48
CA PHE D 304 -31.04 33.16 -3.81
C PHE D 304 -30.98 31.64 -3.59
N PRO D 305 -31.51 31.04 -2.50
CA PRO D 305 -31.59 29.57 -2.47
C PRO D 305 -32.36 28.96 -3.63
N LEU D 306 -33.49 29.57 -4.01
CA LEU D 306 -34.27 29.06 -5.12
C LEU D 306 -33.53 29.20 -6.44
N GLY D 307 -32.81 30.32 -6.64
CA GLY D 307 -32.02 30.48 -7.85
C GLY D 307 -30.88 29.48 -7.94
N PHE D 308 -30.21 29.21 -6.82
CA PHE D 308 -29.15 28.21 -6.82
C PHE D 308 -29.71 26.81 -7.07
N LEU D 309 -30.87 26.50 -6.50
CA LEU D 309 -31.50 25.21 -6.76
C LEU D 309 -31.91 25.07 -8.22
N ALA D 310 -32.40 26.15 -8.83
CA ALA D 310 -32.73 26.13 -10.25
C ALA D 310 -31.49 25.93 -11.12
N ILE D 311 -30.37 26.57 -10.74
CA ILE D 311 -29.11 26.38 -11.45
C ILE D 311 -28.66 24.93 -11.35
N GLY D 312 -28.75 24.35 -10.16
CA GLY D 312 -28.38 22.95 -9.99
C GLY D 312 -29.27 21.99 -10.76
N CYS D 313 -30.58 22.28 -10.81
CA CYS D 313 -31.51 21.45 -11.57
C CYS D 313 -31.26 21.55 -13.07
N VAL D 314 -30.87 22.74 -13.55
CA VAL D 314 -30.45 22.88 -14.94
C VAL D 314 -29.19 22.06 -15.20
N LEU D 315 -28.23 22.11 -14.27
CA LEU D 315 -26.97 21.38 -14.44
C LEU D 315 -27.15 19.87 -14.38
N VAL D 316 -28.13 19.37 -13.63
CA VAL D 316 -28.40 17.93 -13.62
C VAL D 316 -28.91 17.47 -14.98
N ILE D 317 -29.89 18.17 -15.53
CA ILE D 317 -30.44 17.84 -16.83
C ILE D 317 -29.43 18.12 -17.95
N PRO E 11 -14.05 -46.92 -4.74
CA PRO E 11 -13.62 -45.57 -4.37
C PRO E 11 -12.60 -45.58 -3.25
N VAL E 12 -11.65 -44.66 -3.29
CA VAL E 12 -10.60 -44.56 -2.29
C VAL E 12 -11.08 -43.68 -1.16
N ASP E 13 -10.95 -44.16 0.08
CA ASP E 13 -11.40 -43.43 1.26
C ASP E 13 -10.24 -42.61 1.79
N VAL E 14 -10.39 -41.29 1.77
CA VAL E 14 -9.34 -40.37 2.18
C VAL E 14 -9.78 -39.69 3.46
N SER E 15 -8.92 -39.73 4.49
CA SER E 15 -9.19 -39.12 5.79
C SER E 15 -8.38 -37.85 5.89
N VAL E 16 -9.05 -36.73 6.08
CA VAL E 16 -8.38 -35.44 6.12
C VAL E 16 -8.32 -34.95 7.56
N SER E 17 -7.24 -34.25 7.90
CA SER E 17 -7.13 -33.53 9.17
C SER E 17 -6.58 -32.15 8.87
N ILE E 18 -7.25 -31.11 9.35
CA ILE E 18 -6.83 -29.73 9.11
C ILE E 18 -6.44 -29.12 10.44
N PHE E 19 -5.23 -28.57 10.49
CA PHE E 19 -4.73 -27.85 11.66
C PHE E 19 -4.75 -26.37 11.30
N ILE E 20 -5.44 -25.56 12.10
CA ILE E 20 -5.49 -24.13 11.87
C ILE E 20 -4.48 -23.48 12.81
N ASN E 21 -3.52 -22.75 12.25
CA ASN E 21 -2.52 -22.11 13.08
C ASN E 21 -2.93 -20.70 13.48
N LYS E 22 -3.34 -19.89 12.50
CA LYS E 22 -3.81 -18.56 12.79
C LYS E 22 -4.75 -18.09 11.68
N ILE E 23 -5.73 -17.30 12.05
CA ILE E 23 -6.65 -16.64 11.12
C ILE E 23 -6.50 -15.14 11.33
N TYR E 24 -6.20 -14.42 10.25
CA TYR E 24 -5.86 -13.02 10.38
C TYR E 24 -6.13 -12.33 9.06
N GLY E 25 -5.83 -11.04 8.99
CA GLY E 25 -5.84 -10.30 7.74
C GLY E 25 -7.18 -10.18 7.06
N VAL E 26 -8.24 -9.95 7.83
CA VAL E 26 -9.60 -9.89 7.27
C VAL E 26 -9.71 -8.61 6.44
N ASN E 27 -10.13 -8.76 5.19
CA ASN E 27 -10.26 -7.66 4.25
C ASN E 27 -11.73 -7.50 3.92
N THR E 28 -12.34 -6.42 4.39
CA THR E 28 -13.78 -6.27 4.30
C THR E 28 -14.27 -5.92 2.90
N LEU E 29 -13.49 -5.17 2.15
CA LEU E 29 -13.92 -4.76 0.82
C LEU E 29 -14.00 -5.94 -0.15
N GLU E 30 -12.98 -6.79 -0.14
CA GLU E 30 -12.94 -7.95 -1.02
C GLU E 30 -13.53 -9.19 -0.37
N GLN E 31 -13.94 -9.07 0.88
CA GLN E 31 -14.52 -10.17 1.68
C GLN E 31 -13.63 -11.41 1.78
N THR E 32 -12.35 -11.20 2.09
CA THR E 32 -11.40 -12.27 2.23
C THR E 32 -10.81 -12.30 3.64
N TYR E 33 -10.07 -13.37 3.92
CA TYR E 33 -9.30 -13.54 5.13
C TYR E 33 -8.20 -14.53 4.83
N LYS E 34 -7.19 -14.57 5.70
CA LYS E 34 -6.03 -15.44 5.48
C LYS E 34 -5.96 -16.49 6.56
N VAL E 35 -5.88 -17.75 6.15
CA VAL E 35 -5.75 -18.88 7.07
C VAL E 35 -4.40 -19.53 6.82
N ASP E 36 -3.70 -19.85 7.90
CA ASP E 36 -2.41 -20.51 7.84
C ASP E 36 -2.51 -21.80 8.62
N GLY E 37 -1.93 -22.89 8.11
CA GLY E 37 -2.00 -24.14 8.83
C GLY E 37 -1.50 -25.28 7.99
N TYR E 38 -1.87 -26.49 8.42
CA TYR E 38 -1.46 -27.74 7.78
C TYR E 38 -2.67 -28.48 7.25
N ILE E 39 -2.41 -29.45 6.38
CA ILE E 39 -3.43 -30.38 5.91
C ILE E 39 -2.81 -31.76 5.82
N VAL E 40 -3.50 -32.76 6.34
CA VAL E 40 -2.99 -34.13 6.41
C VAL E 40 -4.03 -35.05 5.81
N ALA E 41 -3.80 -35.52 4.59
CA ALA E 41 -4.65 -36.52 3.96
C ALA E 41 -4.02 -37.89 4.10
N GLN E 42 -4.88 -38.91 4.21
CA GLN E 42 -4.42 -40.26 4.48
C GLN E 42 -5.33 -41.28 3.81
N TRP E 43 -4.76 -42.08 2.92
CA TRP E 43 -5.51 -43.13 2.24
C TRP E 43 -4.67 -44.40 2.23
N THR E 44 -5.23 -45.47 1.66
CA THR E 44 -4.60 -46.78 1.63
C THR E 44 -4.53 -47.25 0.18
N GLY E 45 -3.32 -47.59 -0.26
CA GLY E 45 -3.14 -48.09 -1.61
C GLY E 45 -2.65 -49.53 -1.66
N LYS E 46 -1.71 -49.82 -2.56
CA LYS E 46 -1.10 -51.12 -2.73
C LYS E 46 0.05 -51.30 -1.75
N PRO E 47 0.29 -52.53 -1.28
CA PRO E 47 1.46 -52.78 -0.44
C PRO E 47 2.75 -52.62 -1.24
N ARG E 48 3.81 -52.27 -0.54
CA ARG E 48 5.09 -52.03 -1.19
C ARG E 48 6.22 -52.44 -0.25
N LYS E 49 7.41 -52.56 -0.83
CA LYS E 49 8.61 -52.92 -0.08
C LYS E 49 9.49 -51.69 0.05
N THR E 50 9.59 -51.17 1.26
CA THR E 50 10.41 -50.00 1.58
C THR E 50 11.78 -50.45 2.09
N PRO E 51 12.78 -49.54 2.13
CA PRO E 51 14.05 -49.87 2.79
C PRO E 51 13.87 -50.28 4.25
N GLY E 52 14.19 -51.54 4.56
CA GLY E 52 13.87 -52.07 5.87
C GLY E 52 12.39 -52.35 6.00
N ASP E 53 11.87 -52.15 7.22
CA ASP E 53 10.44 -52.22 7.45
C ASP E 53 9.87 -50.87 7.87
N LYS E 54 10.73 -49.91 8.23
CA LYS E 54 10.25 -48.61 8.65
C LYS E 54 9.64 -47.85 7.48
N PRO E 55 8.69 -46.96 7.73
CA PRO E 55 8.09 -46.17 6.66
C PRO E 55 9.09 -45.23 6.02
N LEU E 56 8.90 -44.95 4.74
CA LEU E 56 9.78 -44.10 3.95
C LEU E 56 9.25 -42.68 3.83
N ILE E 57 10.13 -41.69 3.89
CA ILE E 57 9.73 -40.28 3.83
C ILE E 57 10.25 -39.58 2.58
N VAL E 58 9.37 -38.88 1.87
CA VAL E 58 9.72 -38.17 0.66
C VAL E 58 9.52 -36.67 0.88
N GLU E 59 10.53 -35.86 0.61
CA GLU E 59 10.40 -34.42 0.87
C GLU E 59 9.74 -33.59 -0.23
N ASN E 60 10.06 -32.31 -0.24
CA ASN E 60 9.44 -31.36 -1.16
C ASN E 60 9.64 -31.52 -2.65
N THR E 61 10.85 -31.77 -3.10
CA THR E 61 11.09 -31.87 -4.54
C THR E 61 11.03 -33.31 -4.98
N GLN E 62 11.37 -34.20 -4.07
CA GLN E 62 11.32 -35.62 -4.34
C GLN E 62 9.94 -36.19 -4.65
N ILE E 63 8.89 -35.54 -4.19
CA ILE E 63 7.55 -36.04 -4.45
C ILE E 63 7.27 -36.06 -5.94
N GLU E 64 7.69 -35.04 -6.68
CA GLU E 64 7.46 -35.00 -8.11
C GLU E 64 8.17 -36.16 -8.80
N ARG E 65 9.29 -36.61 -8.25
CA ARG E 65 9.98 -37.76 -8.81
C ARG E 65 9.19 -39.05 -8.64
N TRP E 66 8.51 -39.21 -7.51
CA TRP E 66 7.70 -40.40 -7.27
C TRP E 66 6.41 -40.41 -8.07
N ILE E 67 5.82 -39.24 -8.31
CA ILE E 67 4.59 -39.16 -9.10
C ILE E 67 4.87 -39.50 -10.57
N ASN E 68 6.02 -39.09 -11.10
CA ASN E 68 6.38 -39.44 -12.47
C ASN E 68 6.54 -40.93 -12.67
N ASN E 69 6.93 -41.66 -11.63
CA ASN E 69 7.09 -43.10 -11.71
C ASN E 69 5.78 -43.85 -11.49
N GLY E 70 4.69 -43.14 -11.24
CA GLY E 70 3.38 -43.76 -11.19
C GLY E 70 2.69 -43.77 -9.85
N LEU E 71 3.19 -43.03 -8.86
CA LEU E 71 2.52 -42.97 -7.57
C LEU E 71 1.26 -42.12 -7.69
N TRP E 72 0.19 -42.57 -7.05
CA TRP E 72 -1.09 -41.89 -7.10
C TRP E 72 -1.20 -40.94 -5.91
N VAL E 73 -1.10 -39.64 -6.17
CA VAL E 73 -1.29 -38.62 -5.17
C VAL E 73 -2.37 -37.68 -5.71
N PRO E 74 -3.56 -37.64 -5.11
CA PRO E 74 -4.60 -36.75 -5.60
C PRO E 74 -4.32 -35.29 -5.28
N ALA E 75 -4.87 -34.42 -6.11
CA ALA E 75 -4.75 -32.97 -5.93
C ALA E 75 -6.01 -32.50 -5.22
N LEU E 76 -5.85 -32.11 -3.96
CA LEU E 76 -6.96 -31.60 -3.16
C LEU E 76 -7.01 -30.09 -3.32
N GLU E 77 -8.17 -29.57 -3.71
CA GLU E 77 -8.36 -28.17 -4.01
C GLU E 77 -9.16 -27.50 -2.91
N PHE E 78 -8.76 -26.27 -2.56
CA PHE E 78 -9.60 -25.41 -1.76
C PHE E 78 -10.54 -24.65 -2.68
N ILE E 79 -11.84 -24.82 -2.48
CA ILE E 79 -12.82 -24.28 -3.41
C ILE E 79 -12.89 -22.76 -3.31
N ASN E 80 -12.84 -22.22 -2.09
CA ASN E 80 -13.04 -20.80 -1.89
C ASN E 80 -11.72 -20.04 -1.72
N VAL E 81 -10.59 -20.65 -2.03
CA VAL E 81 -9.34 -19.91 -2.01
C VAL E 81 -9.30 -18.93 -3.17
N VAL E 82 -8.64 -17.81 -2.97
CA VAL E 82 -8.47 -16.79 -3.99
C VAL E 82 -7.04 -16.91 -4.51
N GLY E 83 -6.90 -17.30 -5.77
CA GLY E 83 -5.59 -17.51 -6.33
C GLY E 83 -5.10 -18.93 -6.16
N SER E 84 -3.96 -19.08 -5.46
CA SER E 84 -3.39 -20.37 -5.20
C SER E 84 -2.67 -20.28 -3.86
N PRO E 85 -2.79 -21.29 -3.00
CA PRO E 85 -2.15 -21.22 -1.69
C PRO E 85 -0.63 -21.24 -1.81
N ASP E 86 0.02 -20.59 -0.84
CA ASP E 86 1.47 -20.55 -0.81
C ASP E 86 1.91 -21.79 -0.04
N THR E 87 2.09 -22.87 -0.78
CA THR E 87 2.47 -24.15 -0.18
C THR E 87 3.91 -24.12 0.26
N GLY E 88 4.15 -24.35 1.54
CA GLY E 88 5.51 -24.39 2.05
C GLY E 88 6.09 -25.77 1.93
N ASN E 89 6.52 -26.35 3.03
CA ASN E 89 7.00 -27.72 3.01
C ASN E 89 5.85 -28.69 2.80
N LYS E 90 6.14 -29.80 2.12
CA LYS E 90 5.17 -30.86 1.95
C LYS E 90 5.92 -32.18 1.93
N ARG E 91 5.23 -33.25 2.31
CA ARG E 91 5.90 -34.53 2.36
C ARG E 91 4.90 -35.67 2.18
N LEU E 92 5.44 -36.83 1.85
CA LEU E 92 4.71 -38.08 1.75
C LEU E 92 5.37 -39.09 2.67
N MET E 93 4.58 -39.83 3.43
CA MET E 93 5.08 -40.93 4.24
C MET E 93 4.45 -42.21 3.73
N LEU E 94 5.27 -43.09 3.17
CA LEU E 94 4.81 -44.32 2.55
C LEU E 94 5.07 -45.49 3.49
N PHE E 95 4.03 -46.24 3.79
CA PHE E 95 4.18 -47.38 4.68
C PHE E 95 4.25 -48.68 3.88
N PRO E 96 4.96 -49.69 4.38
CA PRO E 96 4.95 -50.99 3.69
C PRO E 96 3.60 -51.67 3.71
N ASP E 97 2.72 -51.30 4.64
CA ASP E 97 1.36 -51.82 4.67
C ASP E 97 0.60 -51.40 3.41
N GLY E 98 0.87 -50.20 2.93
CA GLY E 98 0.16 -49.67 1.78
C GLY E 98 -0.51 -48.36 2.11
N ARG E 99 -0.34 -47.92 3.35
CA ARG E 99 -0.93 -46.69 3.84
C ARG E 99 -0.05 -45.52 3.45
N VAL E 100 -0.68 -44.47 2.91
CA VAL E 100 0.03 -43.29 2.42
C VAL E 100 -0.50 -42.08 3.18
N ILE E 101 0.41 -41.23 3.64
CA ILE E 101 0.05 -40.02 4.38
C ILE E 101 0.69 -38.83 3.69
N TYR E 102 -0.12 -37.86 3.29
CA TYR E 102 0.35 -36.67 2.60
C TYR E 102 0.14 -35.47 3.51
N ASN E 103 1.22 -34.87 3.97
CA ASN E 103 1.17 -33.72 4.88
C ASN E 103 1.77 -32.52 4.16
N ALA E 104 1.05 -31.40 4.19
CA ALA E 104 1.49 -30.19 3.51
C ALA E 104 1.08 -28.98 4.33
N ARG E 105 1.79 -27.88 4.13
CA ARG E 105 1.52 -26.63 4.83
C ARG E 105 1.07 -25.59 3.84
N PHE E 106 0.03 -24.84 4.17
CA PHE E 106 -0.53 -23.85 3.27
C PHE E 106 -0.65 -22.50 3.95
N LEU E 107 -0.68 -21.45 3.14
CA LEU E 107 -1.13 -20.12 3.54
C LEU E 107 -1.95 -19.58 2.40
N GLY E 108 -3.27 -19.53 2.57
CA GLY E 108 -4.15 -19.12 1.51
C GLY E 108 -4.91 -17.87 1.89
N SER E 109 -5.56 -17.28 0.90
CA SER E 109 -6.44 -16.14 1.10
C SER E 109 -7.84 -16.57 0.69
N PHE E 110 -8.63 -16.96 1.69
CA PHE E 110 -9.93 -17.57 1.43
C PHE E 110 -11.00 -16.49 1.34
N SER E 111 -12.18 -16.87 0.86
CA SER E 111 -13.27 -15.93 0.68
C SER E 111 -14.57 -16.52 1.19
N ASN E 112 -15.50 -15.63 1.56
CA ASN E 112 -16.79 -16.03 2.09
C ASN E 112 -17.78 -14.88 1.88
N ASP E 113 -19.03 -15.12 2.23
CA ASP E 113 -20.08 -14.10 2.20
C ASP E 113 -20.15 -13.46 3.58
N MET E 114 -19.49 -12.32 3.71
CA MET E 114 -19.30 -11.67 4.99
C MET E 114 -20.22 -10.47 5.14
N ASP E 115 -20.82 -10.34 6.32
CA ASP E 115 -21.82 -9.32 6.60
C ASP E 115 -21.26 -8.43 7.71
N PHE E 116 -20.87 -7.20 7.35
CA PHE E 116 -20.33 -6.25 8.31
C PHE E 116 -21.31 -5.13 8.63
N ARG E 117 -22.61 -5.37 8.52
CA ARG E 117 -23.60 -4.31 8.71
C ARG E 117 -23.77 -3.91 10.16
N LEU E 118 -23.28 -4.70 11.11
CA LEU E 118 -23.28 -4.35 12.52
C LEU E 118 -21.81 -4.36 12.89
N PHE E 119 -21.07 -3.28 12.61
CA PHE E 119 -19.63 -3.41 12.46
C PHE E 119 -18.89 -3.69 13.78
N PRO E 120 -19.01 -2.86 14.83
CA PRO E 120 -18.21 -3.18 16.03
C PRO E 120 -18.71 -4.41 16.76
N PHE E 121 -20.01 -4.70 16.68
CA PHE E 121 -20.64 -5.81 17.39
C PHE E 121 -20.89 -6.97 16.44
N ASP E 122 -19.92 -7.21 15.57
CA ASP E 122 -20.04 -8.12 14.45
C ASP E 122 -20.01 -9.57 14.91
N ARG E 123 -20.40 -10.47 14.00
CA ARG E 123 -20.33 -11.89 14.26
C ARG E 123 -20.18 -12.59 12.91
N GLN E 124 -18.97 -13.05 12.62
CA GLN E 124 -18.66 -13.70 11.35
C GLN E 124 -18.34 -15.17 11.58
N GLN E 125 -18.28 -15.91 10.47
CA GLN E 125 -17.78 -17.26 10.51
C GLN E 125 -16.86 -17.49 9.31
N PHE E 126 -15.76 -18.20 9.55
CA PHE E 126 -14.73 -18.42 8.58
C PHE E 126 -14.85 -19.83 8.01
N VAL E 127 -14.95 -19.93 6.69
CA VAL E 127 -15.29 -21.18 6.02
C VAL E 127 -14.12 -21.61 5.16
N LEU E 128 -13.74 -22.88 5.28
CA LEU E 128 -12.80 -23.53 4.37
C LEU E 128 -13.53 -24.67 3.70
N GLU E 129 -13.50 -24.71 2.37
CA GLU E 129 -14.12 -25.77 1.60
C GLU E 129 -13.04 -26.52 0.81
N LEU E 130 -13.06 -27.84 0.93
CA LEU E 130 -12.03 -28.69 0.35
C LEU E 130 -12.69 -29.72 -0.56
N GLU E 131 -12.08 -29.97 -1.71
CA GLU E 131 -12.69 -30.84 -2.70
C GLU E 131 -11.61 -31.39 -3.60
N PRO E 132 -11.68 -32.65 -4.05
CA PRO E 132 -10.73 -33.14 -5.05
C PRO E 132 -10.91 -32.39 -6.35
N PHE E 133 -9.79 -32.14 -7.02
CA PHE E 133 -9.86 -31.34 -8.23
C PHE E 133 -10.44 -32.13 -9.40
N SER E 134 -10.28 -33.45 -9.42
CA SER E 134 -10.56 -34.20 -10.63
C SER E 134 -11.38 -35.47 -10.43
N TYR E 135 -11.39 -36.03 -9.23
CA TYR E 135 -11.97 -37.33 -8.99
C TYR E 135 -13.34 -37.19 -8.34
N ASN E 136 -14.36 -37.78 -8.96
CA ASN E 136 -15.70 -37.78 -8.39
C ASN E 136 -15.79 -38.83 -7.30
N ASN E 137 -16.94 -38.93 -6.64
CA ASN E 137 -17.05 -39.78 -5.47
C ASN E 137 -17.14 -41.26 -5.79
N GLN E 138 -17.17 -41.63 -7.08
CA GLN E 138 -16.99 -43.02 -7.47
C GLN E 138 -15.53 -43.40 -7.55
N GLN E 139 -14.61 -42.44 -7.39
CA GLN E 139 -13.19 -42.70 -7.37
C GLN E 139 -12.48 -42.19 -6.13
N LEU E 140 -13.06 -41.21 -5.42
CA LEU E 140 -12.44 -40.65 -4.23
C LEU E 140 -13.54 -40.02 -3.40
N ARG E 141 -13.80 -40.58 -2.22
CA ARG E 141 -14.73 -39.99 -1.29
C ARG E 141 -14.06 -39.79 0.06
N PHE E 142 -14.34 -38.65 0.70
CA PHE E 142 -13.75 -38.31 2.00
C PHE E 142 -14.37 -39.08 3.15
N SER E 143 -13.57 -39.87 3.86
CA SER E 143 -14.05 -40.64 4.99
C SER E 143 -14.47 -39.79 6.18
N ASP E 144 -13.51 -39.20 6.88
CA ASP E 144 -13.80 -38.38 8.05
C ASP E 144 -12.89 -37.16 8.14
N ILE E 145 -13.28 -36.16 8.92
CA ILE E 145 -12.46 -34.97 9.07
C ILE E 145 -12.36 -34.40 10.48
N GLN E 146 -11.15 -34.31 11.01
CA GLN E 146 -10.88 -33.71 12.31
C GLN E 146 -10.26 -32.35 12.07
N VAL E 147 -10.68 -31.34 12.83
CA VAL E 147 -10.12 -30.01 12.73
C VAL E 147 -9.57 -29.60 14.09
N TYR E 148 -8.31 -29.19 14.13
CA TYR E 148 -7.61 -28.84 15.35
C TYR E 148 -7.31 -27.35 15.32
N THR E 149 -8.06 -26.57 16.09
CA THR E 149 -7.90 -25.13 16.19
C THR E 149 -7.34 -24.74 17.54
N GLU E 150 -6.39 -25.51 18.04
CA GLU E 150 -5.94 -25.36 19.43
C GLU E 150 -5.05 -24.14 19.60
N ASN E 151 -4.54 -23.57 18.50
CA ASN E 151 -3.59 -22.48 18.61
C ASN E 151 -4.28 -21.13 18.71
N ILE E 152 -5.46 -20.99 18.10
CA ILE E 152 -6.17 -19.72 18.08
C ILE E 152 -6.97 -19.57 19.38
N ASP E 153 -6.94 -18.38 19.97
CA ASP E 153 -7.35 -18.20 21.36
C ASP E 153 -8.49 -17.18 21.51
N ASN E 154 -8.75 -16.83 22.77
CA ASN E 154 -9.92 -16.02 23.16
C ASN E 154 -9.53 -14.79 23.97
N GLU E 155 -8.24 -14.51 24.16
CA GLU E 155 -7.81 -13.46 25.07
C GLU E 155 -8.07 -12.08 24.47
N GLU E 156 -7.88 -11.06 25.32
CA GLU E 156 -8.23 -9.69 24.95
C GLU E 156 -7.22 -9.08 23.98
N ILE E 157 -6.05 -9.71 23.85
CA ILE E 157 -5.07 -9.25 22.88
C ILE E 157 -5.55 -9.53 21.45
N ASP E 158 -6.19 -10.68 21.28
CA ASP E 158 -6.68 -11.11 19.99
C ASP E 158 -7.82 -10.25 19.48
N GLU E 159 -7.76 -9.90 18.21
CA GLU E 159 -8.78 -9.11 17.54
C GLU E 159 -10.13 -9.81 17.46
N TRP E 160 -10.11 -11.11 17.20
CA TRP E 160 -11.32 -11.91 17.08
C TRP E 160 -11.42 -13.01 18.14
N TRP E 161 -12.59 -13.14 18.75
CA TRP E 161 -12.82 -14.16 19.75
C TRP E 161 -13.38 -15.40 19.08
N ILE E 162 -12.61 -16.47 19.04
CA ILE E 162 -13.07 -17.72 18.43
C ILE E 162 -13.94 -18.44 19.44
N ARG E 163 -15.20 -18.67 19.09
CA ARG E 163 -16.20 -19.20 20.00
C ARG E 163 -16.37 -20.69 19.75
N GLY E 164 -15.77 -21.50 20.61
CA GLY E 164 -15.95 -22.95 20.53
C GLY E 164 -15.10 -23.58 19.46
N LYS E 165 -15.22 -24.91 19.36
CA LYS E 165 -14.48 -25.67 18.38
C LYS E 165 -15.08 -25.49 16.99
N ALA E 166 -14.35 -25.91 15.97
CA ALA E 166 -14.79 -25.78 14.60
C ALA E 166 -15.90 -26.79 14.30
N SER E 167 -16.70 -26.46 13.29
CA SER E 167 -17.83 -27.27 12.87
C SER E 167 -17.52 -27.85 11.49
N THR E 168 -17.69 -29.15 11.34
CA THR E 168 -17.28 -29.87 10.14
C THR E 168 -18.47 -30.53 9.47
N HIS E 169 -18.30 -30.86 8.19
CA HIS E 169 -19.39 -31.38 7.37
C HIS E 169 -18.79 -32.02 6.13
N ILE E 170 -19.39 -33.11 5.67
CA ILE E 170 -19.00 -33.77 4.43
C ILE E 170 -20.27 -33.99 3.60
N SER E 171 -20.30 -33.42 2.40
CA SER E 171 -21.46 -33.48 1.53
C SER E 171 -21.04 -33.93 0.13
N ASP E 172 -22.00 -34.01 -0.77
CA ASP E 172 -21.78 -34.44 -2.15
C ASP E 172 -22.32 -33.35 -3.08
N ILE E 173 -21.43 -32.55 -3.65
CA ILE E 173 -21.83 -31.49 -4.56
C ILE E 173 -22.00 -32.07 -5.96
N ARG E 174 -23.11 -31.71 -6.61
CA ARG E 174 -23.43 -32.18 -7.94
C ARG E 174 -23.22 -31.06 -8.95
N TYR E 175 -22.51 -31.37 -10.03
CA TYR E 175 -22.21 -30.40 -11.09
C TYR E 175 -23.00 -30.79 -12.33
N ASP E 176 -23.87 -29.89 -12.78
CA ASP E 176 -24.76 -30.19 -13.88
C ASP E 176 -24.12 -30.02 -15.25
N HIS E 177 -22.93 -29.42 -15.34
CA HIS E 177 -22.32 -29.25 -16.65
C HIS E 177 -21.61 -30.51 -17.13
N LEU E 178 -21.45 -31.50 -16.27
CA LEU E 178 -20.75 -32.74 -16.61
C LEU E 178 -21.68 -33.81 -17.17
N SER E 179 -22.97 -33.50 -17.34
CA SER E 179 -23.91 -34.49 -17.84
C SER E 179 -23.68 -34.82 -19.31
N SER E 180 -23.04 -33.91 -20.06
CA SER E 180 -22.80 -34.17 -21.48
C SER E 180 -21.67 -35.17 -21.71
N VAL E 181 -20.62 -35.12 -20.89
CA VAL E 181 -19.43 -35.93 -21.13
C VAL E 181 -19.24 -37.03 -20.09
N GLN E 182 -19.80 -36.90 -18.90
CA GLN E 182 -19.63 -37.92 -17.86
C GLN E 182 -21.00 -38.27 -17.32
N PRO E 183 -21.74 -39.16 -18.00
CA PRO E 183 -23.07 -39.53 -17.52
C PRO E 183 -23.00 -40.38 -16.26
N ASN E 184 -23.95 -40.10 -15.35
CA ASN E 184 -24.18 -40.82 -14.09
C ASN E 184 -23.03 -40.71 -13.09
N GLN E 185 -22.00 -39.92 -13.41
CA GLN E 185 -20.88 -39.70 -12.49
C GLN E 185 -20.47 -38.22 -12.54
N ASN E 186 -21.13 -37.43 -11.71
CA ASN E 186 -20.84 -36.00 -11.63
C ASN E 186 -20.95 -35.46 -10.21
N GLU E 187 -21.01 -36.32 -9.20
CA GLU E 187 -21.06 -35.89 -7.81
C GLU E 187 -19.66 -35.92 -7.24
N PHE E 188 -19.27 -34.83 -6.58
CA PHE E 188 -17.95 -34.68 -5.99
C PHE E 188 -18.10 -34.56 -4.49
N SER E 189 -17.17 -35.16 -3.75
CA SER E 189 -17.24 -35.15 -2.30
C SER E 189 -16.58 -33.88 -1.77
N ARG E 190 -17.30 -33.10 -0.97
CA ARG E 190 -16.80 -31.83 -0.49
C ARG E 190 -16.81 -31.80 1.04
N ILE E 191 -15.74 -31.24 1.60
CA ILE E 191 -15.60 -31.04 3.03
C ILE E 191 -15.76 -29.55 3.31
N THR E 192 -16.60 -29.21 4.28
CA THR E 192 -16.78 -27.83 4.72
C THR E 192 -16.41 -27.70 6.19
N VAL E 193 -15.67 -26.64 6.51
CA VAL E 193 -15.21 -26.36 7.87
C VAL E 193 -15.60 -24.93 8.22
N ARG E 194 -16.36 -24.76 9.30
CA ARG E 194 -16.83 -23.44 9.72
C ARG E 194 -16.30 -23.13 11.11
N ILE E 195 -15.82 -21.91 11.29
CA ILE E 195 -15.25 -21.45 12.56
C ILE E 195 -15.93 -20.13 12.90
N ASP E 196 -16.71 -20.11 13.98
CA ASP E 196 -17.44 -18.91 14.37
C ASP E 196 -16.53 -17.97 15.17
N ALA E 197 -16.67 -16.67 14.91
CA ALA E 197 -15.81 -15.68 15.54
C ALA E 197 -16.58 -14.41 15.81
N VAL E 198 -16.25 -13.76 16.92
CA VAL E 198 -16.88 -12.51 17.36
C VAL E 198 -15.80 -11.44 17.47
N ARG E 199 -16.13 -10.22 17.04
CA ARG E 199 -15.15 -9.15 17.01
C ARG E 199 -14.86 -8.63 18.42
N ASN E 200 -13.69 -7.99 18.56
CA ASN E 200 -13.31 -7.28 19.78
C ASN E 200 -13.86 -5.87 19.71
N PRO E 201 -14.96 -5.55 20.40
CA PRO E 201 -15.59 -4.25 20.18
C PRO E 201 -15.09 -3.15 21.12
N SER E 202 -14.04 -3.42 21.90
CA SER E 202 -13.64 -2.49 22.95
C SER E 202 -13.04 -1.22 22.38
N TYR E 203 -12.16 -1.34 21.40
CA TYR E 203 -11.52 -0.19 20.78
C TYR E 203 -12.53 0.74 20.12
N TYR E 204 -13.45 0.18 19.35
CA TYR E 204 -14.46 0.96 18.64
C TYR E 204 -15.50 1.54 19.57
N LEU E 205 -15.73 0.93 20.73
CA LEU E 205 -16.66 1.47 21.70
C LEU E 205 -16.05 2.56 22.56
N TRP E 206 -14.74 2.53 22.78
CA TRP E 206 -14.13 3.58 23.59
C TRP E 206 -13.59 4.74 22.79
N SER E 207 -13.14 4.53 21.56
CA SER E 207 -12.56 5.62 20.78
C SER E 207 -13.52 6.24 19.78
N PHE E 208 -14.59 5.55 19.41
CA PHE E 208 -15.46 6.06 18.36
C PHE E 208 -16.88 6.32 18.82
N ILE E 209 -17.48 5.40 19.57
CA ILE E 209 -18.88 5.56 19.97
C ILE E 209 -19.01 6.62 21.07
N LEU E 210 -18.10 6.64 22.05
CA LEU E 210 -18.30 7.49 23.22
C LEU E 210 -18.02 8.97 22.95
N PRO E 211 -16.89 9.38 22.37
CA PRO E 211 -16.73 10.82 22.10
C PRO E 211 -17.72 11.39 21.10
N LEU E 212 -18.24 10.57 20.18
CA LEU E 212 -19.32 11.05 19.33
C LEU E 212 -20.58 11.33 20.13
N GLY E 213 -20.87 10.48 21.11
CA GLY E 213 -21.99 10.74 22.00
C GLY E 213 -21.77 11.98 22.84
N LEU E 214 -20.53 12.22 23.28
CA LEU E 214 -20.23 13.45 24.02
C LEU E 214 -20.39 14.68 23.15
N ILE E 215 -19.95 14.62 21.88
CA ILE E 215 -20.09 15.74 20.97
C ILE E 215 -21.56 16.04 20.69
N ILE E 216 -22.36 14.99 20.45
CA ILE E 216 -23.78 15.18 20.17
C ILE E 216 -24.51 15.70 21.41
N ALA E 217 -24.14 15.22 22.60
CA ALA E 217 -24.75 15.73 23.83
C ALA E 217 -24.37 17.18 24.09
N ALA E 218 -23.12 17.56 23.83
CA ALA E 218 -22.71 18.95 23.96
C ALA E 218 -23.28 19.85 22.88
N SER E 219 -23.75 19.28 21.77
CA SER E 219 -24.44 20.06 20.75
C SER E 219 -25.75 20.66 21.24
N TRP E 220 -26.44 19.99 22.17
CA TRP E 220 -27.74 20.44 22.61
C TRP E 220 -27.67 21.68 23.49
N SER E 221 -26.49 22.00 24.00
CA SER E 221 -26.33 23.17 24.87
C SER E 221 -25.93 24.42 24.09
N VAL E 222 -26.67 24.70 23.01
CA VAL E 222 -26.59 26.00 22.36
C VAL E 222 -27.84 26.82 22.59
N PHE E 223 -28.89 26.23 23.15
CA PHE E 223 -30.09 26.98 23.50
C PHE E 223 -29.98 27.68 24.84
N TRP E 224 -28.87 27.48 25.55
CA TRP E 224 -28.58 28.28 26.74
C TRP E 224 -27.98 29.63 26.40
N LEU E 225 -27.52 29.80 25.16
CA LEU E 225 -27.01 31.09 24.72
C LEU E 225 -28.14 32.10 24.60
N GLU E 226 -27.84 33.35 24.95
CA GLU E 226 -28.88 34.35 25.08
C GLU E 226 -29.26 34.97 23.73
N SER E 227 -28.26 35.30 22.92
CA SER E 227 -28.49 36.02 21.68
C SER E 227 -28.95 35.06 20.58
N PHE E 228 -28.99 35.55 19.34
CA PHE E 228 -29.32 34.73 18.18
C PHE E 228 -28.14 34.50 17.25
N SER E 229 -27.32 35.52 17.00
CA SER E 229 -26.13 35.33 16.17
C SER E 229 -25.12 34.41 16.84
N GLU E 230 -25.06 34.46 18.17
CA GLU E 230 -24.22 33.53 18.92
C GLU E 230 -24.63 32.09 18.68
N ARG E 231 -25.95 31.84 18.63
CA ARG E 231 -26.46 30.50 18.39
C ARG E 231 -26.07 29.99 17.01
N LEU E 232 -26.18 30.84 15.97
CA LEU E 232 -25.85 30.38 14.62
C LEU E 232 -24.36 30.14 14.46
N GLN E 233 -23.53 31.04 14.98
CA GLN E 233 -22.09 30.85 14.87
C GLN E 233 -21.64 29.60 15.64
N THR E 234 -22.23 29.38 16.81
CA THR E 234 -21.92 28.20 17.60
C THR E 234 -22.38 26.92 16.91
N SER E 235 -23.54 26.95 16.25
CA SER E 235 -24.03 25.78 15.53
C SER E 235 -23.14 25.45 14.34
N PHE E 236 -22.62 26.47 13.65
CA PHE E 236 -21.74 26.19 12.53
C PHE E 236 -20.38 25.66 13.00
N THR E 237 -19.90 26.14 14.14
CA THR E 237 -18.71 25.54 14.74
C THR E 237 -18.92 24.07 15.08
N LEU E 238 -20.10 23.75 15.63
CA LEU E 238 -20.42 22.35 15.91
C LEU E 238 -20.54 21.51 14.63
N MET E 239 -21.05 22.09 13.55
CA MET E 239 -21.12 21.37 12.29
C MET E 239 -19.73 21.05 11.76
N LEU E 240 -18.79 21.99 11.87
CA LEU E 240 -17.41 21.71 11.49
C LEU E 240 -16.80 20.63 12.38
N THR E 241 -17.13 20.64 13.67
CA THR E 241 -16.66 19.59 14.57
C THR E 241 -17.18 18.21 14.16
N VAL E 242 -18.46 18.13 13.79
CA VAL E 242 -19.03 16.85 13.38
C VAL E 242 -18.43 16.38 12.05
N VAL E 243 -18.15 17.30 11.11
CA VAL E 243 -17.49 16.90 9.87
C VAL E 243 -16.08 16.37 10.13
N ALA E 244 -15.33 17.05 11.01
CA ALA E 244 -13.99 16.58 11.35
C ALA E 244 -14.03 15.23 12.06
N TYR E 245 -15.02 15.00 12.92
CA TYR E 245 -15.15 13.69 13.56
C TYR E 245 -15.55 12.62 12.56
N ALA E 246 -16.40 12.96 11.59
CA ALA E 246 -16.79 12.02 10.56
C ALA E 246 -15.59 11.56 9.77
N PHE E 247 -14.71 12.50 9.42
CA PHE E 247 -13.49 12.11 8.73
C PHE E 247 -12.52 11.36 9.62
N TYR E 248 -12.46 11.70 10.90
CA TYR E 248 -11.57 10.99 11.82
C TYR E 248 -11.96 9.53 11.94
N THR E 249 -13.25 9.24 12.05
CA THR E 249 -13.66 7.84 12.03
C THR E 249 -13.46 7.21 10.67
N SER E 250 -13.88 7.89 9.60
CA SER E 250 -13.89 7.26 8.28
C SER E 250 -12.50 7.03 7.70
N ASN E 251 -11.44 7.58 8.29
CA ASN E 251 -10.13 7.16 7.84
C ASN E 251 -9.75 5.84 8.53
N ILE E 252 -9.86 5.81 9.85
CA ILE E 252 -9.48 4.63 10.65
C ILE E 252 -10.44 3.43 10.63
N LEU E 253 -11.32 3.34 9.64
CA LEU E 253 -12.26 2.21 9.60
C LEU E 253 -12.23 1.51 8.25
N PRO E 254 -12.62 0.22 8.24
CA PRO E 254 -12.64 -0.65 7.06
C PRO E 254 -13.59 -0.14 5.99
N ARG E 255 -13.19 -0.19 4.74
CA ARG E 255 -14.06 0.29 3.67
C ARG E 255 -15.16 -0.71 3.40
N LEU E 256 -16.38 -0.21 3.27
CA LEU E 256 -17.56 -1.05 3.10
C LEU E 256 -18.50 -0.40 2.11
N PRO E 257 -19.32 -1.19 1.42
CA PRO E 257 -20.33 -0.62 0.52
C PRO E 257 -21.67 -0.29 1.16
N TYR E 258 -21.74 -0.20 2.49
CA TYR E 258 -22.98 0.11 3.19
C TYR E 258 -22.66 0.77 4.52
N THR E 259 -23.68 1.38 5.11
CA THR E 259 -23.49 2.15 6.35
C THR E 259 -23.59 1.24 7.56
N THR E 260 -22.56 1.31 8.41
CA THR E 260 -22.48 0.55 9.64
C THR E 260 -23.13 1.34 10.78
N VAL E 261 -22.91 0.89 12.02
CA VAL E 261 -23.48 1.58 13.17
C VAL E 261 -22.86 2.97 13.34
N ILE E 262 -21.53 3.03 13.28
CA ILE E 262 -20.82 4.29 13.45
C ILE E 262 -21.26 5.28 12.39
N ASP E 263 -21.48 4.79 11.18
CA ASP E 263 -21.96 5.62 10.09
C ASP E 263 -23.36 6.12 10.38
N GLN E 264 -24.19 5.29 10.99
CA GLN E 264 -25.54 5.67 11.35
C GLN E 264 -25.49 6.78 12.40
N MET E 265 -24.52 6.73 13.28
CA MET E 265 -24.40 7.74 14.32
C MET E 265 -23.86 9.06 13.77
N ILE E 266 -23.00 9.02 12.76
CA ILE E 266 -22.52 10.25 12.14
C ILE E 266 -23.67 11.00 11.46
N ILE E 267 -24.53 10.27 10.74
CA ILE E 267 -25.70 10.88 10.12
C ILE E 267 -26.68 11.39 11.17
N ALA E 268 -26.79 10.68 12.30
CA ALA E 268 -27.60 11.19 13.41
C ALA E 268 -27.02 12.49 13.95
N GLY E 269 -25.70 12.62 14.00
CA GLY E 269 -25.09 13.87 14.42
C GLY E 269 -25.35 15.01 13.45
N TYR E 270 -25.25 14.74 12.15
CA TYR E 270 -25.60 15.75 11.15
C TYR E 270 -27.05 16.17 11.27
N GLY E 271 -27.95 15.21 11.47
CA GLY E 271 -29.36 15.53 11.64
C GLY E 271 -29.62 16.32 12.90
N SER E 272 -28.90 16.03 13.98
CA SER E 272 -29.04 16.81 15.21
C SER E 272 -28.58 18.25 15.02
N ILE E 273 -27.47 18.45 14.31
CA ILE E 273 -26.99 19.81 14.06
C ILE E 273 -28.00 20.58 13.19
N PHE E 274 -28.51 19.93 12.14
CA PHE E 274 -29.44 20.62 11.25
C PHE E 274 -30.78 20.89 11.94
N ALA E 275 -31.25 19.96 12.78
CA ALA E 275 -32.45 20.22 13.55
C ALA E 275 -32.25 21.35 14.54
N ALA E 276 -31.07 21.44 15.17
CA ALA E 276 -30.79 22.55 16.07
C ALA E 276 -30.82 23.87 15.33
N ILE E 277 -30.22 23.92 14.13
CA ILE E 277 -30.24 25.15 13.33
C ILE E 277 -31.67 25.51 12.94
N LEU E 278 -32.48 24.52 12.56
CA LEU E 278 -33.86 24.78 12.18
C LEU E 278 -34.68 25.32 13.35
N LEU E 279 -34.51 24.76 14.54
CA LEU E 279 -35.20 25.29 15.72
C LEU E 279 -34.73 26.68 16.11
N ILE E 280 -33.43 26.98 15.99
CA ILE E 280 -32.95 28.34 16.25
C ILE E 280 -33.57 29.33 15.28
N ILE E 281 -33.64 28.96 14.00
CA ILE E 281 -34.24 29.85 13.01
C ILE E 281 -35.73 30.05 13.28
N PHE E 282 -36.44 28.96 13.59
CA PHE E 282 -37.89 29.07 13.81
C PHE E 282 -38.22 29.81 15.09
N ALA E 283 -37.34 29.71 16.10
CA ALA E 283 -37.54 30.52 17.30
C ALA E 283 -37.18 31.98 17.05
N HIS E 284 -36.21 32.24 16.17
CA HIS E 284 -35.92 33.61 15.80
C HIS E 284 -37.03 34.21 14.94
N HIS E 285 -37.58 33.43 14.01
CA HIS E 285 -38.51 33.96 13.03
C HIS E 285 -39.88 34.26 13.60
N ARG E 286 -40.19 33.79 14.81
CA ARG E 286 -41.50 34.01 15.43
C ARG E 286 -41.54 35.44 15.96
N GLN E 287 -41.74 36.39 15.04
CA GLN E 287 -41.83 37.81 15.34
C GLN E 287 -43.03 38.41 14.63
N ALA E 288 -43.60 39.47 15.22
CA ALA E 288 -44.70 40.18 14.58
C ALA E 288 -44.21 40.94 13.35
N ASN E 289 -43.13 41.71 13.50
CA ASN E 289 -42.54 42.44 12.39
C ASN E 289 -41.03 42.37 12.34
N GLY E 290 -40.37 41.85 13.38
CA GLY E 290 -38.92 41.75 13.36
C GLY E 290 -38.26 42.07 14.69
N VAL E 291 -39.06 42.48 15.67
CA VAL E 291 -38.52 42.88 16.97
C VAL E 291 -39.06 42.06 18.13
N GLU E 292 -40.13 41.28 17.93
CA GLU E 292 -40.74 40.53 19.02
C GLU E 292 -39.93 39.28 19.32
N ASP E 293 -39.45 39.17 20.56
CA ASP E 293 -38.61 38.05 20.96
C ASP E 293 -39.47 36.81 21.20
N ASP E 294 -38.81 35.71 21.55
CA ASP E 294 -39.50 34.45 21.77
C ASP E 294 -38.86 33.68 22.91
N LEU E 295 -39.70 33.01 23.70
CA LEU E 295 -39.24 32.07 24.72
C LEU E 295 -40.04 30.77 24.75
N LEU E 296 -41.23 30.71 24.14
CA LEU E 296 -42.09 29.54 24.23
C LEU E 296 -41.49 28.35 23.47
N ILE E 297 -40.95 28.59 22.28
CA ILE E 297 -40.31 27.53 21.51
C ILE E 297 -39.02 27.06 22.16
N GLN E 298 -38.35 27.93 22.92
CA GLN E 298 -37.07 27.59 23.55
C GLN E 298 -37.24 26.85 24.87
N ARG E 299 -38.37 26.18 25.09
CA ARG E 299 -38.50 25.22 26.17
C ARG E 299 -37.95 23.86 25.77
N CYS E 300 -37.44 23.71 24.55
CA CYS E 300 -36.86 22.48 24.05
C CYS E 300 -35.40 22.30 24.47
N ARG E 301 -34.94 23.03 25.49
CA ARG E 301 -33.66 22.74 26.10
C ARG E 301 -33.67 21.43 26.87
N LEU E 302 -34.86 20.96 27.28
CA LEU E 302 -35.02 19.67 27.94
C LEU E 302 -35.93 18.71 27.20
N ALA E 303 -36.50 19.10 26.06
CA ALA E 303 -37.40 18.26 25.30
C ALA E 303 -36.81 17.75 24.00
N PHE E 304 -36.12 18.61 23.25
CA PHE E 304 -35.46 18.17 22.02
C PHE E 304 -34.35 17.13 22.24
N PRO E 305 -33.47 17.22 23.27
CA PRO E 305 -32.57 16.07 23.53
C PRO E 305 -33.30 14.77 23.82
N LEU E 306 -34.40 14.83 24.58
CA LEU E 306 -35.16 13.62 24.87
C LEU E 306 -35.85 13.06 23.63
N GLY E 307 -36.36 13.94 22.77
CA GLY E 307 -36.96 13.49 21.52
C GLY E 307 -35.95 12.85 20.58
N PHE E 308 -34.75 13.43 20.50
CA PHE E 308 -33.70 12.83 19.68
C PHE E 308 -33.24 11.49 20.25
N LEU E 309 -33.14 11.38 21.58
CA LEU E 309 -32.79 10.11 22.20
C LEU E 309 -33.87 9.05 21.96
N ALA E 310 -35.14 9.45 21.99
CA ALA E 310 -36.22 8.53 21.68
C ALA E 310 -36.17 8.06 20.23
N ILE E 311 -35.87 8.99 19.32
CA ILE E 311 -35.71 8.63 17.90
C ILE E 311 -34.57 7.62 17.72
N GLY E 312 -33.44 7.87 18.39
CA GLY E 312 -32.32 6.94 18.31
C GLY E 312 -32.63 5.58 18.91
N CYS E 313 -33.37 5.56 20.01
CA CYS E 313 -33.75 4.28 20.63
C CYS E 313 -34.73 3.51 19.76
N VAL E 314 -35.63 4.22 19.05
CA VAL E 314 -36.48 3.57 18.07
C VAL E 314 -35.64 2.99 16.93
N LEU E 315 -34.65 3.75 16.46
CA LEU E 315 -33.81 3.30 15.35
C LEU E 315 -32.91 2.13 15.73
N VAL E 316 -32.52 2.01 16.99
CA VAL E 316 -31.73 0.85 17.41
C VAL E 316 -32.57 -0.42 17.36
N ILE E 317 -33.79 -0.36 17.90
CA ILE E 317 -34.70 -1.50 17.90
C ILE E 317 -35.20 -1.78 16.48
#